data_3PQD
#
_entry.id   3PQD
#
_cell.length_a   171.041
_cell.length_b   171.041
_cell.length_c   96.272
_cell.angle_alpha   90.00
_cell.angle_beta   90.00
_cell.angle_gamma   120.00
#
_symmetry.space_group_name_H-M   'P 31'
#
loop_
_entity.id
_entity.type
_entity.pdbx_description
1 polymer 'L-lactate dehydrogenase'
2 non-polymer 1,6-di-O-phosphono-beta-D-fructofuranose
3 non-polymer NICOTINAMIDE-ADENINE-DINUCLEOTIDE
4 water water
#
_entity_poly.entity_id   1
_entity_poly.type   'polypeptide(L)'
_entity_poly.pdbx_seq_one_letter_code
;MNKHVNKVALIGAGFVGSSYAFALINQGITDELVVIDVNKEKAMGDVMDLNHGKAFAPQPVKTSYGTYEDCKDADIVCIC
AGANQKPGETRLELVEKNLKIFKGIVSEVMASGFDGIFLVATNPVDILTYATWKFSGLPKERVIGSGTTLDSARFRFMLS
EYFGAAPQNVHAHIIGEHGDTELPVWSHANVGGVPVSELVEKNDAYKQEELDQIVDDVKNAAYHIIEKKGATYYGVAMSL
ARITKAILHNENSILTVSTYLDGQYGADDVYIGVPAVVNRGGIAGITELNLNEKEKEQFLHSAGVLKNILKPHFAEQKVN
HHHHHH
;
_entity_poly.pdbx_strand_id   A,B,C,D,E,F,G,H
#
# COMPACT_ATOMS: atom_id res chain seq x y z
N LYS A 3 32.87 36.08 22.85
CA LYS A 3 33.00 37.08 23.89
C LYS A 3 31.85 37.02 24.90
N HIS A 4 30.63 37.04 24.39
CA HIS A 4 29.43 37.02 25.23
C HIS A 4 29.00 35.61 25.63
N VAL A 5 29.70 34.60 25.14
CA VAL A 5 29.21 33.23 25.29
C VAL A 5 30.13 32.19 25.98
N ASN A 6 29.51 31.39 26.84
CA ASN A 6 30.14 30.31 27.60
C ASN A 6 31.38 29.70 26.99
N LYS A 7 32.52 29.88 27.67
CA LYS A 7 33.78 29.37 27.16
C LYS A 7 34.56 28.58 28.19
N VAL A 8 34.97 27.39 27.80
CA VAL A 8 35.74 26.53 28.67
C VAL A 8 37.17 26.46 28.18
N ALA A 9 38.11 26.80 29.06
CA ALA A 9 39.52 26.55 28.80
C ALA A 9 39.92 25.24 29.46
N LEU A 10 40.37 24.29 28.65
CA LEU A 10 40.94 23.05 29.16
C LEU A 10 42.45 23.14 29.11
N ILE A 11 43.09 22.75 30.21
CA ILE A 11 44.55 22.69 30.29
C ILE A 11 45.04 21.28 30.59
N GLY A 12 45.76 20.69 29.64
CA GLY A 12 46.18 19.30 29.76
C GLY A 12 45.32 18.36 28.96
N ALA A 13 45.77 18.04 27.74
CA ALA A 13 45.04 17.15 26.84
C ALA A 13 45.62 15.74 26.80
N GLY A 14 45.81 15.14 27.97
CA GLY A 14 46.19 13.74 28.05
C GLY A 14 44.97 12.91 27.73
N PHE A 15 44.79 11.80 28.45
CA PHE A 15 43.58 11.01 28.29
C PHE A 15 42.40 11.72 28.97
N VAL A 16 42.61 12.13 30.22
CA VAL A 16 41.57 12.73 31.06
C VAL A 16 40.89 13.94 30.44
N GLY A 17 41.68 14.96 30.13
CA GLY A 17 41.15 16.19 29.58
C GLY A 17 40.50 15.98 28.23
N SER A 18 41.03 15.06 27.44
CA SER A 18 40.53 14.87 26.09
C SER A 18 39.18 14.17 26.08
N SER A 19 38.98 13.26 27.04
CA SER A 19 37.69 12.65 27.21
C SER A 19 36.72 13.71 27.68
N TYR A 20 37.17 14.53 28.61
CA TYR A 20 36.34 15.60 29.14
C TYR A 20 35.95 16.56 28.02
N ALA A 21 36.86 16.79 27.08
CA ALA A 21 36.54 17.65 25.95
C ALA A 21 35.56 16.96 25.01
N PHE A 22 35.62 15.63 24.96
CA PHE A 22 34.77 14.85 24.07
C PHE A 22 33.36 14.74 24.64
N ALA A 23 33.27 14.43 25.93
CA ALA A 23 32.01 14.42 26.64
C ALA A 23 31.30 15.73 26.40
N LEU A 24 32.01 16.83 26.64
CA LEU A 24 31.46 18.15 26.35
C LEU A 24 31.00 18.21 24.90
N ILE A 25 31.83 17.71 23.98
CA ILE A 25 31.52 17.74 22.55
C ILE A 25 30.19 17.03 22.23
N ASN A 26 29.82 16.11 23.12
CA ASN A 26 28.65 15.26 22.93
C ASN A 26 27.39 15.76 23.66
N GLN A 27 27.57 16.25 24.89
CA GLN A 27 26.49 16.76 25.72
C GLN A 27 26.08 18.22 25.44
N GLY A 28 27.02 19.04 24.98
CA GLY A 28 26.77 20.45 24.71
C GLY A 28 26.57 21.38 25.91
N ILE A 29 27.47 21.28 26.87
CA ILE A 29 27.41 22.10 28.07
C ILE A 29 27.85 23.55 27.80
N THR A 30 28.79 23.71 26.88
CA THR A 30 29.41 25.00 26.64
C THR A 30 29.36 25.31 25.17
N ASP A 31 29.40 26.61 24.83
CA ASP A 31 29.38 27.07 23.44
C ASP A 31 30.76 27.08 22.81
N GLU A 32 31.79 27.10 23.67
CA GLU A 32 33.16 27.23 23.20
C GLU A 32 34.16 26.57 24.15
N LEU A 33 35.16 25.96 23.54
CA LEU A 33 36.14 25.16 24.26
C LEU A 33 37.52 25.45 23.69
N VAL A 34 38.45 25.77 24.55
CA VAL A 34 39.81 26.09 24.15
C VAL A 34 40.69 25.02 24.77
N VAL A 35 41.52 24.38 23.95
CA VAL A 35 42.40 23.34 24.45
C VAL A 35 43.85 23.80 24.43
N ILE A 36 44.44 23.90 25.62
CA ILE A 36 45.84 24.30 25.77
C ILE A 36 46.64 23.16 26.41
N ASP A 37 47.82 22.90 25.86
CA ASP A 37 48.75 21.98 26.51
C ASP A 37 50.16 22.20 25.95
N VAL A 38 51.13 22.27 26.86
CA VAL A 38 52.51 22.58 26.51
C VAL A 38 53.00 21.80 25.30
N ASN A 39 52.54 20.56 25.18
CA ASN A 39 52.79 19.76 23.98
C ASN A 39 51.83 20.16 22.86
N LYS A 40 52.18 21.20 22.12
CA LYS A 40 51.30 21.76 21.11
C LYS A 40 50.76 20.68 20.16
N GLU A 41 51.62 19.75 19.77
CA GLU A 41 51.26 18.69 18.82
C GLU A 41 49.94 18.02 19.16
N LYS A 42 49.86 17.49 20.37
CA LYS A 42 48.73 16.69 20.82
C LYS A 42 47.46 17.52 20.97
N ALA A 43 47.62 18.78 21.39
CA ALA A 43 46.48 19.67 21.57
C ALA A 43 45.85 20.02 20.22
N MET A 44 46.64 20.59 19.32
CA MET A 44 46.11 20.95 18.01
C MET A 44 45.74 19.71 17.22
N GLY A 45 46.32 18.58 17.58
CA GLY A 45 45.96 17.31 16.98
C GLY A 45 44.59 16.87 17.45
N ASP A 46 44.27 17.25 18.67
CA ASP A 46 42.99 16.91 19.26
C ASP A 46 41.88 17.87 18.83
N VAL A 47 42.21 19.15 18.66
CA VAL A 47 41.25 20.11 18.14
C VAL A 47 40.70 19.63 16.80
N MET A 48 41.60 19.30 15.87
CA MET A 48 41.21 18.79 14.55
C MET A 48 40.23 17.62 14.64
N ASP A 49 40.54 16.65 15.50
CA ASP A 49 39.76 15.41 15.58
C ASP A 49 38.35 15.64 16.16
N LEU A 50 38.26 16.48 17.19
CA LEU A 50 36.96 16.83 17.77
C LEU A 50 36.12 17.63 16.79
N ASN A 51 36.72 18.71 16.27
CA ASN A 51 36.09 19.64 15.33
C ASN A 51 35.50 18.99 14.08
N HIS A 52 36.02 17.82 13.72
CA HIS A 52 35.56 17.13 12.53
C HIS A 52 34.25 16.39 12.79
N GLY A 53 33.97 16.15 14.07
CA GLY A 53 32.70 15.55 14.44
C GLY A 53 31.60 16.59 14.45
N LYS A 54 31.99 17.85 14.38
CA LYS A 54 31.07 18.96 14.55
C LYS A 54 29.75 18.73 13.80
N ALA A 55 29.85 18.53 12.49
CA ALA A 55 28.70 18.37 11.60
C ALA A 55 27.68 17.31 12.07
N PHE A 56 28.10 16.39 12.92
CA PHE A 56 27.18 15.37 13.42
C PHE A 56 26.88 15.49 14.91
N ALA A 57 27.43 16.51 15.54
CA ALA A 57 27.13 16.81 16.94
C ALA A 57 25.79 17.54 17.06
N PRO A 58 25.05 17.27 18.14
CA PRO A 58 23.77 17.93 18.36
C PRO A 58 23.97 19.37 18.86
N GLN A 59 24.59 19.50 20.02
CA GLN A 59 24.83 20.80 20.65
C GLN A 59 26.13 21.41 20.17
N PRO A 60 26.02 22.55 19.47
CA PRO A 60 27.10 23.20 18.70
C PRO A 60 28.25 23.71 19.55
N VAL A 61 29.48 23.28 19.27
CA VAL A 61 30.67 23.78 19.98
C VAL A 61 31.80 24.19 19.04
N LYS A 62 32.26 25.43 19.17
CA LYS A 62 33.48 25.86 18.49
C LYS A 62 34.69 25.47 19.37
N THR A 63 35.51 24.55 18.85
CA THR A 63 36.68 24.06 19.55
C THR A 63 37.96 24.49 18.82
N SER A 64 38.82 25.25 19.48
CA SER A 64 40.06 25.68 18.81
C SER A 64 41.32 25.31 19.57
N TYR A 65 42.47 25.69 19.01
CA TYR A 65 43.73 25.64 19.74
C TYR A 65 44.00 27.01 20.33
N GLY A 66 44.70 27.05 21.46
CA GLY A 66 44.98 28.32 22.11
C GLY A 66 46.09 28.23 23.14
N THR A 67 46.55 29.39 23.62
CA THR A 67 47.54 29.48 24.68
C THR A 67 46.94 30.05 25.94
N TYR A 68 47.78 30.26 26.95
CA TYR A 68 47.34 30.80 28.22
C TYR A 68 46.63 32.13 28.09
N GLU A 69 47.08 32.97 27.15
CA GLU A 69 46.47 34.28 26.95
C GLU A 69 44.98 34.18 26.59
N ASP A 70 44.61 33.09 25.94
CA ASP A 70 43.21 32.84 25.56
C ASP A 70 42.31 32.54 26.75
N CYS A 71 42.89 32.41 27.95
CA CYS A 71 42.12 32.22 29.18
C CYS A 71 41.54 33.54 29.66
N LYS A 72 41.79 34.60 28.92
CA LYS A 72 41.35 35.94 29.34
C LYS A 72 39.87 35.96 29.71
N ASP A 73 39.01 35.68 28.73
CA ASP A 73 37.57 35.67 28.98
C ASP A 73 36.97 34.27 29.14
N ALA A 74 37.82 33.30 29.47
CA ALA A 74 37.30 31.98 29.83
C ALA A 74 36.37 32.15 31.03
N ASP A 75 35.22 31.52 30.95
CA ASP A 75 34.31 31.49 32.08
C ASP A 75 34.82 30.43 33.07
N ILE A 76 35.42 29.38 32.52
CA ILE A 76 36.03 28.35 33.35
C ILE A 76 37.38 27.90 32.82
N VAL A 77 38.33 27.72 33.75
CA VAL A 77 39.56 26.98 33.44
C VAL A 77 39.51 25.63 34.12
N CYS A 78 39.63 24.57 33.33
CA CYS A 78 39.75 23.23 33.88
C CYS A 78 41.17 22.71 33.71
N ILE A 79 41.84 22.50 34.84
CA ILE A 79 43.19 21.95 34.86
C ILE A 79 43.19 20.44 35.04
N CYS A 80 43.62 19.73 33.99
CA CYS A 80 43.83 18.28 34.04
C CYS A 80 45.29 17.90 33.83
N ALA A 81 46.21 18.86 33.87
CA ALA A 81 47.61 18.59 33.55
C ALA A 81 48.44 18.15 34.76
N GLY A 82 49.56 17.49 34.49
CA GLY A 82 50.49 17.10 35.54
C GLY A 82 50.79 15.63 35.60
N ALA A 83 51.91 15.29 36.22
CA ALA A 83 52.42 13.92 36.30
C ALA A 83 51.45 12.88 36.88
N ASN A 84 51.67 11.62 36.52
CA ASN A 84 51.02 10.47 37.15
C ASN A 84 51.85 9.90 38.31
N GLN A 85 51.20 9.32 39.31
CA GLN A 85 51.93 8.73 40.43
C GLN A 85 52.64 7.43 40.03
N LYS A 86 53.93 7.54 39.71
CA LYS A 86 54.73 6.36 39.37
C LYS A 86 54.70 5.32 40.50
N PRO A 87 54.69 4.03 40.12
CA PRO A 87 54.48 2.89 41.03
C PRO A 87 55.35 2.89 42.28
N GLY A 88 56.49 3.57 42.25
CA GLY A 88 57.35 3.66 43.41
C GLY A 88 56.99 4.77 44.40
N GLU A 89 56.94 6.01 43.91
CA GLU A 89 56.90 7.21 44.75
C GLU A 89 55.70 7.32 45.70
N THR A 90 55.78 8.28 46.63
CA THR A 90 54.69 8.57 47.55
C THR A 90 53.82 9.70 47.03
N ARG A 91 52.78 10.05 47.78
CA ARG A 91 51.88 11.15 47.42
C ARG A 91 52.55 12.50 47.65
N LEU A 92 53.17 12.66 48.81
CA LEU A 92 53.89 13.90 49.13
C LEU A 92 54.91 14.18 48.05
N GLU A 93 55.51 13.11 47.54
CA GLU A 93 56.46 13.22 46.45
C GLU A 93 55.79 13.75 45.18
N LEU A 94 54.74 13.06 44.72
CA LEU A 94 54.01 13.47 43.54
C LEU A 94 53.54 14.92 43.70
N VAL A 95 52.98 15.21 44.88
CA VAL A 95 52.53 16.55 45.21
C VAL A 95 53.61 17.60 44.95
N GLU A 96 54.80 17.36 45.45
CA GLU A 96 55.91 18.26 45.17
C GLU A 96 55.96 18.54 43.66
N LYS A 97 56.05 17.48 42.86
CA LYS A 97 56.17 17.59 41.40
C LYS A 97 54.96 18.26 40.72
N ASN A 98 53.75 17.91 41.15
CA ASN A 98 52.54 18.54 40.62
C ASN A 98 52.36 19.98 41.10
N LEU A 99 52.93 20.32 42.25
CA LEU A 99 52.87 21.69 42.77
C LEU A 99 53.71 22.70 41.97
N LYS A 100 54.68 22.22 41.19
CA LYS A 100 55.49 23.13 40.40
C LYS A 100 54.90 23.28 39.00
N ILE A 101 54.04 22.33 38.66
CA ILE A 101 53.28 22.39 37.43
C ILE A 101 52.22 23.47 37.62
N PHE A 102 51.31 23.22 38.56
CA PHE A 102 50.31 24.18 38.99
C PHE A 102 50.90 25.56 39.30
N LYS A 103 52.16 25.61 39.70
CA LYS A 103 52.80 26.90 39.95
C LYS A 103 52.92 27.67 38.65
N GLY A 104 53.50 27.03 37.64
CA GLY A 104 53.70 27.70 36.37
C GLY A 104 52.37 28.05 35.74
N ILE A 105 51.47 27.07 35.70
CA ILE A 105 50.17 27.19 35.06
C ILE A 105 49.34 28.38 35.57
N VAL A 106 49.03 28.36 36.86
CA VAL A 106 48.18 29.38 37.47
C VAL A 106 48.69 30.80 37.24
N SER A 107 50.01 30.99 37.32
CA SER A 107 50.60 32.31 37.11
C SER A 107 50.24 32.80 35.73
N GLU A 108 50.47 31.96 34.73
CA GLU A 108 50.08 32.31 33.37
C GLU A 108 48.57 32.54 33.26
N VAL A 109 47.76 31.58 33.73
CA VAL A 109 46.30 31.75 33.68
C VAL A 109 45.93 33.15 34.17
N MET A 110 46.39 33.49 35.38
CA MET A 110 46.13 34.80 35.97
C MET A 110 46.72 35.97 35.17
N ALA A 111 47.91 35.77 34.61
CA ALA A 111 48.55 36.83 33.83
C ALA A 111 47.78 37.15 32.54
N SER A 112 46.92 36.24 32.09
CA SER A 112 46.13 36.48 30.88
C SER A 112 44.98 37.48 31.11
N GLY A 113 44.49 37.55 32.35
CA GLY A 113 43.41 38.44 32.71
C GLY A 113 42.20 37.68 33.21
N PHE A 114 42.35 36.36 33.30
CA PHE A 114 41.27 35.43 33.63
C PHE A 114 40.55 35.76 34.94
N ASP A 115 39.23 35.76 34.88
CA ASP A 115 38.41 36.18 36.01
C ASP A 115 37.23 35.22 36.20
N GLY A 116 37.50 33.92 36.16
CA GLY A 116 36.44 32.95 36.21
C GLY A 116 36.53 31.99 37.37
N ILE A 117 36.38 30.71 37.02
CA ILE A 117 36.33 29.64 38.00
C ILE A 117 37.27 28.54 37.53
N PHE A 118 37.96 27.95 38.50
CA PHE A 118 38.91 26.88 38.27
C PHE A 118 38.30 25.52 38.58
N LEU A 119 38.65 24.54 37.76
CA LEU A 119 38.10 23.21 37.85
C LEU A 119 39.24 22.20 37.71
N VAL A 120 39.53 21.52 38.82
CA VAL A 120 40.78 20.78 38.94
C VAL A 120 40.58 19.28 38.86
N ALA A 121 41.31 18.65 37.96
CA ALA A 121 41.32 17.20 37.88
C ALA A 121 42.60 16.56 38.43
N THR A 122 43.73 17.25 38.34
CA THR A 122 45.02 16.65 38.69
C THR A 122 45.02 16.00 40.08
N ASN A 123 45.66 14.84 40.18
CA ASN A 123 45.65 14.04 41.41
C ASN A 123 46.91 14.19 42.25
N PRO A 124 46.77 14.23 43.59
CA PRO A 124 45.55 14.18 44.42
C PRO A 124 44.78 15.50 44.39
N VAL A 125 43.52 15.43 44.01
CA VAL A 125 42.82 16.62 43.54
C VAL A 125 42.48 17.60 44.68
N ASP A 126 42.22 17.06 45.87
CA ASP A 126 41.96 17.91 47.03
C ASP A 126 43.13 18.87 47.27
N ILE A 127 44.31 18.31 47.50
CA ILE A 127 45.52 19.10 47.77
C ILE A 127 45.80 20.11 46.67
N LEU A 128 45.64 19.67 45.43
CA LEU A 128 45.88 20.52 44.26
C LEU A 128 44.81 21.59 44.03
N THR A 129 43.65 21.45 44.68
CA THR A 129 42.60 22.47 44.64
C THR A 129 42.94 23.53 45.66
N TYR A 130 43.44 23.06 46.80
CA TYR A 130 43.92 23.95 47.84
C TYR A 130 44.99 24.89 47.25
N ALA A 131 45.91 24.33 46.47
CA ALA A 131 47.02 25.07 45.88
C ALA A 131 46.63 26.00 44.72
N THR A 132 45.57 25.66 44.00
CA THR A 132 45.08 26.61 43.00
C THR A 132 44.50 27.84 43.70
N TRP A 133 43.76 27.63 44.79
CA TRP A 133 43.21 28.73 45.60
C TRP A 133 44.30 29.71 46.08
N LYS A 134 45.36 29.15 46.67
CA LYS A 134 46.44 29.97 47.23
C LYS A 134 47.26 30.63 46.12
N PHE A 135 47.73 29.84 45.16
CA PHE A 135 48.47 30.40 44.04
C PHE A 135 47.73 31.52 43.32
N SER A 136 46.45 31.30 43.03
CA SER A 136 45.70 32.22 42.18
C SER A 136 45.35 33.56 42.84
N GLY A 137 45.10 33.52 44.14
CA GLY A 137 44.59 34.69 44.85
C GLY A 137 43.06 34.64 45.06
N LEU A 138 42.39 33.88 44.20
CA LEU A 138 40.93 33.86 44.14
C LEU A 138 40.23 33.40 45.43
N PRO A 139 38.93 33.71 45.56
CA PRO A 139 38.13 33.20 46.69
C PRO A 139 37.93 31.69 46.60
N LYS A 140 37.86 31.05 47.77
CA LYS A 140 37.63 29.62 47.93
C LYS A 140 36.32 29.12 47.28
N GLU A 141 35.43 30.04 46.96
CA GLU A 141 34.16 29.75 46.32
C GLU A 141 34.34 29.52 44.82
N ARG A 142 35.37 30.14 44.25
CA ARG A 142 35.61 30.04 42.81
C ARG A 142 36.64 28.97 42.42
N VAL A 143 37.14 28.20 43.38
CA VAL A 143 38.07 27.13 43.09
C VAL A 143 37.50 25.78 43.51
N ILE A 144 37.31 24.90 42.53
CA ILE A 144 36.61 23.63 42.75
C ILE A 144 37.38 22.48 42.13
N GLY A 145 37.34 21.34 42.82
CA GLY A 145 37.96 20.14 42.31
C GLY A 145 36.91 19.07 42.22
N SER A 146 37.14 18.08 41.36
CA SER A 146 36.15 17.03 41.17
C SER A 146 35.77 16.33 42.49
N GLY A 147 36.70 16.34 43.46
CA GLY A 147 36.44 15.77 44.78
C GLY A 147 35.99 14.32 44.80
N THR A 148 34.87 14.03 45.48
CA THR A 148 34.35 12.66 45.49
C THR A 148 33.14 12.45 44.59
N THR A 149 32.87 13.39 43.70
CA THR A 149 31.74 13.24 42.79
C THR A 149 31.84 11.90 42.09
N LEU A 150 33.01 11.65 41.50
CA LEU A 150 33.25 10.39 40.80
C LEU A 150 33.04 9.21 41.73
N ASP A 151 33.51 9.34 42.96
CA ASP A 151 33.43 8.25 43.94
C ASP A 151 31.98 7.99 44.36
N SER A 152 31.16 9.04 44.40
CA SER A 152 29.73 8.89 44.65
C SER A 152 29.02 8.30 43.44
N ALA A 153 29.28 8.85 42.25
CA ALA A 153 28.67 8.32 41.04
C ALA A 153 29.02 6.85 40.91
N ARG A 154 30.22 6.51 41.39
CA ARG A 154 30.65 5.12 41.47
C ARG A 154 29.84 4.33 42.48
N PHE A 155 29.66 4.90 43.66
CA PHE A 155 28.85 4.31 44.72
C PHE A 155 27.41 4.21 44.22
N ARG A 156 26.84 5.34 43.80
CA ARG A 156 25.53 5.36 43.18
C ARG A 156 25.30 4.20 42.21
N PHE A 157 26.21 4.00 41.25
CA PHE A 157 26.01 2.93 40.26
C PHE A 157 25.95 1.53 40.87
N MET A 158 26.92 1.20 41.72
CA MET A 158 26.98 -0.15 42.29
C MET A 158 25.77 -0.43 43.18
N LEU A 159 25.38 0.55 43.97
CA LEU A 159 24.12 0.48 44.70
C LEU A 159 22.98 0.31 43.71
N SER A 160 23.08 0.98 42.57
CA SER A 160 22.02 0.92 41.57
C SER A 160 21.74 -0.49 41.10
N GLU A 161 22.75 -1.15 40.52
CA GLU A 161 22.57 -2.49 39.96
C GLU A 161 22.22 -3.52 41.03
N TYR A 162 22.83 -3.39 42.20
CA TYR A 162 22.58 -4.31 43.29
C TYR A 162 21.15 -4.20 43.85
N PHE A 163 20.51 -3.04 43.66
CA PHE A 163 19.15 -2.86 44.17
C PHE A 163 18.04 -2.83 43.09
N GLY A 164 18.42 -2.64 41.83
CA GLY A 164 17.46 -2.63 40.75
C GLY A 164 16.68 -1.33 40.62
N ALA A 165 17.39 -0.21 40.81
CA ALA A 165 16.80 1.10 40.61
C ALA A 165 17.83 2.00 39.94
N ALA A 166 17.36 3.06 39.30
CA ALA A 166 18.22 3.97 38.57
C ALA A 166 19.27 4.56 39.50
N PRO A 167 20.46 4.85 38.95
CA PRO A 167 21.48 5.64 39.65
C PRO A 167 20.93 6.98 40.16
N GLN A 168 19.95 7.54 39.45
CA GLN A 168 19.34 8.82 39.79
C GLN A 168 18.44 8.71 41.01
N ASN A 169 17.84 7.54 41.19
CA ASN A 169 16.94 7.34 42.33
C ASN A 169 17.64 6.85 43.60
N VAL A 170 18.92 6.50 43.49
CA VAL A 170 19.74 6.11 44.65
C VAL A 170 20.52 7.31 45.21
N HIS A 171 20.40 7.56 46.51
CA HIS A 171 20.95 8.78 47.09
C HIS A 171 21.96 8.53 48.22
N ALA A 172 23.22 8.35 47.85
CA ALA A 172 24.25 8.18 48.88
C ALA A 172 25.59 8.81 48.49
N HIS A 173 26.18 9.51 49.44
CA HIS A 173 27.47 10.18 49.22
C HIS A 173 28.63 9.30 49.67
N ILE A 174 29.74 9.43 48.95
CA ILE A 174 31.05 9.08 49.46
C ILE A 174 31.63 10.46 49.70
N ILE A 175 32.37 10.65 50.79
CA ILE A 175 32.87 11.99 51.16
C ILE A 175 34.31 11.98 51.70
N GLY A 176 34.77 13.14 52.16
CA GLY A 176 36.13 13.28 52.64
C GLY A 176 37.17 13.35 51.53
N GLU A 177 38.02 12.33 51.47
CA GLU A 177 39.17 12.28 50.56
C GLU A 177 38.85 11.56 49.26
N HIS A 178 39.36 12.07 48.15
CA HIS A 178 39.36 11.27 46.93
C HIS A 178 40.49 10.25 47.09
N GLY A 179 40.19 9.11 47.68
CA GLY A 179 41.23 8.16 47.99
C GLY A 179 40.87 7.06 48.98
N ASP A 180 41.82 6.68 49.82
CA ASP A 180 41.67 5.47 50.63
C ASP A 180 40.90 5.63 51.93
N THR A 181 40.94 6.83 52.52
CA THR A 181 40.19 7.13 53.75
C THR A 181 38.81 7.73 53.48
N GLU A 182 38.25 7.44 52.31
CA GLU A 182 36.93 7.97 51.97
C GLU A 182 35.85 7.14 52.66
N LEU A 183 34.77 7.80 53.06
CA LEU A 183 33.73 7.13 53.86
C LEU A 183 32.34 7.36 53.30
N PRO A 184 31.50 6.32 53.33
CA PRO A 184 30.13 6.44 52.84
C PRO A 184 29.26 6.98 53.97
N VAL A 185 28.35 7.91 53.65
CA VAL A 185 27.41 8.38 54.65
C VAL A 185 26.22 7.42 54.71
N TRP A 186 26.47 6.15 55.05
CA TRP A 186 25.39 5.17 55.15
C TRP A 186 24.20 5.73 55.90
N SER A 187 24.47 6.60 56.86
CA SER A 187 23.44 7.13 57.76
C SER A 187 22.34 7.94 57.04
N HIS A 188 22.69 8.58 55.93
CA HIS A 188 21.72 9.39 55.19
C HIS A 188 21.22 8.73 53.90
N ALA A 189 21.76 7.56 53.56
CA ALA A 189 21.57 6.93 52.25
C ALA A 189 20.22 6.19 52.07
N ASN A 190 19.77 6.09 50.82
CA ASN A 190 18.42 5.60 50.53
C ASN A 190 18.09 5.29 49.06
N VAL A 191 17.01 4.55 48.87
CA VAL A 191 16.54 4.22 47.55
C VAL A 191 15.10 4.67 47.43
N GLY A 192 14.91 5.85 46.83
CA GLY A 192 13.60 6.48 46.73
C GLY A 192 13.13 7.03 48.07
N GLY A 193 14.06 7.29 48.98
CA GLY A 193 13.71 7.78 50.30
C GLY A 193 13.63 6.71 51.38
N VAL A 194 13.62 5.45 50.97
CA VAL A 194 13.61 4.37 51.95
C VAL A 194 15.04 4.01 52.32
N PRO A 195 15.41 4.23 53.59
CA PRO A 195 16.80 4.10 54.03
C PRO A 195 17.36 2.72 53.73
N VAL A 196 18.63 2.68 53.33
CA VAL A 196 19.28 1.44 52.92
C VAL A 196 19.29 0.40 54.05
N SER A 197 19.50 0.85 55.28
CA SER A 197 19.55 -0.03 56.45
C SER A 197 18.26 -0.82 56.66
N GLU A 198 17.13 -0.19 56.34
CA GLU A 198 15.84 -0.86 56.44
C GLU A 198 15.66 -1.88 55.31
N LEU A 199 16.32 -1.64 54.17
CA LEU A 199 16.22 -2.53 53.01
C LEU A 199 16.88 -3.89 53.24
N VAL A 200 18.05 -3.88 53.86
CA VAL A 200 18.86 -5.10 53.99
C VAL A 200 18.18 -6.18 54.82
N GLU A 201 17.16 -5.77 55.58
CA GLU A 201 16.37 -6.70 56.38
C GLU A 201 16.25 -8.09 55.75
N LYS A 202 15.95 -8.12 54.46
CA LYS A 202 15.62 -9.35 53.77
C LYS A 202 16.66 -10.46 53.99
N ASN A 203 17.93 -10.09 54.12
CA ASN A 203 19.00 -11.08 54.23
C ASN A 203 20.16 -10.65 55.15
N ASP A 204 20.46 -11.48 56.15
CA ASP A 204 21.65 -11.28 56.99
C ASP A 204 22.64 -12.42 56.77
N ALA A 205 23.89 -12.06 56.49
CA ALA A 205 24.89 -12.99 55.96
C ALA A 205 24.70 -13.16 54.44
N TYR A 206 23.90 -12.26 53.86
CA TYR A 206 23.62 -12.27 52.42
C TYR A 206 23.52 -10.85 51.84
N LYS A 207 23.00 -9.90 52.61
CA LYS A 207 22.92 -8.52 52.16
C LYS A 207 23.97 -7.60 52.82
N GLN A 208 23.99 -7.58 54.14
CA GLN A 208 24.72 -6.57 54.92
C GLN A 208 26.23 -6.44 54.64
N GLU A 209 26.84 -7.47 54.06
CA GLU A 209 28.28 -7.41 53.82
C GLU A 209 28.65 -7.39 52.33
N GLU A 210 27.69 -7.74 51.47
CA GLU A 210 27.87 -7.57 50.03
C GLU A 210 27.99 -6.08 49.75
N LEU A 211 27.32 -5.28 50.58
CA LEU A 211 27.37 -3.83 50.49
C LEU A 211 28.69 -3.29 51.04
N ASP A 212 29.37 -4.13 51.81
CA ASP A 212 30.70 -3.78 52.26
C ASP A 212 31.69 -4.01 51.12
N GLN A 213 31.48 -5.10 50.39
CA GLN A 213 32.27 -5.38 49.20
C GLN A 213 32.09 -4.24 48.20
N ILE A 214 30.84 -3.78 48.05
CA ILE A 214 30.53 -2.65 47.18
C ILE A 214 31.34 -1.40 47.56
N VAL A 215 31.40 -1.08 48.85
CA VAL A 215 32.24 0.04 49.30
C VAL A 215 33.69 -0.22 48.93
N ASP A 216 34.18 -1.42 49.24
CA ASP A 216 35.54 -1.82 48.90
C ASP A 216 35.77 -1.66 47.40
N ASP A 217 34.78 -2.05 46.61
CA ASP A 217 34.87 -1.94 45.17
C ASP A 217 34.97 -0.50 44.70
N VAL A 218 34.40 0.43 45.47
CA VAL A 218 34.44 1.85 45.13
C VAL A 218 35.80 2.49 45.41
N LYS A 219 36.33 2.27 46.62
CA LYS A 219 37.61 2.88 46.99
C LYS A 219 38.74 2.42 46.06
N ASN A 220 38.71 1.17 45.64
CA ASN A 220 39.77 0.64 44.81
C ASN A 220 39.34 0.34 43.38
N ALA A 221 38.34 1.09 42.91
CA ALA A 221 37.90 1.00 41.52
C ALA A 221 38.93 1.60 40.58
N ALA A 222 39.61 2.66 41.04
CA ALA A 222 40.64 3.33 40.25
C ALA A 222 41.88 2.45 40.05
N TYR A 223 42.08 1.49 40.95
CA TYR A 223 43.21 0.58 40.82
C TYR A 223 42.86 -0.56 39.85
N HIS A 224 41.62 -1.06 39.94
CA HIS A 224 41.15 -2.15 39.09
C HIS A 224 41.06 -1.76 37.62
N ILE A 225 40.79 -0.49 37.37
CA ILE A 225 40.64 -0.02 36.00
C ILE A 225 42.00 0.11 35.33
N ILE A 226 42.95 0.69 36.05
CA ILE A 226 44.29 0.94 35.52
C ILE A 226 45.00 -0.37 35.15
N GLU A 227 44.77 -1.42 35.93
CA GLU A 227 45.38 -2.72 35.67
C GLU A 227 44.82 -3.34 34.39
N LYS A 228 43.59 -2.94 34.04
CA LYS A 228 42.85 -3.58 32.96
C LYS A 228 42.88 -2.84 31.61
N LYS A 229 43.39 -1.62 31.58
CA LYS A 229 43.60 -0.95 30.31
C LYS A 229 44.64 0.17 30.35
N GLY A 230 44.94 0.66 31.55
CA GLY A 230 46.03 1.59 31.72
C GLY A 230 45.73 2.74 32.66
N ALA A 231 44.69 3.49 32.33
CA ALA A 231 44.33 4.65 33.13
C ALA A 231 42.84 4.63 33.45
N THR A 232 42.30 5.80 33.74
CA THR A 232 40.88 5.96 34.04
C THR A 232 40.53 7.34 33.57
N TYR A 233 39.49 7.45 32.73
CA TYR A 233 39.16 8.77 32.22
C TYR A 233 37.67 9.00 31.93
N TYR A 234 36.94 7.95 31.58
CA TYR A 234 35.52 8.07 31.25
C TYR A 234 34.65 8.50 32.43
N GLY A 235 34.96 8.03 33.63
CA GLY A 235 34.19 8.39 34.80
C GLY A 235 34.44 9.84 35.18
N VAL A 236 35.71 10.17 35.36
CA VAL A 236 36.15 11.53 35.67
C VAL A 236 35.73 12.51 34.57
N ALA A 237 35.41 11.95 33.40
CA ALA A 237 34.92 12.75 32.29
C ALA A 237 33.52 13.26 32.57
N MET A 238 32.59 12.32 32.79
CA MET A 238 31.21 12.66 33.13
C MET A 238 31.23 13.61 34.31
N SER A 239 31.84 13.14 35.40
CA SER A 239 32.07 13.91 36.61
C SER A 239 32.43 15.35 36.34
N LEU A 240 33.48 15.57 35.56
CA LEU A 240 33.92 16.91 35.30
C LEU A 240 32.82 17.64 34.52
N ALA A 241 32.25 16.96 33.53
CA ALA A 241 31.23 17.55 32.69
C ALA A 241 30.02 17.95 33.53
N ARG A 242 29.62 17.09 34.46
CA ARG A 242 28.52 17.40 35.34
C ARG A 242 28.78 18.72 36.06
N ILE A 243 30.04 18.97 36.42
CA ILE A 243 30.37 20.15 37.22
C ILE A 243 30.33 21.42 36.37
N THR A 244 30.86 21.35 35.16
CA THR A 244 30.78 22.47 34.25
C THR A 244 29.31 22.87 33.99
N LYS A 245 28.47 21.88 33.75
CA LYS A 245 27.07 22.13 33.43
C LYS A 245 26.41 22.82 34.61
N ALA A 246 26.52 22.19 35.78
CA ALA A 246 26.04 22.78 37.03
C ALA A 246 26.55 24.21 37.20
N ILE A 247 27.80 24.44 36.82
CA ILE A 247 28.40 25.77 36.90
C ILE A 247 27.88 26.73 35.84
N LEU A 248 28.03 26.36 34.57
CA LEU A 248 27.67 27.23 33.45
C LEU A 248 26.18 27.59 33.39
N HIS A 249 25.35 26.67 33.85
CA HIS A 249 23.92 26.88 33.74
C HIS A 249 23.32 27.44 35.01
N ASN A 250 24.19 27.87 35.95
CA ASN A 250 23.72 28.41 37.23
C ASN A 250 22.61 27.52 37.77
N GLU A 251 23.00 26.35 38.29
CA GLU A 251 22.07 25.27 38.61
C GLU A 251 21.66 25.22 40.06
N ASN A 252 22.53 25.69 40.95
CA ASN A 252 22.32 25.51 42.37
C ASN A 252 22.13 24.04 42.69
N SER A 253 22.87 23.21 41.97
CA SER A 253 22.85 21.76 42.14
C SER A 253 23.72 21.34 43.34
N ILE A 254 23.48 20.17 43.88
CA ILE A 254 24.29 19.71 45.00
C ILE A 254 25.25 18.61 44.54
N LEU A 255 26.55 18.88 44.71
CA LEU A 255 27.60 17.97 44.24
C LEU A 255 28.73 17.90 45.26
N THR A 256 29.33 16.73 45.44
CA THR A 256 30.35 16.54 46.48
C THR A 256 31.74 16.83 45.95
N VAL A 257 31.96 18.10 45.66
CA VAL A 257 33.19 18.57 45.09
C VAL A 257 34.18 18.85 46.22
N SER A 258 35.42 19.17 45.86
CA SER A 258 36.35 19.68 46.88
C SER A 258 36.03 21.15 47.18
N THR A 259 35.72 21.44 48.44
CA THR A 259 35.42 22.81 48.86
C THR A 259 36.09 23.23 50.18
N TYR A 260 36.44 24.51 50.30
CA TYR A 260 37.03 24.97 51.56
C TYR A 260 36.07 24.83 52.74
N LEU A 261 36.51 24.11 53.77
CA LEU A 261 35.82 24.06 55.06
C LEU A 261 36.54 24.96 56.07
N ASP A 262 35.79 25.83 56.74
CA ASP A 262 36.32 26.42 57.96
C ASP A 262 35.46 26.09 59.20
N GLY A 263 35.49 24.84 59.60
CA GLY A 263 34.77 24.42 60.79
C GLY A 263 33.68 23.39 60.54
N GLN A 264 33.15 23.35 59.31
CA GLN A 264 32.08 22.41 58.98
C GLN A 264 32.57 20.99 59.16
N TYR A 265 31.77 20.16 59.82
CA TYR A 265 32.08 18.73 59.92
C TYR A 265 33.21 18.40 60.91
N GLY A 266 33.67 19.41 61.63
CA GLY A 266 34.79 19.24 62.54
C GLY A 266 36.10 19.37 61.79
N ALA A 267 36.12 20.23 60.79
CA ALA A 267 37.31 20.39 59.95
C ALA A 267 37.47 21.84 59.51
N ASP A 268 38.71 22.26 59.28
CA ASP A 268 38.94 23.60 58.74
C ASP A 268 40.27 23.71 58.03
N ASP A 269 40.57 24.91 57.53
CA ASP A 269 41.72 25.13 56.67
C ASP A 269 42.11 23.86 55.90
N VAL A 270 41.15 23.32 55.15
CA VAL A 270 41.40 22.18 54.29
C VAL A 270 40.41 22.26 53.12
N TYR A 271 40.83 21.81 51.94
CA TYR A 271 39.92 21.60 50.82
C TYR A 271 39.47 20.14 50.79
N ILE A 272 38.20 19.90 51.05
CA ILE A 272 37.74 18.52 51.17
C ILE A 272 36.41 18.32 50.46
N GLY A 273 36.06 17.06 50.23
CA GLY A 273 34.82 16.71 49.57
C GLY A 273 33.64 16.59 50.51
N VAL A 274 32.67 17.48 50.33
CA VAL A 274 31.37 17.35 50.99
C VAL A 274 30.30 17.88 50.06
N PRO A 275 29.04 17.47 50.26
CA PRO A 275 27.98 18.05 49.44
C PRO A 275 28.05 19.58 49.44
N ALA A 276 28.01 20.16 48.25
CA ALA A 276 27.92 21.60 48.14
C ALA A 276 26.87 21.99 47.11
N VAL A 277 26.40 23.21 47.23
CA VAL A 277 25.50 23.74 46.24
C VAL A 277 26.37 24.46 45.21
N VAL A 278 26.32 23.98 43.98
CA VAL A 278 27.13 24.53 42.90
C VAL A 278 26.30 25.36 41.90
N ASN A 279 26.83 26.52 41.50
CA ASN A 279 26.14 27.40 40.55
C ASN A 279 27.05 28.42 39.85
N ARG A 280 26.43 29.40 39.17
CA ARG A 280 27.17 30.33 38.33
C ARG A 280 28.40 30.98 39.02
N GLY A 281 28.40 31.03 40.35
CA GLY A 281 29.51 31.61 41.06
C GLY A 281 30.50 30.57 41.56
N GLY A 282 30.10 29.30 41.54
CA GLY A 282 30.88 28.23 42.15
C GLY A 282 30.17 27.66 43.36
N ILE A 283 30.80 27.74 44.53
CA ILE A 283 30.13 27.27 45.75
C ILE A 283 29.20 28.35 46.30
N ALA A 284 28.03 27.94 46.75
CA ALA A 284 27.05 28.88 47.29
C ALA A 284 26.58 28.46 48.67
N GLY A 285 26.78 27.19 49.00
CA GLY A 285 26.31 26.67 50.26
C GLY A 285 26.87 25.30 50.55
N ILE A 286 26.86 24.93 51.83
CA ILE A 286 27.41 23.67 52.29
C ILE A 286 26.33 22.82 52.99
N THR A 287 26.17 21.60 52.51
CA THR A 287 25.12 20.71 52.99
C THR A 287 25.58 19.98 54.25
N GLU A 288 25.07 20.41 55.40
CA GLU A 288 25.50 19.85 56.67
C GLU A 288 24.79 18.54 57.03
N LEU A 289 25.45 17.44 56.73
CA LEU A 289 24.95 16.13 57.15
C LEU A 289 25.12 15.94 58.66
N ASN A 290 24.19 15.20 59.25
CA ASN A 290 24.38 14.71 60.61
C ASN A 290 25.02 13.31 60.56
N LEU A 291 26.34 13.31 60.49
CA LEU A 291 27.11 12.07 60.49
C LEU A 291 26.89 11.32 61.79
N ASN A 292 26.81 9.99 61.73
CA ASN A 292 26.72 9.16 62.93
C ASN A 292 28.11 8.96 63.53
N GLU A 293 28.20 8.35 64.72
CA GLU A 293 29.48 8.17 65.41
C GLU A 293 30.56 7.66 64.47
N LYS A 294 30.31 6.50 63.88
CA LYS A 294 31.26 5.86 62.98
C LYS A 294 31.76 6.82 61.88
N GLU A 295 30.88 7.65 61.36
CA GLU A 295 31.20 8.52 60.22
C GLU A 295 31.91 9.85 60.55
N LYS A 296 31.58 10.49 61.66
CA LYS A 296 32.33 11.69 62.06
C LYS A 296 33.78 11.32 62.32
N GLU A 297 33.95 10.20 63.01
CA GLU A 297 35.25 9.67 63.38
C GLU A 297 36.10 9.46 62.14
N GLN A 298 35.53 8.80 61.14
CA GLN A 298 36.26 8.55 59.90
C GLN A 298 36.54 9.86 59.15
N PHE A 299 35.56 10.75 59.11
CA PHE A 299 35.73 12.02 58.38
C PHE A 299 36.87 12.84 58.96
N LEU A 300 37.13 12.68 60.26
CA LEU A 300 38.24 13.39 60.89
C LEU A 300 39.60 12.84 60.49
N HIS A 301 39.74 11.52 60.49
CA HIS A 301 40.93 10.87 59.98
C HIS A 301 41.24 11.32 58.55
N SER A 302 40.18 11.61 57.78
CA SER A 302 40.33 11.94 56.36
C SER A 302 40.87 13.35 56.13
N ALA A 303 40.40 14.31 56.93
CA ALA A 303 40.81 15.71 56.80
C ALA A 303 42.15 15.97 57.49
N GLY A 304 42.48 15.12 58.45
CA GLY A 304 43.76 15.20 59.12
C GLY A 304 44.83 14.77 58.15
N VAL A 305 44.54 13.68 57.44
CA VAL A 305 45.47 13.14 56.46
C VAL A 305 45.73 14.14 55.34
N LEU A 306 44.71 14.91 54.98
CA LEU A 306 44.91 15.94 53.98
C LEU A 306 45.74 17.06 54.59
N LYS A 307 45.64 17.19 55.91
CA LYS A 307 46.53 18.07 56.65
C LYS A 307 47.97 17.55 56.60
N ASN A 308 48.12 16.21 56.61
CA ASN A 308 49.44 15.56 56.60
C ASN A 308 50.31 16.03 55.46
N ILE A 309 49.68 16.55 54.41
CA ILE A 309 50.42 16.93 53.22
C ILE A 309 50.43 18.44 53.04
N LEU A 310 49.36 19.10 53.46
CA LEU A 310 49.24 20.53 53.26
C LEU A 310 50.28 21.30 54.08
N LYS A 311 50.62 20.78 55.26
CA LYS A 311 51.54 21.51 56.14
C LYS A 311 52.93 21.75 55.54
N PRO A 312 53.61 20.67 55.10
CA PRO A 312 54.96 20.74 54.52
C PRO A 312 55.07 21.56 53.25
N HIS B 4 24.70 36.99 34.37
CA HIS B 4 25.76 36.17 33.82
C HIS B 4 25.20 35.16 32.82
N VAL B 5 24.02 34.62 33.11
CA VAL B 5 23.43 33.50 32.33
C VAL B 5 22.33 33.87 31.32
N ASN B 6 22.10 32.99 30.36
CA ASN B 6 21.15 33.28 29.27
C ASN B 6 19.72 33.59 29.72
N LYS B 7 19.25 34.77 29.35
CA LYS B 7 17.96 35.24 29.81
C LYS B 7 17.12 35.72 28.64
N VAL B 8 15.95 35.09 28.49
CA VAL B 8 14.98 35.50 27.51
C VAL B 8 13.77 36.13 28.20
N ALA B 9 13.33 37.25 27.64
CA ALA B 9 12.12 37.93 28.07
C ALA B 9 11.03 37.64 27.04
N LEU B 10 9.90 37.14 27.52
CA LEU B 10 8.73 36.91 26.65
C LEU B 10 7.69 37.96 26.99
N ILE B 11 7.36 38.78 26.01
CA ILE B 11 6.27 39.73 26.20
C ILE B 11 5.03 39.27 25.42
N GLY B 12 4.10 38.65 26.13
CA GLY B 12 2.88 38.16 25.52
C GLY B 12 2.64 36.67 25.80
N ALA B 13 1.89 36.39 26.85
CA ALA B 13 1.58 35.03 27.29
C ALA B 13 0.29 34.44 26.66
N GLY B 14 0.06 34.71 25.38
CA GLY B 14 -1.04 34.09 24.66
C GLY B 14 -0.68 32.71 24.15
N PHE B 15 -1.51 32.17 23.25
CA PHE B 15 -1.27 30.85 22.63
C PHE B 15 0.17 30.69 22.14
N VAL B 16 0.68 31.66 21.39
CA VAL B 16 2.06 31.59 20.90
C VAL B 16 3.08 31.71 22.03
N GLY B 17 2.99 32.80 22.81
CA GLY B 17 3.93 33.06 23.89
C GLY B 17 4.08 31.85 24.80
N SER B 18 2.96 31.38 25.35
CA SER B 18 2.93 30.17 26.14
C SER B 18 3.52 28.93 25.43
N SER B 19 3.21 28.73 24.16
CA SER B 19 3.75 27.55 23.49
C SER B 19 5.26 27.68 23.37
N TYR B 20 5.70 28.89 23.03
CA TYR B 20 7.11 29.21 22.93
C TYR B 20 7.84 28.88 24.25
N ALA B 21 7.28 29.33 25.37
CA ALA B 21 7.81 29.03 26.71
C ALA B 21 7.88 27.53 27.00
N PHE B 22 6.90 26.77 26.52
CA PHE B 22 6.87 25.34 26.76
C PHE B 22 7.92 24.60 25.93
N ALA B 23 8.20 25.10 24.73
CA ALA B 23 9.28 24.53 23.94
C ALA B 23 10.61 24.72 24.67
N LEU B 24 10.91 25.96 25.06
CA LEU B 24 12.13 26.25 25.82
C LEU B 24 12.19 25.37 27.09
N ILE B 25 11.11 25.34 27.86
CA ILE B 25 11.13 24.53 29.08
C ILE B 25 11.39 23.03 28.82
N ASN B 26 11.05 22.55 27.62
CA ASN B 26 11.34 21.16 27.20
C ASN B 26 12.67 21.01 26.45
N GLN B 27 13.29 22.11 26.04
CA GLN B 27 14.50 21.99 25.22
C GLN B 27 15.77 22.57 25.85
N GLY B 28 15.60 23.38 26.88
CA GLY B 28 16.74 23.95 27.57
C GLY B 28 17.65 24.63 26.57
N ILE B 29 17.25 25.84 26.21
CA ILE B 29 17.98 26.66 25.27
C ILE B 29 18.41 27.94 25.99
N THR B 30 17.52 28.44 26.84
CA THR B 30 17.80 29.57 27.68
C THR B 30 18.07 29.05 29.07
N ASP B 31 18.65 29.87 29.92
CA ASP B 31 18.73 29.50 31.33
C ASP B 31 17.64 30.19 32.13
N GLU B 32 17.29 31.40 31.72
CA GLU B 32 16.18 32.07 32.37
C GLU B 32 15.13 32.56 31.37
N LEU B 33 13.90 32.58 31.85
CA LEU B 33 12.80 33.12 31.09
C LEU B 33 11.95 33.89 32.08
N VAL B 34 11.62 35.12 31.75
CA VAL B 34 10.64 35.82 32.54
C VAL B 34 9.46 36.16 31.63
N VAL B 35 8.26 35.85 32.09
CA VAL B 35 7.05 36.10 31.32
C VAL B 35 6.43 37.45 31.70
N ILE B 36 6.16 38.27 30.69
CA ILE B 36 5.66 39.62 30.92
C ILE B 36 4.28 39.82 30.33
N ASP B 37 3.30 40.19 31.17
CA ASP B 37 1.94 40.30 30.65
C ASP B 37 0.89 41.00 31.53
N VAL B 38 0.43 42.13 31.02
CA VAL B 38 -0.62 42.94 31.65
C VAL B 38 -1.84 42.13 32.10
N ASN B 39 -1.97 40.90 31.63
CA ASN B 39 -2.91 39.93 32.22
C ASN B 39 -2.19 39.09 33.27
N LYS B 40 -2.13 39.61 34.49
CA LYS B 40 -1.34 38.98 35.54
C LYS B 40 -1.80 37.57 35.86
N GLU B 41 -3.10 37.31 35.71
CA GLU B 41 -3.63 35.98 36.03
C GLU B 41 -3.16 34.91 35.05
N LYS B 42 -3.22 35.21 33.76
CA LYS B 42 -2.80 34.25 32.74
C LYS B 42 -1.29 34.08 32.82
N ALA B 43 -0.56 35.14 32.54
CA ALA B 43 0.89 35.16 32.71
C ALA B 43 1.33 34.36 33.93
N MET B 44 0.74 34.67 35.07
CA MET B 44 1.15 34.04 36.32
C MET B 44 0.67 32.59 36.45
N GLY B 45 -0.45 32.26 35.79
CA GLY B 45 -0.91 30.89 35.71
C GLY B 45 0.01 30.00 34.89
N ASP B 46 0.53 30.54 33.78
CA ASP B 46 1.51 29.83 32.96
C ASP B 46 2.84 29.60 33.67
N VAL B 47 3.37 30.63 34.31
CA VAL B 47 4.57 30.47 35.11
C VAL B 47 4.38 29.35 36.13
N MET B 48 3.23 29.35 36.78
CA MET B 48 2.93 28.34 37.79
C MET B 48 2.91 26.93 37.19
N ASP B 49 2.14 26.72 36.11
CA ASP B 49 2.02 25.42 35.45
C ASP B 49 3.36 24.99 34.84
N LEU B 50 4.13 25.94 34.32
CA LEU B 50 5.41 25.60 33.69
C LEU B 50 6.44 25.23 34.74
N ASN B 51 6.42 25.93 35.88
CA ASN B 51 7.34 25.59 36.95
C ASN B 51 7.03 24.23 37.55
N HIS B 52 5.76 23.87 37.51
CA HIS B 52 5.31 22.59 38.07
C HIS B 52 5.87 21.38 37.34
N GLY B 53 6.47 21.59 36.18
CA GLY B 53 7.12 20.51 35.45
C GLY B 53 8.63 20.47 35.67
N LYS B 54 9.15 21.54 36.28
CA LYS B 54 10.59 21.79 36.38
C LYS B 54 11.43 20.59 36.86
N ALA B 55 10.90 19.86 37.83
CA ALA B 55 11.55 18.67 38.37
C ALA B 55 11.80 17.59 37.31
N PHE B 56 10.86 17.45 36.37
CA PHE B 56 10.91 16.43 35.33
C PHE B 56 11.43 16.99 34.01
N ALA B 57 12.03 18.17 34.05
CA ALA B 57 12.66 18.72 32.85
C ALA B 57 14.07 18.14 32.76
N PRO B 58 14.55 17.88 31.54
CA PRO B 58 15.91 17.39 31.35
C PRO B 58 16.93 18.54 31.45
N GLN B 59 16.50 19.73 31.05
CA GLN B 59 17.28 20.95 31.20
C GLN B 59 16.49 22.01 31.97
N PRO B 60 16.50 21.93 33.31
CA PRO B 60 15.69 22.85 34.13
C PRO B 60 15.92 24.33 33.81
N VAL B 61 14.85 24.98 33.37
CA VAL B 61 14.84 26.40 33.12
C VAL B 61 14.37 27.11 34.40
N LYS B 62 14.75 28.36 34.59
CA LYS B 62 14.14 29.15 35.65
C LYS B 62 13.11 30.11 35.04
N THR B 63 11.86 30.01 35.49
CA THR B 63 10.81 30.89 34.98
C THR B 63 10.23 31.77 36.08
N SER B 64 9.99 33.04 35.77
CA SER B 64 9.38 33.93 36.73
C SER B 64 8.31 34.81 36.06
N TYR B 65 7.34 35.27 36.85
CA TYR B 65 6.48 36.36 36.41
C TYR B 65 7.21 37.66 36.75
N GLY B 66 7.25 38.57 35.80
CA GLY B 66 7.90 39.84 36.01
C GLY B 66 7.22 40.94 35.22
N THR B 67 7.93 42.05 35.04
CA THR B 67 7.49 43.09 34.13
C THR B 67 8.70 43.77 33.50
N TYR B 68 8.50 44.89 32.82
CA TYR B 68 9.58 45.54 32.07
C TYR B 68 10.93 45.66 32.77
N GLU B 69 10.93 46.07 34.05
CA GLU B 69 12.19 46.26 34.78
C GLU B 69 13.07 45.01 34.72
N ASP B 70 12.44 43.87 34.42
CA ASP B 70 13.14 42.62 34.46
C ASP B 70 13.84 42.27 33.12
N CYS B 71 13.65 43.13 32.11
CA CYS B 71 14.31 42.99 30.81
C CYS B 71 15.68 43.67 30.78
N LYS B 72 16.02 44.35 31.86
CA LYS B 72 17.29 45.03 31.99
C LYS B 72 18.45 44.13 31.55
N ASP B 73 18.57 42.97 32.17
CA ASP B 73 19.68 42.09 31.80
C ASP B 73 19.33 41.00 30.78
N ALA B 74 18.11 41.01 30.25
CA ALA B 74 17.74 40.02 29.24
C ALA B 74 18.64 40.10 28.00
N ASP B 75 18.97 38.94 27.46
CA ASP B 75 19.66 38.81 26.20
C ASP B 75 18.68 38.96 25.00
N ILE B 76 17.53 38.30 25.10
CA ILE B 76 16.52 38.39 24.03
C ILE B 76 15.17 38.78 24.60
N VAL B 77 14.56 39.79 23.98
CA VAL B 77 13.14 40.06 24.23
C VAL B 77 12.33 39.52 23.06
N CYS B 78 11.40 38.62 23.38
CA CYS B 78 10.56 38.00 22.39
C CYS B 78 9.16 38.59 22.47
N ILE B 79 8.75 39.33 21.44
CA ILE B 79 7.41 39.91 21.44
C ILE B 79 6.37 39.00 20.78
N CYS B 80 5.46 38.50 21.60
CA CYS B 80 4.32 37.75 21.12
C CYS B 80 3.05 38.50 21.48
N ALA B 81 3.21 39.65 22.14
CA ALA B 81 2.05 40.46 22.48
C ALA B 81 1.44 41.11 21.23
N GLY B 82 0.12 41.01 21.09
CA GLY B 82 -0.56 41.65 19.98
C GLY B 82 -1.98 41.16 19.82
N ALA B 83 -2.81 41.96 19.14
CA ALA B 83 -4.13 41.52 18.71
C ALA B 83 -4.00 40.64 17.47
N ASN B 84 -5.03 39.85 17.18
CA ASN B 84 -5.06 39.00 15.98
C ASN B 84 -6.17 39.45 15.02
N GLN B 85 -6.02 39.14 13.74
CA GLN B 85 -6.95 39.68 12.75
C GLN B 85 -8.37 39.09 12.79
N LYS B 86 -9.34 39.96 13.07
CA LYS B 86 -10.76 39.63 12.96
C LYS B 86 -11.14 39.51 11.48
N PRO B 87 -11.84 38.42 11.12
CA PRO B 87 -12.23 38.14 9.72
C PRO B 87 -12.83 39.36 8.99
N GLY B 88 -13.51 40.23 9.72
CA GLY B 88 -14.13 41.40 9.11
C GLY B 88 -13.22 42.59 8.87
N GLU B 89 -12.17 42.73 9.69
CA GLU B 89 -11.28 43.89 9.62
C GLU B 89 -10.14 43.72 8.60
N THR B 90 -9.64 44.83 8.05
CA THR B 90 -8.52 44.77 7.12
C THR B 90 -7.21 44.55 7.87
N ARG B 91 -6.17 44.22 7.12
CA ARG B 91 -4.87 44.01 7.73
C ARG B 91 -4.32 45.33 8.29
N LEU B 92 -4.56 46.43 7.60
CA LEU B 92 -4.10 47.74 8.07
C LEU B 92 -4.82 48.19 9.35
N GLU B 93 -6.05 47.72 9.55
CA GLU B 93 -6.72 47.96 10.83
C GLU B 93 -6.01 47.18 11.93
N LEU B 94 -5.53 45.99 11.61
CA LEU B 94 -4.86 45.14 12.57
C LEU B 94 -3.55 45.77 13.00
N VAL B 95 -2.77 46.16 12.00
CA VAL B 95 -1.51 46.85 12.18
C VAL B 95 -1.71 48.06 13.08
N GLU B 96 -2.65 48.93 12.71
CA GLU B 96 -2.85 50.14 13.49
C GLU B 96 -2.90 49.80 14.98
N LYS B 97 -3.86 48.94 15.32
CA LYS B 97 -4.03 48.45 16.70
C LYS B 97 -2.72 47.92 17.31
N ASN B 98 -1.97 47.14 16.53
CA ASN B 98 -0.78 46.44 16.98
C ASN B 98 0.44 47.37 17.17
N LEU B 99 0.49 48.44 16.39
CA LEU B 99 1.60 49.38 16.43
C LEU B 99 1.57 50.24 17.67
N LYS B 100 0.37 50.40 18.23
CA LYS B 100 0.16 51.21 19.43
C LYS B 100 0.56 50.38 20.65
N ILE B 101 0.32 49.08 20.57
CA ILE B 101 0.78 48.17 21.60
C ILE B 101 2.32 48.12 21.55
N PHE B 102 2.89 48.00 20.35
CA PHE B 102 4.35 47.87 20.25
C PHE B 102 5.10 49.09 20.79
N LYS B 103 4.59 50.29 20.53
CA LYS B 103 5.26 51.52 20.92
C LYS B 103 5.39 51.63 22.43
N GLY B 104 4.32 51.31 23.15
CA GLY B 104 4.38 51.24 24.59
C GLY B 104 5.26 50.07 25.07
N ILE B 105 5.19 48.95 24.36
CA ILE B 105 5.98 47.80 24.77
C ILE B 105 7.47 48.08 24.49
N VAL B 106 7.76 48.57 23.30
CA VAL B 106 9.14 48.79 22.91
C VAL B 106 9.73 50.01 23.60
N SER B 107 8.86 50.93 24.01
CA SER B 107 9.28 52.10 24.76
C SER B 107 9.67 51.73 26.20
N GLU B 108 8.85 50.90 26.85
CA GLU B 108 9.10 50.50 28.24
C GLU B 108 10.28 49.53 28.37
N VAL B 109 10.46 48.65 27.39
CA VAL B 109 11.58 47.71 27.42
C VAL B 109 12.89 48.48 27.41
N MET B 110 13.00 49.41 26.47
CA MET B 110 14.21 50.23 26.34
C MET B 110 14.51 51.03 27.62
N ALA B 111 13.49 51.69 28.17
CA ALA B 111 13.65 52.51 29.38
C ALA B 111 14.02 51.71 30.64
N SER B 112 14.04 50.38 30.51
CA SER B 112 14.40 49.53 31.63
C SER B 112 15.89 49.18 31.62
N GLY B 113 16.61 49.56 30.57
CA GLY B 113 18.02 49.21 30.44
C GLY B 113 18.36 48.07 29.49
N PHE B 114 17.36 47.52 28.81
CA PHE B 114 17.58 46.42 27.87
C PHE B 114 18.53 46.80 26.76
N ASP B 115 19.38 45.84 26.38
CA ASP B 115 20.30 46.02 25.27
C ASP B 115 20.67 44.68 24.63
N GLY B 116 19.65 43.89 24.34
CA GLY B 116 19.85 42.62 23.67
C GLY B 116 19.34 42.66 22.25
N ILE B 117 18.82 41.52 21.79
CA ILE B 117 18.29 41.39 20.43
C ILE B 117 16.78 41.15 20.47
N PHE B 118 16.00 42.00 19.80
CA PHE B 118 14.55 41.82 19.73
C PHE B 118 14.20 40.70 18.77
N LEU B 119 13.14 39.95 19.09
CA LEU B 119 12.65 38.89 18.21
C LEU B 119 11.13 38.92 18.15
N VAL B 120 10.60 39.41 17.03
CA VAL B 120 9.16 39.62 16.93
C VAL B 120 8.45 38.43 16.26
N ALA B 121 7.35 37.99 16.87
CA ALA B 121 6.50 36.95 16.29
C ALA B 121 5.11 37.45 15.89
N THR B 122 4.67 38.55 16.47
CA THR B 122 3.30 39.04 16.27
C THR B 122 3.01 39.35 14.79
N ASN B 123 1.84 38.93 14.31
CA ASN B 123 1.44 39.21 12.91
C ASN B 123 0.88 40.61 12.71
N PRO B 124 1.11 41.20 11.53
CA PRO B 124 2.06 40.68 10.53
C PRO B 124 3.50 41.03 10.93
N VAL B 125 4.33 40.00 11.03
CA VAL B 125 5.60 40.09 11.72
C VAL B 125 6.56 41.13 11.11
N ASP B 126 6.80 41.05 9.81
CA ASP B 126 7.70 42.00 9.14
C ASP B 126 7.34 43.48 9.39
N ILE B 127 6.06 43.81 9.36
CA ILE B 127 5.68 45.19 9.66
C ILE B 127 6.10 45.54 11.06
N LEU B 128 5.63 44.76 12.03
CA LEU B 128 5.94 45.00 13.44
C LEU B 128 7.45 44.86 13.74
N THR B 129 8.18 44.13 12.89
CA THR B 129 9.63 44.04 13.03
C THR B 129 10.24 45.41 12.76
N TYR B 130 9.89 45.96 11.60
CA TYR B 130 10.29 47.30 11.21
C TYR B 130 9.95 48.26 12.33
N ALA B 131 8.74 48.13 12.89
CA ALA B 131 8.29 49.06 13.92
C ALA B 131 8.97 48.83 15.27
N THR B 132 9.39 47.60 15.56
CA THR B 132 10.21 47.38 16.75
C THR B 132 11.57 47.99 16.48
N TRP B 133 12.03 47.93 15.24
CA TRP B 133 13.28 48.58 14.91
C TRP B 133 13.17 50.10 15.08
N LYS B 134 12.33 50.74 14.27
CA LYS B 134 12.16 52.18 14.37
C LYS B 134 11.97 52.60 15.83
N PHE B 135 10.89 52.12 16.45
CA PHE B 135 10.58 52.48 17.82
C PHE B 135 11.80 52.40 18.73
N SER B 136 12.62 51.38 18.54
CA SER B 136 13.65 51.05 19.50
C SER B 136 14.97 51.73 19.20
N GLY B 137 15.19 52.06 17.92
CA GLY B 137 16.43 52.73 17.53
C GLY B 137 17.69 51.91 17.73
N LEU B 138 17.56 50.58 17.75
CA LEU B 138 18.70 49.67 17.75
C LEU B 138 19.21 49.40 16.33
N PRO B 139 20.39 48.76 16.20
CA PRO B 139 20.92 48.39 14.88
C PRO B 139 20.03 47.36 14.22
N LYS B 140 19.95 47.39 12.89
CA LYS B 140 19.04 46.52 12.18
C LYS B 140 19.31 45.04 12.43
N GLU B 141 20.59 44.69 12.55
CA GLU B 141 21.03 43.32 12.77
C GLU B 141 20.43 42.68 14.02
N ARG B 142 19.95 43.49 14.94
CA ARG B 142 19.59 42.98 16.25
C ARG B 142 18.08 43.09 16.51
N VAL B 143 17.36 43.58 15.51
CA VAL B 143 15.92 43.45 15.48
C VAL B 143 15.60 42.36 14.47
N ILE B 144 15.09 41.22 14.95
CA ILE B 144 14.82 40.07 14.09
C ILE B 144 13.36 39.64 14.17
N GLY B 145 12.77 39.33 13.02
CA GLY B 145 11.40 38.86 12.96
C GLY B 145 11.30 37.39 12.60
N SER B 146 10.18 36.78 12.97
CA SER B 146 9.96 35.36 12.74
C SER B 146 10.01 34.99 11.25
N GLY B 147 9.84 35.98 10.36
CA GLY B 147 10.03 35.80 8.93
C GLY B 147 9.23 34.69 8.28
N THR B 148 9.89 33.96 7.39
CA THR B 148 9.26 32.83 6.73
C THR B 148 9.83 31.51 7.24
N THR B 149 10.27 31.49 8.49
CA THR B 149 10.87 30.26 9.04
C THR B 149 9.87 29.11 9.14
N LEU B 150 8.67 29.36 9.67
CA LEU B 150 7.68 28.30 9.74
C LEU B 150 7.24 27.93 8.31
N ASP B 151 6.86 28.94 7.52
CA ASP B 151 6.51 28.69 6.11
C ASP B 151 7.55 27.76 5.49
N SER B 152 8.82 28.03 5.78
CA SER B 152 9.89 27.15 5.32
C SER B 152 9.75 25.76 5.94
N ALA B 153 9.54 25.71 7.25
CA ALA B 153 9.48 24.45 7.97
C ALA B 153 8.36 23.54 7.47
N ARG B 154 7.17 24.13 7.31
CA ARG B 154 6.06 23.42 6.68
C ARG B 154 6.49 22.97 5.29
N PHE B 155 6.95 23.93 4.51
CA PHE B 155 7.39 23.69 3.14
C PHE B 155 8.38 22.52 3.09
N ARG B 156 9.06 22.28 4.21
CA ARG B 156 9.95 21.14 4.31
C ARG B 156 9.26 19.86 4.81
N PHE B 157 8.35 20.00 5.77
CA PHE B 157 7.59 18.82 6.17
C PHE B 157 6.92 18.20 4.95
N MET B 158 6.04 18.96 4.31
CA MET B 158 5.26 18.45 3.18
C MET B 158 6.16 17.80 2.13
N LEU B 159 7.33 18.39 1.90
CA LEU B 159 8.27 17.90 0.90
C LEU B 159 9.03 16.66 1.37
N SER B 160 9.08 16.45 2.68
CA SER B 160 9.69 15.25 3.22
C SER B 160 8.74 14.06 3.03
N GLU B 161 7.45 14.34 3.14
CA GLU B 161 6.43 13.29 3.04
C GLU B 161 6.18 12.94 1.58
N TYR B 162 6.52 13.87 0.69
CA TYR B 162 6.29 13.68 -0.74
C TYR B 162 7.50 13.08 -1.45
N PHE B 163 8.69 13.20 -0.85
CA PHE B 163 9.93 12.75 -1.49
C PHE B 163 10.69 11.65 -0.73
N GLY B 164 10.25 11.35 0.48
CA GLY B 164 10.76 10.19 1.22
C GLY B 164 12.05 10.30 2.02
N ALA B 165 12.42 11.49 2.47
CA ALA B 165 13.64 11.63 3.27
C ALA B 165 13.49 12.65 4.40
N ALA B 166 14.32 12.52 5.43
CA ALA B 166 14.21 13.34 6.63
C ALA B 166 14.17 14.83 6.34
N PRO B 167 13.29 15.55 7.04
CA PRO B 167 13.12 17.00 6.88
C PRO B 167 14.44 17.76 6.92
N GLN B 168 15.44 17.24 7.65
CA GLN B 168 16.76 17.87 7.66
C GLN B 168 17.47 17.72 6.31
N ASN B 169 17.15 16.65 5.59
CA ASN B 169 17.70 16.41 4.26
C ASN B 169 17.06 17.31 3.20
N VAL B 170 15.90 17.87 3.52
CA VAL B 170 15.18 18.69 2.55
C VAL B 170 15.61 20.13 2.64
N HIS B 171 15.86 20.75 1.50
CA HIS B 171 16.32 22.12 1.48
C HIS B 171 15.49 22.92 0.50
N ALA B 172 14.77 23.92 1.02
CA ALA B 172 13.86 24.70 0.21
C ALA B 172 13.37 25.88 1.01
N HIS B 173 13.79 27.07 0.60
CA HIS B 173 13.36 28.30 1.23
C HIS B 173 12.00 28.74 0.70
N ILE B 174 11.14 29.18 1.60
CA ILE B 174 10.11 30.13 1.25
C ILE B 174 10.71 31.49 1.59
N ILE B 175 10.45 32.49 0.74
CA ILE B 175 10.89 33.85 1.04
C ILE B 175 9.80 34.85 0.66
N GLY B 176 9.98 36.09 1.08
CA GLY B 176 8.98 37.11 0.86
C GLY B 176 8.43 37.63 2.18
N GLU B 177 7.21 38.16 2.13
CA GLU B 177 6.51 38.57 3.34
C GLU B 177 5.75 37.38 3.94
N HIS B 178 5.73 37.25 5.26
CA HIS B 178 5.03 36.12 5.90
C HIS B 178 3.51 36.20 5.76
N GLY B 179 3.01 35.82 4.59
CA GLY B 179 1.61 35.96 4.26
C GLY B 179 1.26 35.36 2.90
N ASP B 180 0.36 36.02 2.18
CA ASP B 180 -0.11 35.51 0.89
C ASP B 180 0.90 35.66 -0.27
N THR B 181 1.69 36.73 -0.26
CA THR B 181 2.63 37.01 -1.35
C THR B 181 3.99 36.31 -1.22
N GLU B 182 4.17 35.53 -0.15
CA GLU B 182 5.37 34.71 -0.03
C GLU B 182 5.48 33.82 -1.25
N LEU B 183 6.60 33.10 -1.36
CA LEU B 183 6.88 32.30 -2.56
C LEU B 183 8.02 31.32 -2.33
N PRO B 184 7.94 30.15 -2.96
CA PRO B 184 9.06 29.19 -2.88
C PRO B 184 10.25 29.71 -3.68
N VAL B 185 11.43 29.18 -3.41
CA VAL B 185 12.59 29.42 -4.24
C VAL B 185 12.96 28.12 -4.90
N TRP B 186 12.16 27.69 -5.87
CA TRP B 186 12.42 26.40 -6.56
C TRP B 186 13.80 26.37 -7.22
N SER B 187 14.29 27.52 -7.66
CA SER B 187 15.56 27.57 -8.38
C SER B 187 16.68 26.81 -7.67
N HIS B 188 16.66 26.77 -6.33
CA HIS B 188 17.70 26.06 -5.56
C HIS B 188 17.21 24.81 -4.82
N ALA B 189 15.91 24.71 -4.60
CA ALA B 189 15.34 23.59 -3.81
C ALA B 189 15.97 22.24 -4.15
N ASN B 190 16.16 21.40 -3.15
CA ASN B 190 16.92 20.17 -3.35
C ASN B 190 16.84 19.19 -2.20
N VAL B 191 16.55 17.94 -2.51
CA VAL B 191 16.76 16.85 -1.55
C VAL B 191 18.21 16.38 -1.65
N GLY B 192 18.83 16.11 -0.52
CA GLY B 192 20.20 15.61 -0.49
C GLY B 192 21.18 16.32 -1.41
N GLY B 193 20.84 17.53 -1.85
CA GLY B 193 21.66 18.26 -2.81
C GLY B 193 21.16 18.23 -4.25
N VAL B 194 20.35 17.23 -4.59
CA VAL B 194 19.81 17.15 -5.95
C VAL B 194 18.58 18.04 -6.14
N PRO B 195 18.61 18.90 -7.18
CA PRO B 195 17.54 19.87 -7.42
C PRO B 195 16.21 19.18 -7.62
N VAL B 196 15.13 19.83 -7.19
CA VAL B 196 13.79 19.27 -7.34
C VAL B 196 13.37 19.29 -8.80
N SER B 197 13.98 20.20 -9.57
CA SER B 197 13.79 20.18 -11.01
C SER B 197 14.30 18.85 -11.58
N GLU B 198 15.50 18.46 -11.17
CA GLU B 198 16.08 17.18 -11.57
C GLU B 198 15.28 15.98 -11.08
N LEU B 199 14.43 16.20 -10.07
CA LEU B 199 13.65 15.10 -9.50
C LEU B 199 12.33 14.83 -10.24
N VAL B 200 11.70 15.87 -10.77
CA VAL B 200 10.53 15.71 -11.62
C VAL B 200 10.93 15.61 -13.10
N GLU B 201 12.20 15.84 -13.39
CA GLU B 201 12.70 15.69 -14.75
C GLU B 201 12.34 14.30 -15.23
N LYS B 202 12.44 13.34 -14.30
CA LYS B 202 12.05 11.96 -14.55
C LYS B 202 10.53 11.82 -14.62
N ASN B 203 9.82 12.66 -13.87
CA ASN B 203 8.36 12.57 -13.73
C ASN B 203 7.63 13.90 -13.97
N ASP B 204 7.93 14.54 -15.09
CA ASP B 204 7.36 15.84 -15.50
C ASP B 204 6.29 16.51 -14.64
N ALA B 205 5.21 16.86 -15.32
CA ALA B 205 4.13 17.72 -14.83
C ALA B 205 3.09 17.04 -13.95
N TYR B 206 2.84 15.75 -14.16
CA TYR B 206 1.96 15.02 -13.25
C TYR B 206 2.49 15.25 -11.84
N LYS B 207 3.81 15.37 -11.73
CA LYS B 207 4.47 15.75 -10.49
C LYS B 207 4.47 17.28 -10.34
N GLN B 208 4.94 17.97 -11.37
CA GLN B 208 5.13 19.43 -11.31
C GLN B 208 3.84 20.24 -11.19
N GLU B 209 2.81 19.64 -10.61
CA GLU B 209 1.59 20.35 -10.26
C GLU B 209 1.16 19.82 -8.90
N GLU B 210 1.74 18.69 -8.52
CA GLU B 210 1.65 18.18 -7.16
C GLU B 210 2.42 19.12 -6.23
N LEU B 211 3.54 19.62 -6.74
CA LEU B 211 4.39 20.51 -5.96
C LEU B 211 3.69 21.85 -5.78
N ASP B 212 3.08 22.38 -6.83
CA ASP B 212 2.34 23.63 -6.73
C ASP B 212 1.26 23.50 -5.67
N GLN B 213 0.71 22.31 -5.56
CA GLN B 213 -0.30 22.01 -4.55
C GLN B 213 0.35 22.11 -3.18
N ILE B 214 1.54 21.52 -3.07
CA ILE B 214 2.30 21.59 -1.83
C ILE B 214 2.59 23.05 -1.47
N VAL B 215 2.74 23.90 -2.48
CA VAL B 215 3.00 25.31 -2.26
C VAL B 215 1.77 26.10 -1.83
N ASP B 216 0.63 25.86 -2.47
CA ASP B 216 -0.57 26.58 -2.08
C ASP B 216 -1.16 26.06 -0.76
N ASP B 217 -0.72 24.88 -0.34
CA ASP B 217 -0.98 24.41 1.02
C ASP B 217 -0.02 25.02 2.06
N VAL B 218 1.24 25.28 1.68
CA VAL B 218 2.14 26.02 2.55
C VAL B 218 1.54 27.40 2.74
N LYS B 219 1.03 27.93 1.63
CA LYS B 219 0.42 29.25 1.61
C LYS B 219 -0.98 29.24 2.24
N ASN B 220 -1.48 28.05 2.58
CA ASN B 220 -2.82 27.97 3.18
C ASN B 220 -2.89 27.24 4.52
N ALA B 221 -1.75 26.78 5.02
CA ALA B 221 -1.73 26.06 6.30
C ALA B 221 -2.32 26.91 7.43
N ALA B 222 -1.98 28.20 7.44
CA ALA B 222 -2.50 29.10 8.46
C ALA B 222 -4.00 28.94 8.57
N TYR B 223 -4.72 29.45 7.58
CA TYR B 223 -6.18 29.37 7.54
C TYR B 223 -6.70 27.93 7.75
N HIS B 224 -6.00 26.95 7.19
CA HIS B 224 -6.39 25.53 7.34
C HIS B 224 -6.46 25.06 8.79
N ILE B 225 -5.33 25.13 9.50
CA ILE B 225 -5.27 24.74 10.91
C ILE B 225 -6.20 25.61 11.75
N ILE B 226 -6.27 26.89 11.41
CA ILE B 226 -7.14 27.83 12.11
C ILE B 226 -8.62 27.46 11.96
N GLU B 227 -8.97 26.79 10.87
CA GLU B 227 -10.32 26.29 10.66
C GLU B 227 -10.52 24.97 11.40
N LYS B 228 -9.45 24.19 11.52
CA LYS B 228 -9.53 22.89 12.19
C LYS B 228 -9.56 22.98 13.71
N LYS B 229 -8.38 23.13 14.31
CA LYS B 229 -8.25 23.04 15.77
C LYS B 229 -8.51 24.34 16.51
N GLY B 230 -9.03 25.34 15.82
CA GLY B 230 -9.40 26.61 16.43
C GLY B 230 -8.33 27.68 16.46
N ALA B 231 -7.06 27.26 16.49
CA ALA B 231 -5.95 28.21 16.49
C ALA B 231 -4.64 27.51 16.16
N THR B 232 -3.69 28.26 15.63
CA THR B 232 -2.36 27.73 15.36
C THR B 232 -1.36 28.30 16.38
N TYR B 233 -0.38 27.50 16.79
CA TYR B 233 0.70 28.02 17.67
C TYR B 233 1.91 27.11 17.93
N TYR B 234 1.74 25.79 17.92
CA TYR B 234 2.89 24.89 18.13
C TYR B 234 3.98 25.10 17.10
N GLY B 235 3.56 25.44 15.88
CA GLY B 235 4.49 25.51 14.78
C GLY B 235 5.38 26.72 14.92
N VAL B 236 4.74 27.85 15.21
CA VAL B 236 5.49 29.08 15.32
C VAL B 236 6.45 28.93 16.52
N ALA B 237 6.00 28.24 17.57
CA ALA B 237 6.81 27.97 18.75
C ALA B 237 8.17 27.33 18.44
N MET B 238 8.14 26.29 17.62
CA MET B 238 9.33 25.56 17.22
C MET B 238 10.22 26.37 16.29
N SER B 239 9.66 27.42 15.72
CA SER B 239 10.41 28.32 14.87
C SER B 239 11.11 29.34 15.73
N LEU B 240 10.34 29.92 16.64
CA LEU B 240 10.86 30.87 17.61
C LEU B 240 11.95 30.23 18.51
N ALA B 241 11.83 28.93 18.77
CA ALA B 241 12.80 28.23 19.61
C ALA B 241 14.08 28.01 18.83
N ARG B 242 13.95 27.74 17.54
CA ARG B 242 15.10 27.42 16.74
C ARG B 242 15.93 28.70 16.57
N ILE B 243 15.24 29.80 16.31
CA ILE B 243 15.89 31.09 16.11
C ILE B 243 16.61 31.51 17.38
N THR B 244 15.89 31.45 18.51
CA THR B 244 16.41 31.76 19.83
C THR B 244 17.68 30.96 20.07
N LYS B 245 17.57 29.65 19.84
CA LYS B 245 18.69 28.75 20.01
C LYS B 245 19.93 29.16 19.20
N ALA B 246 19.71 29.68 17.99
CA ALA B 246 20.84 30.06 17.13
C ALA B 246 21.52 31.35 17.58
N ILE B 247 20.77 32.22 18.24
CA ILE B 247 21.28 33.48 18.77
C ILE B 247 21.91 33.35 20.18
N LEU B 248 21.39 32.43 21.00
CA LEU B 248 21.92 32.24 22.35
C LEU B 248 23.23 31.47 22.31
N HIS B 249 23.34 30.56 21.35
CA HIS B 249 24.50 29.70 21.25
C HIS B 249 25.46 30.11 20.14
N ASN B 250 25.21 31.28 19.53
CA ASN B 250 26.08 31.82 18.50
C ASN B 250 26.31 30.81 17.38
N GLU B 251 25.28 30.56 16.60
CA GLU B 251 25.31 29.45 15.66
C GLU B 251 25.94 29.78 14.31
N ASN B 252 25.69 30.98 13.81
CA ASN B 252 25.98 31.24 12.40
C ASN B 252 25.19 30.24 11.54
N SER B 253 23.93 30.00 11.95
CA SER B 253 22.99 29.16 11.23
C SER B 253 22.18 29.96 10.23
N ILE B 254 21.64 29.29 9.22
CA ILE B 254 20.83 29.97 8.20
C ILE B 254 19.32 29.75 8.39
N LEU B 255 18.58 30.85 8.45
CA LEU B 255 17.15 30.82 8.68
C LEU B 255 16.44 31.95 7.95
N THR B 256 15.42 31.60 7.20
CA THR B 256 14.59 32.56 6.51
C THR B 256 13.84 33.50 7.48
N VAL B 257 14.60 34.30 8.24
CA VAL B 257 14.01 35.26 9.17
C VAL B 257 13.77 36.62 8.50
N SER B 258 12.89 37.41 9.11
CA SER B 258 12.61 38.75 8.63
C SER B 258 13.79 39.66 8.98
N THR B 259 14.26 40.42 8.00
CA THR B 259 15.45 41.24 8.14
C THR B 259 15.42 42.50 7.29
N TYR B 260 16.21 43.49 7.70
CA TYR B 260 16.43 44.69 6.91
C TYR B 260 17.35 44.40 5.73
N LEU B 261 16.90 44.70 4.52
CA LEU B 261 17.76 44.56 3.33
C LEU B 261 18.21 45.95 2.86
N ASP B 262 19.51 46.10 2.63
CA ASP B 262 20.07 47.39 2.20
C ASP B 262 20.47 47.36 0.72
N GLY B 263 19.48 47.09 -0.14
CA GLY B 263 19.72 47.01 -1.56
C GLY B 263 19.42 45.64 -2.14
N GLN B 264 19.81 44.59 -1.43
CA GLN B 264 19.59 43.20 -1.86
C GLN B 264 18.21 42.92 -2.47
N TYR B 265 18.17 42.05 -3.47
CA TYR B 265 16.93 41.65 -4.13
C TYR B 265 16.13 42.81 -4.70
N GLY B 266 16.79 43.94 -4.97
CA GLY B 266 16.09 45.11 -5.46
C GLY B 266 15.17 45.74 -4.44
N ALA B 267 15.29 45.34 -3.18
CA ALA B 267 14.47 45.91 -2.12
C ALA B 267 15.31 46.70 -1.10
N ASP B 268 14.74 47.74 -0.52
CA ASP B 268 15.38 48.41 0.62
C ASP B 268 14.39 49.24 1.45
N ASP B 269 14.89 49.76 2.57
CA ASP B 269 14.07 50.30 3.65
C ASP B 269 12.86 49.43 4.00
N VAL B 270 13.09 48.13 4.11
CA VAL B 270 12.00 47.20 4.41
C VAL B 270 12.50 45.92 5.08
N TYR B 271 11.85 45.53 6.19
CA TYR B 271 12.04 44.18 6.73
C TYR B 271 11.13 43.24 5.95
N ILE B 272 11.70 42.10 5.57
CA ILE B 272 10.99 41.06 4.85
C ILE B 272 11.78 39.79 5.06
N GLY B 273 11.18 38.64 4.76
CA GLY B 273 11.78 37.36 5.08
C GLY B 273 12.65 36.73 4.01
N VAL B 274 13.94 36.62 4.32
CA VAL B 274 14.93 36.02 3.44
C VAL B 274 15.88 35.19 4.29
N PRO B 275 16.64 34.28 3.65
CA PRO B 275 17.64 33.48 4.36
C PRO B 275 18.72 34.39 4.93
N ALA B 276 19.11 34.15 6.18
CA ALA B 276 20.15 34.96 6.81
C ALA B 276 21.12 34.13 7.63
N VAL B 277 22.31 34.67 7.90
CA VAL B 277 23.21 34.05 8.87
C VAL B 277 22.90 34.71 10.20
N VAL B 278 22.58 33.88 11.20
CA VAL B 278 22.04 34.37 12.47
C VAL B 278 22.93 33.97 13.65
N ASN B 279 23.39 34.93 14.44
CA ASN B 279 24.16 34.59 15.64
C ASN B 279 23.97 35.47 16.89
N ARG B 280 24.88 35.37 17.85
CA ARG B 280 24.77 36.11 19.10
C ARG B 280 24.73 37.63 18.87
N GLY B 281 25.13 38.08 17.68
CA GLY B 281 24.99 39.48 17.33
C GLY B 281 23.70 39.83 16.59
N GLY B 282 22.85 38.84 16.35
CA GLY B 282 21.69 39.00 15.48
C GLY B 282 21.99 38.48 14.08
N ILE B 283 21.75 39.31 13.07
CA ILE B 283 22.08 38.96 11.69
C ILE B 283 23.56 39.20 11.35
N ALA B 284 24.30 38.11 11.11
CA ALA B 284 25.73 38.22 10.81
C ALA B 284 25.97 38.54 9.34
N GLY B 285 25.08 38.05 8.50
CA GLY B 285 25.17 38.28 7.07
C GLY B 285 23.83 38.09 6.40
N ILE B 286 23.73 38.52 5.15
CA ILE B 286 22.52 38.32 4.39
C ILE B 286 22.80 37.44 3.18
N THR B 287 22.21 36.24 3.22
CA THR B 287 22.37 35.22 2.18
C THR B 287 21.67 35.66 0.90
N GLU B 288 22.47 36.07 -0.09
CA GLU B 288 21.96 36.50 -1.39
C GLU B 288 21.96 35.38 -2.42
N LEU B 289 20.82 34.75 -2.65
CA LEU B 289 20.75 33.69 -3.65
C LEU B 289 20.42 34.22 -5.06
N ASN B 290 21.05 33.62 -6.06
CA ASN B 290 20.81 33.98 -7.46
C ASN B 290 19.43 33.49 -7.90
N LEU B 291 18.47 34.40 -7.87
CA LEU B 291 17.07 34.10 -8.21
C LEU B 291 16.80 34.20 -9.71
N ASN B 292 15.89 33.36 -10.20
CA ASN B 292 15.41 33.49 -11.58
C ASN B 292 14.49 34.71 -11.75
N GLU B 293 13.97 34.90 -12.96
CA GLU B 293 13.16 36.07 -13.27
C GLU B 293 11.82 36.09 -12.54
N LYS B 294 11.20 34.93 -12.39
CA LYS B 294 9.90 34.84 -11.75
C LYS B 294 10.04 35.14 -10.26
N GLU B 295 10.90 34.38 -9.60
CA GLU B 295 11.22 34.60 -8.19
C GLU B 295 11.57 36.06 -7.98
N LYS B 296 12.29 36.64 -8.95
CA LYS B 296 12.59 38.07 -8.92
C LYS B 296 11.30 38.88 -8.83
N GLU B 297 10.38 38.63 -9.76
CA GLU B 297 9.15 39.43 -9.86
C GLU B 297 8.23 39.31 -8.65
N GLN B 298 8.07 38.09 -8.14
CA GLN B 298 7.24 37.86 -6.97
C GLN B 298 7.83 38.54 -5.76
N PHE B 299 9.16 38.49 -5.64
CA PHE B 299 9.80 39.04 -4.45
C PHE B 299 9.58 40.53 -4.34
N LEU B 300 9.75 41.26 -5.43
CA LEU B 300 9.62 42.71 -5.39
C LEU B 300 8.19 43.12 -5.02
N HIS B 301 7.22 42.39 -5.56
CA HIS B 301 5.79 42.64 -5.33
C HIS B 301 5.41 42.43 -3.87
N SER B 302 5.93 41.36 -3.30
CA SER B 302 5.74 41.07 -1.89
C SER B 302 6.35 42.21 -1.09
N ALA B 303 7.48 42.70 -1.55
CA ALA B 303 8.08 43.89 -0.96
C ALA B 303 7.15 45.09 -1.14
N GLY B 304 6.44 45.13 -2.28
CA GLY B 304 5.49 46.19 -2.57
C GLY B 304 4.35 46.29 -1.58
N VAL B 305 3.81 45.14 -1.16
CA VAL B 305 2.73 45.11 -0.18
C VAL B 305 3.13 45.70 1.18
N LEU B 306 4.25 45.23 1.74
CA LEU B 306 4.74 45.73 3.02
C LEU B 306 4.99 47.24 2.97
N LYS B 307 5.74 47.68 1.97
CA LYS B 307 6.03 49.10 1.76
C LYS B 307 4.79 49.99 1.92
N ASN B 308 3.67 49.55 1.34
CA ASN B 308 2.42 50.29 1.41
C ASN B 308 1.89 50.42 2.83
N ILE B 309 1.72 49.27 3.48
CA ILE B 309 1.24 49.22 4.85
C ILE B 309 2.13 50.09 5.72
N LEU B 310 3.42 50.15 5.36
CA LEU B 310 4.39 50.94 6.10
C LEU B 310 4.21 52.44 5.88
N LYS B 311 3.84 52.82 4.66
CA LYS B 311 3.85 54.22 4.24
C LYS B 311 3.12 55.20 5.17
N PRO B 312 1.90 54.86 5.60
CA PRO B 312 1.17 55.74 6.53
C PRO B 312 1.94 56.03 7.83
N HIS B 313 3.12 55.43 8.00
CA HIS B 313 4.00 55.74 9.11
C HIS B 313 5.46 55.68 8.66
N PHE B 314 5.66 55.73 7.34
CA PHE B 314 7.00 55.71 6.75
C PHE B 314 7.66 57.07 6.87
N ALA B 315 6.84 58.13 6.94
CA ALA B 315 7.32 59.51 6.95
C ALA B 315 8.38 59.73 5.86
N HIS C 4 8.10 -1.90 15.58
CA HIS C 4 9.50 -2.13 15.88
C HIS C 4 10.06 -1.02 16.78
N VAL C 5 9.85 0.23 16.36
CA VAL C 5 10.34 1.39 17.09
C VAL C 5 9.33 1.91 18.12
N ASN C 6 9.83 2.68 19.08
CA ASN C 6 8.97 3.28 20.10
C ASN C 6 7.75 3.92 19.47
N LYS C 7 6.58 3.52 19.96
CA LYS C 7 5.32 4.11 19.52
C LYS C 7 4.39 4.35 20.71
N VAL C 8 3.84 5.55 20.77
CA VAL C 8 2.86 5.88 21.77
C VAL C 8 1.59 6.20 21.02
N ALA C 9 0.45 5.83 21.58
CA ALA C 9 -0.81 6.21 20.97
C ALA C 9 -1.58 7.01 21.99
N LEU C 10 -1.67 8.31 21.72
CA LEU C 10 -2.39 9.23 22.57
C LEU C 10 -3.86 9.26 22.18
N ILE C 11 -4.74 9.04 23.15
CA ILE C 11 -6.16 9.15 22.91
C ILE C 11 -6.72 10.30 23.74
N GLY C 12 -7.29 11.28 23.05
CA GLY C 12 -7.75 12.50 23.67
C GLY C 12 -6.77 13.65 23.43
N ALA C 13 -7.00 14.41 22.36
CA ALA C 13 -6.16 15.57 22.06
C ALA C 13 -6.69 16.92 22.58
N GLY C 14 -7.18 16.95 23.82
CA GLY C 14 -7.58 18.21 24.44
C GLY C 14 -6.39 19.13 24.73
N PHE C 15 -6.50 19.96 25.76
CA PHE C 15 -5.35 20.78 26.13
C PHE C 15 -4.23 19.91 26.73
N VAL C 16 -4.63 18.98 27.58
CA VAL C 16 -3.71 18.01 28.18
C VAL C 16 -3.02 17.08 27.17
N GLY C 17 -3.81 16.33 26.40
CA GLY C 17 -3.24 15.44 25.40
C GLY C 17 -2.39 16.19 24.38
N SER C 18 -2.86 17.37 23.98
CA SER C 18 -2.14 18.24 23.07
C SER C 18 -0.81 18.77 23.65
N SER C 19 -0.78 19.10 24.94
CA SER C 19 0.46 19.55 25.57
C SER C 19 1.50 18.41 25.74
N TYR C 20 1.01 17.24 26.13
CA TYR C 20 1.83 16.03 26.25
C TYR C 20 2.56 15.68 24.94
N ALA C 21 1.80 15.62 23.84
CA ALA C 21 2.35 15.39 22.51
C ALA C 21 3.50 16.37 22.22
N PHE C 22 3.26 17.66 22.47
CA PHE C 22 4.30 18.69 22.34
C PHE C 22 5.55 18.43 23.20
N ALA C 23 5.39 17.78 24.35
CA ALA C 23 6.54 17.50 25.22
C ALA C 23 7.44 16.40 24.64
N LEU C 24 6.85 15.30 24.19
CA LEU C 24 7.63 14.27 23.51
C LEU C 24 8.24 14.88 22.23
N ILE C 25 7.39 15.48 21.40
CA ILE C 25 7.84 16.13 20.17
C ILE C 25 8.96 17.14 20.42
N ASN C 26 9.07 17.60 21.66
CA ASN C 26 10.21 18.45 22.01
C ASN C 26 11.37 17.65 22.64
N GLN C 27 11.06 16.66 23.48
CA GLN C 27 12.13 15.88 24.13
C GLN C 27 12.59 14.65 23.34
N GLY C 28 11.88 14.31 22.25
CA GLY C 28 12.22 13.16 21.44
C GLY C 28 12.19 11.85 22.20
N ILE C 29 11.24 11.73 23.12
CA ILE C 29 11.16 10.54 23.94
C ILE C 29 10.78 9.33 23.09
N THR C 30 9.95 9.57 22.08
CA THR C 30 9.39 8.50 21.29
C THR C 30 9.84 8.59 19.84
N ASP C 31 9.65 7.49 19.11
CA ASP C 31 9.93 7.48 17.68
C ASP C 31 8.71 7.93 16.89
N GLU C 32 7.56 7.35 17.22
CA GLU C 32 6.31 7.75 16.57
C GLU C 32 5.21 7.93 17.59
N LEU C 33 4.25 8.78 17.26
CA LEU C 33 3.05 8.93 18.06
C LEU C 33 1.81 9.02 17.17
N VAL C 34 0.73 8.37 17.57
CA VAL C 34 -0.50 8.50 16.82
C VAL C 34 -1.56 9.21 17.66
N VAL C 35 -2.26 10.16 17.04
CA VAL C 35 -3.20 10.98 17.78
C VAL C 35 -4.64 10.63 17.42
N ILE C 36 -5.33 10.05 18.41
CA ILE C 36 -6.68 9.55 18.25
C ILE C 36 -7.66 10.37 19.08
N ASP C 37 -8.64 10.98 18.42
CA ASP C 37 -9.63 11.77 19.14
C ASP C 37 -11.03 11.70 18.52
N VAL C 38 -12.03 11.64 19.41
CA VAL C 38 -13.44 11.71 19.06
C VAL C 38 -13.74 12.92 18.16
N ASN C 39 -12.77 13.81 18.05
CA ASN C 39 -12.89 15.02 17.27
C ASN C 39 -11.77 15.13 16.22
N LYS C 40 -12.09 14.84 14.96
CA LYS C 40 -11.09 14.79 13.89
C LYS C 40 -10.50 16.15 13.53
N GLU C 41 -11.33 17.18 13.54
CA GLU C 41 -10.87 18.48 13.07
C GLU C 41 -10.01 19.17 14.12
N LYS C 42 -10.11 18.71 15.37
CA LYS C 42 -9.16 19.13 16.38
C LYS C 42 -7.88 18.29 16.32
N ALA C 43 -8.03 16.96 16.27
CA ALA C 43 -6.86 16.09 16.33
C ALA C 43 -5.97 16.22 15.10
N MET C 44 -6.58 16.43 13.95
CA MET C 44 -5.81 16.59 12.72
C MET C 44 -5.05 17.90 12.74
N GLY C 45 -5.71 18.97 13.19
CA GLY C 45 -5.06 20.26 13.34
C GLY C 45 -3.83 20.09 14.20
N ASP C 46 -4.01 19.45 15.36
CA ASP C 46 -2.92 19.10 16.26
C ASP C 46 -1.78 18.41 15.53
N VAL C 47 -2.13 17.36 14.79
CA VAL C 47 -1.14 16.54 14.09
C VAL C 47 -0.32 17.39 13.12
N MET C 48 -1.01 18.22 12.34
CA MET C 48 -0.34 19.07 11.36
C MET C 48 0.47 20.19 12.02
N ASP C 49 0.00 20.69 13.16
CA ASP C 49 0.74 21.73 13.84
C ASP C 49 2.07 21.20 14.40
N LEU C 50 2.09 19.95 14.87
CA LEU C 50 3.31 19.33 15.36
C LEU C 50 4.33 19.10 14.23
N ASN C 51 4.00 18.17 13.33
CA ASN C 51 4.85 17.80 12.19
C ASN C 51 5.47 18.97 11.44
N HIS C 52 4.81 20.12 11.45
CA HIS C 52 5.29 21.28 10.71
C HIS C 52 6.61 21.80 11.28
N GLY C 53 6.80 21.67 12.59
CA GLY C 53 8.02 22.09 13.24
C GLY C 53 9.13 21.03 13.24
N LYS C 54 8.83 19.89 12.61
CA LYS C 54 9.72 18.75 12.58
C LYS C 54 11.11 19.09 12.01
N ALA C 55 11.14 19.90 10.97
CA ALA C 55 12.41 20.32 10.38
C ALA C 55 13.32 20.97 11.42
N PHE C 56 12.72 21.72 12.34
CA PHE C 56 13.50 22.46 13.34
C PHE C 56 13.55 21.78 14.72
N ALA C 57 13.25 20.50 14.79
CA ALA C 57 13.15 19.79 16.07
C ALA C 57 14.33 18.85 16.35
N PRO C 58 14.60 18.62 17.66
CA PRO C 58 15.71 17.83 18.22
C PRO C 58 15.81 16.39 17.73
N GLN C 59 14.81 15.57 18.06
CA GLN C 59 14.73 14.20 17.58
C GLN C 59 13.59 14.14 16.58
N PRO C 60 13.84 13.56 15.40
CA PRO C 60 12.74 13.43 14.44
C PRO C 60 11.65 12.49 14.96
N VAL C 61 10.54 13.06 15.43
CA VAL C 61 9.37 12.28 15.78
C VAL C 61 8.32 12.33 14.65
N LYS C 62 7.85 11.17 14.21
CA LYS C 62 6.77 11.11 13.21
C LYS C 62 5.40 11.05 13.89
N THR C 63 4.58 12.06 13.65
CA THR C 63 3.24 12.15 14.24
C THR C 63 2.13 11.93 13.20
N SER C 64 1.05 11.24 13.59
CA SER C 64 -0.06 11.03 12.67
C SER C 64 -1.43 10.89 13.33
N TYR C 65 -2.45 11.36 12.63
CA TYR C 65 -3.83 11.17 13.05
C TYR C 65 -4.22 9.73 12.77
N GLY C 66 -5.14 9.19 13.57
CA GLY C 66 -5.57 7.80 13.40
C GLY C 66 -6.72 7.44 14.32
N THR C 67 -7.07 6.17 14.34
CA THR C 67 -8.05 5.69 15.29
C THR C 67 -7.55 4.45 15.99
N TYR C 68 -8.42 3.86 16.81
CA TYR C 68 -8.10 2.68 17.61
C TYR C 68 -7.22 1.65 16.89
N GLU C 69 -7.63 1.22 15.70
CA GLU C 69 -6.91 0.19 14.96
C GLU C 69 -5.40 0.41 14.98
N ASP C 70 -4.99 1.67 15.04
CA ASP C 70 -3.57 2.03 15.01
C ASP C 70 -2.79 1.64 16.29
N CYS C 71 -3.51 1.33 17.37
CA CYS C 71 -2.86 0.98 18.63
C CYS C 71 -2.22 -0.40 18.62
N LYS C 72 -2.72 -1.26 17.74
CA LYS C 72 -2.34 -2.67 17.70
C LYS C 72 -0.90 -2.91 18.15
N ASP C 73 0.05 -2.18 17.56
CA ASP C 73 1.46 -2.36 17.91
C ASP C 73 2.06 -1.30 18.85
N ALA C 74 1.22 -0.41 19.38
CA ALA C 74 1.68 0.62 20.30
C ALA C 74 2.25 0.03 21.59
N ASP C 75 3.42 0.52 21.99
CA ASP C 75 4.04 0.12 23.25
C ASP C 75 3.33 0.78 24.43
N ILE C 76 2.54 1.81 24.15
CA ILE C 76 1.86 2.58 25.17
C ILE C 76 0.62 3.27 24.61
N VAL C 77 -0.53 3.02 25.22
CA VAL C 77 -1.69 3.87 25.01
C VAL C 77 -1.78 4.84 26.16
N CYS C 78 -1.74 6.12 25.86
CA CYS C 78 -1.91 7.15 26.88
C CYS C 78 -3.28 7.81 26.78
N ILE C 79 -4.11 7.61 27.79
CA ILE C 79 -5.47 8.14 27.78
C ILE C 79 -5.59 9.44 28.55
N CYS C 80 -6.07 10.48 27.86
CA CYS C 80 -6.33 11.78 28.46
C CYS C 80 -7.66 12.24 27.92
N ALA C 81 -8.54 11.29 27.67
CA ALA C 81 -9.85 11.60 27.12
C ALA C 81 -10.90 11.53 28.21
N GLY C 82 -11.73 12.56 28.30
CA GLY C 82 -12.80 12.59 29.28
C GLY C 82 -13.90 13.51 28.80
N ARG C 91 -22.54 19.42 37.73
CA ARG C 91 -23.87 18.81 37.68
C ARG C 91 -23.78 17.34 38.08
N LEU C 92 -24.51 16.49 37.35
CA LEU C 92 -24.51 15.05 37.60
C LEU C 92 -23.08 14.50 37.55
N GLU C 93 -22.92 13.23 37.92
CA GLU C 93 -21.60 12.69 38.25
C GLU C 93 -20.60 12.60 37.09
N LEU C 94 -19.44 13.20 37.31
CA LEU C 94 -18.33 13.14 36.38
C LEU C 94 -17.83 11.71 36.27
N VAL C 95 -17.72 11.06 37.43
CA VAL C 95 -17.19 9.71 37.50
C VAL C 95 -17.99 8.72 36.68
N GLU C 96 -19.30 8.70 36.87
CA GLU C 96 -20.17 7.77 36.15
C GLU C 96 -20.03 7.93 34.64
N LYS C 97 -19.88 9.17 34.20
CA LYS C 97 -19.69 9.47 32.79
C LYS C 97 -18.42 8.81 32.24
N ASN C 98 -17.27 9.24 32.73
CA ASN C 98 -15.96 8.77 32.26
C ASN C 98 -15.78 7.26 32.41
N LEU C 99 -16.45 6.67 33.39
CA LEU C 99 -16.47 5.22 33.53
C LEU C 99 -17.03 4.64 32.24
N LYS C 100 -18.14 5.20 31.80
CA LYS C 100 -18.78 4.88 30.52
C LYS C 100 -17.81 5.11 29.36
N ILE C 101 -17.11 6.25 29.39
CA ILE C 101 -16.21 6.63 28.31
C ILE C 101 -15.01 5.70 28.20
N PHE C 102 -14.42 5.37 29.34
CA PHE C 102 -13.27 4.47 29.34
C PHE C 102 -13.66 3.08 28.86
N LYS C 103 -14.78 2.59 29.40
CA LYS C 103 -15.27 1.26 29.07
C LYS C 103 -15.16 1.01 27.57
N GLY C 104 -15.61 1.99 26.78
CA GLY C 104 -15.54 1.91 25.32
C GLY C 104 -14.15 2.11 24.75
N ILE C 105 -13.53 3.24 25.09
CA ILE C 105 -12.14 3.51 24.69
C ILE C 105 -11.24 2.29 24.94
N VAL C 106 -11.26 1.79 26.17
CA VAL C 106 -10.48 0.63 26.56
C VAL C 106 -10.94 -0.61 25.79
N SER C 107 -12.25 -0.75 25.68
CA SER C 107 -12.89 -1.85 24.95
C SER C 107 -12.28 -2.03 23.56
N GLU C 108 -12.25 -0.94 22.80
CA GLU C 108 -11.75 -0.96 21.45
C GLU C 108 -10.26 -1.34 21.38
N VAL C 109 -9.41 -0.66 22.14
CA VAL C 109 -7.99 -0.93 21.99
C VAL C 109 -7.65 -2.35 22.46
N MET C 110 -8.46 -2.90 23.34
CA MET C 110 -8.29 -4.31 23.70
C MET C 110 -8.53 -5.16 22.46
N ALA C 111 -9.61 -4.84 21.74
CA ALA C 111 -10.00 -5.62 20.56
C ALA C 111 -9.14 -5.28 19.35
N SER C 112 -8.26 -4.30 19.51
CA SER C 112 -7.37 -3.86 18.45
C SER C 112 -6.19 -4.82 18.38
N GLY C 113 -5.99 -5.55 19.46
CA GLY C 113 -4.86 -6.44 19.55
C GLY C 113 -3.75 -5.87 20.41
N PHE C 114 -3.82 -4.56 20.66
CA PHE C 114 -2.87 -3.87 21.52
C PHE C 114 -2.55 -4.71 22.74
N ASP C 115 -1.27 -4.89 22.99
CA ASP C 115 -0.80 -5.76 24.06
C ASP C 115 0.37 -5.12 24.81
N GLY C 116 0.34 -3.78 24.87
CA GLY C 116 1.41 -3.01 25.49
C GLY C 116 1.08 -2.46 26.88
N ILE C 117 1.15 -1.14 27.03
CA ILE C 117 0.94 -0.52 28.34
C ILE C 117 0.04 0.72 28.32
N PHE C 118 -0.96 0.70 29.21
CA PHE C 118 -1.87 1.83 29.40
C PHE C 118 -1.31 2.85 30.37
N LEU C 119 -1.38 4.11 29.97
CA LEU C 119 -1.12 5.23 30.86
C LEU C 119 -2.37 6.11 30.86
N VAL C 120 -2.99 6.22 32.02
CA VAL C 120 -4.17 7.05 32.17
C VAL C 120 -3.77 8.39 32.75
N ALA C 121 -4.51 9.44 32.41
CA ALA C 121 -4.27 10.76 32.96
C ALA C 121 -5.59 11.40 33.44
N THR C 122 -6.66 11.12 32.70
CA THR C 122 -7.99 11.70 32.98
C THR C 122 -8.39 11.55 34.46
N ASN C 123 -8.96 12.60 35.04
CA ASN C 123 -9.40 12.58 36.43
C ASN C 123 -10.83 12.04 36.62
N PRO C 124 -11.11 11.36 37.76
CA PRO C 124 -10.20 11.04 38.88
C PRO C 124 -9.20 9.98 38.44
N VAL C 125 -7.92 10.32 38.49
CA VAL C 125 -6.92 9.51 37.81
C VAL C 125 -6.80 8.12 38.42
N ASP C 126 -7.01 8.03 39.73
CA ASP C 126 -6.88 6.76 40.43
C ASP C 126 -8.03 5.79 40.14
N ILE C 127 -9.27 6.32 40.16
CA ILE C 127 -10.46 5.53 39.80
C ILE C 127 -10.38 4.97 38.36
N LEU C 128 -10.09 5.85 37.41
CA LEU C 128 -10.03 5.48 36.00
C LEU C 128 -8.88 4.54 35.71
N THR C 129 -7.79 4.67 36.45
CA THR C 129 -6.75 3.66 36.38
C THR C 129 -7.28 2.36 36.96
N TYR C 130 -8.12 2.45 37.99
CA TYR C 130 -8.74 1.27 38.56
C TYR C 130 -9.70 0.66 37.53
N ALA C 131 -10.56 1.49 36.98
CA ALA C 131 -11.54 1.07 36.00
C ALA C 131 -10.85 0.59 34.74
N THR C 132 -9.93 1.40 34.22
CA THR C 132 -9.14 0.99 33.09
C THR C 132 -8.78 -0.46 33.32
N TRP C 133 -8.03 -0.69 34.39
CA TRP C 133 -7.56 -2.02 34.71
C TRP C 133 -8.69 -3.04 34.70
N LYS C 134 -9.83 -2.68 35.29
CA LYS C 134 -11.00 -3.56 35.35
C LYS C 134 -11.50 -3.99 33.96
N PHE C 135 -11.69 -3.02 33.07
CA PHE C 135 -12.14 -3.31 31.71
C PHE C 135 -11.12 -4.11 30.92
N SER C 136 -9.85 -3.95 31.29
CA SER C 136 -8.77 -4.46 30.44
C SER C 136 -8.46 -5.94 30.62
N GLY C 137 -8.40 -6.40 31.87
CA GLY C 137 -7.96 -7.75 32.15
C GLY C 137 -6.46 -7.97 31.91
N LEU C 138 -5.74 -6.89 31.62
CA LEU C 138 -4.28 -6.96 31.55
C LEU C 138 -3.75 -7.07 32.97
N PRO C 139 -2.58 -7.69 33.14
CA PRO C 139 -1.98 -7.75 34.48
C PRO C 139 -1.90 -6.35 35.06
N LYS C 140 -2.13 -6.22 36.37
CA LYS C 140 -2.21 -4.92 37.03
C LYS C 140 -0.93 -4.09 36.93
N GLU C 141 0.18 -4.75 36.65
CA GLU C 141 1.46 -4.05 36.61
C GLU C 141 1.59 -3.22 35.34
N ARG C 142 0.71 -3.50 34.37
CA ARG C 142 0.71 -2.80 33.08
C ARG C 142 -0.38 -1.71 32.99
N VAL C 143 -0.92 -1.30 34.13
CA VAL C 143 -1.94 -0.27 34.16
C VAL C 143 -1.58 0.79 35.19
N ILE C 144 -1.25 1.98 34.68
CA ILE C 144 -0.55 2.99 35.44
C ILE C 144 -1.21 4.34 35.26
N GLY C 145 -1.46 5.04 36.36
CA GLY C 145 -1.98 6.38 36.31
C GLY C 145 -0.89 7.38 36.65
N SER C 146 -1.07 8.63 36.22
CA SER C 146 -0.14 9.69 36.52
C SER C 146 -0.07 9.96 38.03
N GLY C 147 -0.83 9.16 38.78
CA GLY C 147 -0.79 9.17 40.23
C GLY C 147 -0.59 10.53 40.85
N THR C 148 0.31 10.58 41.83
CA THR C 148 0.65 11.81 42.53
C THR C 148 1.92 12.45 41.98
N THR C 149 2.37 12.03 40.81
CA THR C 149 3.66 12.53 40.33
C THR C 149 3.67 14.03 40.03
N LEU C 150 2.54 14.56 39.55
CA LEU C 150 2.39 15.99 39.37
C LEU C 150 2.32 16.75 40.71
N ASP C 151 1.85 16.09 41.76
CA ASP C 151 1.79 16.73 43.07
C ASP C 151 3.21 16.83 43.67
N SER C 152 3.89 15.69 43.71
CA SER C 152 5.28 15.60 44.14
C SER C 152 6.20 16.57 43.42
N ALA C 153 5.96 16.80 42.13
CA ALA C 153 6.77 17.72 41.34
C ALA C 153 6.49 19.17 41.74
N ARG C 154 5.22 19.48 41.99
CA ARG C 154 4.84 20.81 42.42
C ARG C 154 5.48 21.09 43.77
N PHE C 155 5.47 20.06 44.61
CA PHE C 155 6.01 20.10 45.96
C PHE C 155 7.50 20.36 45.91
N ARG C 156 8.16 19.80 44.89
CA ARG C 156 9.61 19.85 44.79
C ARG C 156 10.09 21.17 44.19
N PHE C 157 9.36 21.71 43.22
CA PHE C 157 9.65 23.07 42.77
C PHE C 157 9.53 24.03 43.94
N MET C 158 8.55 23.78 44.82
CA MET C 158 8.23 24.72 45.89
C MET C 158 9.26 24.74 47.01
N LEU C 159 9.61 23.55 47.51
CA LEU C 159 10.74 23.43 48.43
C LEU C 159 12.02 23.92 47.80
N SER C 160 12.16 23.75 46.48
CA SER C 160 13.38 24.19 45.81
C SER C 160 13.49 25.72 45.86
N GLU C 161 12.34 26.37 45.68
CA GLU C 161 12.27 27.82 45.81
C GLU C 161 12.43 28.21 47.27
N TYR C 162 12.16 27.26 48.16
CA TYR C 162 12.30 27.55 49.57
C TYR C 162 13.74 27.40 50.06
N PHE C 163 14.37 26.27 49.77
CA PHE C 163 15.68 25.97 50.35
C PHE C 163 16.91 26.35 49.54
N GLY C 164 16.74 27.04 48.42
CA GLY C 164 17.85 27.41 47.57
C GLY C 164 18.60 26.30 46.84
N ALA C 165 18.06 25.08 46.88
CA ALA C 165 18.64 23.94 46.15
C ALA C 165 17.78 23.56 44.92
N ALA C 166 18.39 22.87 43.95
CA ALA C 166 17.66 22.54 42.72
C ALA C 166 16.61 21.45 42.90
N PRO C 167 15.53 21.55 42.11
CA PRO C 167 14.46 20.56 42.18
C PRO C 167 15.00 19.13 42.04
N GLN C 168 16.05 18.95 41.25
CA GLN C 168 16.63 17.62 41.09
C GLN C 168 17.25 17.11 42.40
N ASN C 169 17.61 18.02 43.30
CA ASN C 169 18.19 17.67 44.60
C ASN C 169 17.26 17.80 45.81
N VAL C 170 16.01 18.20 45.59
CA VAL C 170 14.99 18.17 46.63
C VAL C 170 14.17 16.88 46.54
N HIS C 171 14.28 16.03 47.55
CA HIS C 171 13.58 14.74 47.53
C HIS C 171 12.38 14.76 48.47
N ALA C 172 11.19 14.54 47.91
CA ALA C 172 9.96 14.58 48.70
C ALA C 172 8.76 13.99 47.95
N HIS C 173 8.06 13.10 48.62
CA HIS C 173 6.92 12.44 48.00
C HIS C 173 5.60 13.02 48.48
N ILE C 174 4.66 13.18 47.54
CA ILE C 174 3.24 13.22 47.87
C ILE C 174 2.66 11.84 47.55
N ILE C 175 1.83 11.32 48.44
CA ILE C 175 1.25 10.01 48.23
C ILE C 175 -0.24 10.00 48.54
N GLY C 176 -0.87 8.86 48.28
CA GLY C 176 -2.32 8.77 48.42
C GLY C 176 -3.02 9.15 47.14
N GLU C 177 -4.32 9.42 47.27
CA GLU C 177 -5.15 9.84 46.15
C GLU C 177 -4.64 11.12 45.53
N HIS C 178 -4.65 11.22 44.20
CA HIS C 178 -4.46 12.52 43.58
C HIS C 178 -5.74 13.31 43.78
N GLY C 179 -5.67 14.34 44.62
CA GLY C 179 -6.85 15.10 44.98
C GLY C 179 -6.63 15.94 46.22
N ASP C 180 -7.57 15.88 47.15
CA ASP C 180 -7.51 16.78 48.31
C ASP C 180 -7.32 16.07 49.66
N THR C 181 -7.22 14.74 49.63
CA THR C 181 -6.75 13.97 50.77
C THR C 181 -5.32 13.44 50.52
N GLU C 182 -4.54 14.19 49.73
CA GLU C 182 -3.14 13.85 49.47
C GLU C 182 -2.26 14.28 50.65
N LEU C 183 -1.27 13.46 50.97
CA LEU C 183 -0.38 13.73 52.10
C LEU C 183 1.09 13.81 51.71
N PRO C 184 1.82 14.78 52.27
CA PRO C 184 3.28 14.77 52.15
C PRO C 184 3.92 13.66 52.98
N VAL C 185 5.10 13.17 52.58
CA VAL C 185 5.83 12.21 53.39
C VAL C 185 7.05 12.89 54.06
N TRP C 186 6.77 13.80 54.99
CA TRP C 186 7.81 14.64 55.60
C TRP C 186 8.93 13.84 56.26
N SER C 187 8.53 12.74 56.91
CA SER C 187 9.46 11.86 57.60
C SER C 187 10.63 11.43 56.72
N HIS C 188 10.52 11.64 55.41
CA HIS C 188 11.62 11.28 54.51
C HIS C 188 11.98 12.39 53.52
N ALA C 189 11.29 13.51 53.63
CA ALA C 189 11.63 14.67 52.82
C ALA C 189 13.01 15.20 53.22
N ASN C 190 13.84 15.47 52.22
CA ASN C 190 15.22 15.87 52.48
C ASN C 190 15.82 16.63 51.30
N VAL C 191 16.78 17.49 51.61
CA VAL C 191 17.46 18.30 50.62
C VAL C 191 18.93 17.92 50.65
N GLY C 192 19.45 17.43 49.53
CA GLY C 192 20.83 16.99 49.44
C GLY C 192 21.14 15.84 50.38
N GLY C 193 20.11 15.20 50.90
CA GLY C 193 20.31 14.17 51.91
C GLY C 193 19.99 14.63 53.33
N VAL C 194 20.00 15.94 53.56
CA VAL C 194 19.66 16.44 54.90
C VAL C 194 18.17 16.69 55.08
N PRO C 195 17.60 16.14 56.16
CA PRO C 195 16.15 16.18 56.40
C PRO C 195 15.67 17.61 56.53
N VAL C 196 14.40 17.85 56.18
CA VAL C 196 13.83 19.18 56.31
C VAL C 196 13.72 19.57 57.78
N SER C 197 13.56 18.55 58.63
CA SER C 197 13.54 18.71 60.09
C SER C 197 14.76 19.49 60.54
N GLU C 198 15.93 19.01 60.16
CA GLU C 198 17.18 19.70 60.46
C GLU C 198 17.21 21.11 59.89
N LEU C 199 16.79 21.28 58.64
CA LEU C 199 16.84 22.60 58.03
C LEU C 199 15.93 23.59 58.75
N VAL C 200 14.90 23.12 59.44
CA VAL C 200 14.08 24.03 60.23
C VAL C 200 14.67 24.28 61.62
N GLU C 201 15.66 23.47 62.00
CA GLU C 201 16.51 23.76 63.15
C GLU C 201 17.47 24.92 62.87
N LYS C 202 17.53 25.34 61.61
CA LYS C 202 18.20 26.59 61.26
C LYS C 202 17.15 27.68 61.15
N ASN C 203 17.06 28.33 59.98
CA ASN C 203 15.99 29.28 59.75
C ASN C 203 15.88 30.23 60.92
N ASP C 204 14.68 30.77 61.11
CA ASP C 204 14.40 31.61 62.27
C ASP C 204 12.92 31.47 62.60
N ALA C 205 12.32 32.57 63.03
CA ALA C 205 10.88 32.64 63.11
C ALA C 205 10.37 32.34 61.71
N TYR C 206 9.38 31.46 61.62
CA TYR C 206 8.82 31.05 60.34
C TYR C 206 9.65 29.99 59.61
N LYS C 207 9.25 28.85 59.70
CA LYS C 207 9.70 27.55 59.21
C LYS C 207 8.47 26.75 58.79
N GLN C 208 8.43 25.77 59.89
CA GLN C 208 7.40 24.75 59.72
C GLN C 208 6.04 25.34 59.34
N GLU C 209 5.76 26.56 59.81
CA GLU C 209 4.48 27.20 59.52
C GLU C 209 4.29 27.50 58.03
N GLU C 210 5.34 28.03 57.41
CA GLU C 210 5.29 28.33 55.99
C GLU C 210 5.46 27.05 55.14
N LEU C 211 6.11 26.04 55.70
CA LEU C 211 6.21 24.76 55.02
C LEU C 211 4.82 24.13 54.83
N ASP C 212 3.97 24.25 55.85
CA ASP C 212 2.61 23.75 55.77
C ASP C 212 1.79 24.59 54.80
N GLN C 213 2.19 25.84 54.62
CA GLN C 213 1.57 26.63 53.58
C GLN C 213 1.97 26.04 52.22
N ILE C 214 3.25 25.71 52.07
CA ILE C 214 3.72 25.11 50.84
C ILE C 214 2.90 23.86 50.53
N VAL C 215 2.65 23.05 51.55
CA VAL C 215 1.87 21.83 51.38
C VAL C 215 0.40 22.12 51.12
N ASP C 216 -0.10 23.20 51.71
CA ASP C 216 -1.45 23.68 51.44
C ASP C 216 -1.55 24.25 50.02
N ASP C 217 -0.43 24.76 49.50
CA ASP C 217 -0.39 25.29 48.13
C ASP C 217 -0.30 24.19 47.08
N VAL C 218 0.25 23.04 47.45
CA VAL C 218 0.32 21.88 46.55
C VAL C 218 -1.05 21.23 46.37
N LYS C 219 -1.85 21.23 47.43
CA LYS C 219 -3.23 20.76 47.30
C LYS C 219 -4.01 21.66 46.33
N ASN C 220 -3.64 22.93 46.32
CA ASN C 220 -4.42 24.00 45.67
C ASN C 220 -3.98 24.46 44.29
N ALA C 221 -2.80 24.04 43.85
CA ALA C 221 -2.19 24.63 42.66
C ALA C 221 -3.11 24.56 41.43
N ALA C 222 -3.70 23.39 41.23
CA ALA C 222 -4.65 23.19 40.15
C ALA C 222 -5.73 24.28 40.21
N TYR C 223 -6.51 24.26 41.28
CA TYR C 223 -7.52 25.28 41.57
C TYR C 223 -7.02 26.71 41.30
N HIS C 224 -5.73 26.96 41.58
CA HIS C 224 -5.14 28.30 41.42
C HIS C 224 -4.81 28.69 39.97
N ILE C 225 -4.26 27.74 39.22
CA ILE C 225 -3.97 27.93 37.80
C ILE C 225 -5.26 28.11 36.98
N ILE C 226 -6.27 27.30 37.30
CA ILE C 226 -7.58 27.43 36.66
C ILE C 226 -8.20 28.81 36.90
N GLU C 227 -8.23 29.26 38.16
CA GLU C 227 -8.69 30.63 38.48
C GLU C 227 -8.08 31.63 37.51
N LYS C 228 -6.88 31.32 37.06
CA LYS C 228 -6.07 32.24 36.28
C LYS C 228 -6.08 31.98 34.78
N LYS C 229 -6.18 30.71 34.38
CA LYS C 229 -6.14 30.35 32.96
C LYS C 229 -7.04 29.16 32.58
N GLY C 230 -8.19 29.04 33.26
CA GLY C 230 -9.24 28.11 32.85
C GLY C 230 -8.89 26.63 32.78
N ALA C 231 -7.60 26.33 32.69
CA ALA C 231 -7.17 24.94 32.71
C ALA C 231 -5.71 24.80 33.09
N THR C 232 -5.38 23.62 33.59
CA THR C 232 -4.02 23.22 33.93
C THR C 232 -3.57 22.21 32.90
N TYR C 233 -2.42 22.42 32.27
CA TYR C 233 -1.95 21.42 31.32
C TYR C 233 -0.43 21.17 31.21
N TYR C 234 0.39 22.19 31.42
CA TYR C 234 1.85 21.99 31.27
C TYR C 234 2.47 20.93 32.20
N GLY C 235 2.18 21.03 33.49
CA GLY C 235 2.80 20.16 34.47
C GLY C 235 2.44 18.70 34.26
N VAL C 236 1.17 18.43 33.99
CA VAL C 236 0.75 17.05 33.69
C VAL C 236 1.41 16.54 32.41
N ALA C 237 1.42 17.37 31.37
CA ALA C 237 2.18 17.02 30.18
C ALA C 237 3.58 16.52 30.60
N MET C 238 4.26 17.28 31.46
CA MET C 238 5.62 16.96 31.93
C MET C 238 5.69 15.75 32.86
N SER C 239 4.67 15.56 33.68
CA SER C 239 4.56 14.29 34.40
C SER C 239 4.46 13.12 33.41
N LEU C 240 3.37 13.08 32.65
CA LEU C 240 3.12 11.99 31.69
C LEU C 240 4.34 11.74 30.82
N ALA C 241 4.92 12.83 30.31
CA ALA C 241 6.12 12.73 29.50
C ALA C 241 7.29 12.01 30.19
N ARG C 242 7.39 12.14 31.52
CA ARG C 242 8.47 11.46 32.27
C ARG C 242 8.18 9.98 32.58
N ILE C 243 6.94 9.67 32.93
CA ILE C 243 6.58 8.26 33.09
C ILE C 243 6.83 7.52 31.76
N THR C 244 6.28 8.07 30.68
CA THR C 244 6.47 7.52 29.33
C THR C 244 7.93 7.25 29.03
N LYS C 245 8.78 8.16 29.50
CA LYS C 245 10.22 8.02 29.31
C LYS C 245 10.75 6.81 30.08
N ALA C 246 10.48 6.77 31.38
CA ALA C 246 10.88 5.66 32.23
C ALA C 246 10.46 4.31 31.63
N ILE C 247 9.28 4.29 31.02
CA ILE C 247 8.70 3.07 30.46
C ILE C 247 9.41 2.63 29.19
N LEU C 248 9.47 3.52 28.21
CA LEU C 248 10.02 3.19 26.90
C LEU C 248 11.50 2.80 26.97
N HIS C 249 12.28 3.54 27.77
CA HIS C 249 13.70 3.25 27.87
C HIS C 249 14.06 2.47 29.13
N ASN C 250 13.05 1.85 29.75
CA ASN C 250 13.28 0.87 30.81
C ASN C 250 14.27 1.32 31.90
N GLU C 251 14.04 2.52 32.46
CA GLU C 251 15.01 3.15 33.35
C GLU C 251 14.99 2.71 34.79
N ASN C 252 13.96 1.98 35.21
CA ASN C 252 13.75 1.70 36.62
C ASN C 252 13.68 3.01 37.42
N SER C 253 12.60 3.74 37.24
CA SER C 253 12.44 5.03 37.90
C SER C 253 11.41 4.96 39.01
N ILE C 254 11.83 5.33 40.21
CA ILE C 254 10.88 5.54 41.29
C ILE C 254 10.07 6.81 41.01
N LEU C 255 8.77 6.64 40.80
CA LEU C 255 7.84 7.76 40.60
C LEU C 255 6.57 7.46 41.36
N THR C 256 5.88 8.50 41.82
CA THR C 256 4.67 8.31 42.60
C THR C 256 3.44 8.18 41.69
N VAL C 257 3.45 7.17 40.83
CA VAL C 257 2.32 6.96 39.94
C VAL C 257 1.13 6.39 40.70
N SER C 258 -0.01 6.27 40.02
CA SER C 258 -1.14 5.59 40.63
C SER C 258 -0.92 4.12 40.39
N THR C 259 -0.96 3.32 41.46
CA THR C 259 -0.67 1.90 41.31
C THR C 259 -1.42 1.02 42.32
N TYR C 260 -1.51 -0.27 42.00
CA TYR C 260 -2.30 -1.23 42.78
C TYR C 260 -1.57 -1.73 44.02
N LEU C 261 -2.32 -2.06 45.07
CA LEU C 261 -1.70 -2.38 46.35
C LEU C 261 -1.99 -3.80 46.87
N ASP C 262 -0.99 -4.39 47.51
CA ASP C 262 -1.01 -5.79 47.91
C ASP C 262 -1.15 -5.94 49.41
N GLY C 263 -1.70 -4.92 50.06
CA GLY C 263 -1.71 -4.84 51.51
C GLY C 263 -0.66 -3.84 51.93
N GLN C 264 0.33 -3.69 51.07
CA GLN C 264 1.36 -2.66 51.23
C GLN C 264 0.72 -1.37 51.73
N TYR C 265 1.31 -0.78 52.78
CA TYR C 265 0.78 0.44 53.38
C TYR C 265 -0.50 0.23 54.17
N GLY C 266 -0.78 -1.02 54.54
CA GLY C 266 -1.96 -1.32 55.34
C GLY C 266 -3.26 -1.10 54.61
N ALA C 267 -3.21 -1.21 53.28
CA ALA C 267 -4.41 -1.11 52.47
C ALA C 267 -4.17 -1.77 51.13
N ASP C 268 -5.12 -2.58 50.70
CA ASP C 268 -5.01 -3.24 49.39
C ASP C 268 -6.29 -3.16 48.54
N ASP C 269 -6.16 -3.60 47.29
CA ASP C 269 -7.24 -3.62 46.31
C ASP C 269 -7.40 -2.31 45.57
N VAL C 270 -6.85 -1.24 46.13
CA VAL C 270 -7.02 0.11 45.57
C VAL C 270 -5.97 0.44 44.51
N TYR C 271 -6.21 1.51 43.74
CA TYR C 271 -5.17 2.13 42.91
C TYR C 271 -4.87 3.49 43.53
N ILE C 272 -3.64 3.71 43.93
CA ILE C 272 -3.34 4.95 44.66
C ILE C 272 -1.90 5.44 44.41
N GLY C 273 -1.68 6.73 44.61
CA GLY C 273 -0.38 7.32 44.37
C GLY C 273 0.66 6.93 45.41
N VAL C 274 1.65 6.13 44.99
CA VAL C 274 2.77 5.76 45.84
C VAL C 274 4.04 5.58 45.00
N PRO C 275 5.21 5.64 45.65
CA PRO C 275 6.51 5.43 44.99
C PRO C 275 6.66 4.04 44.39
N ALA C 276 7.05 3.97 43.12
CA ALA C 276 7.06 2.70 42.42
C ALA C 276 8.12 2.61 41.33
N VAL C 277 8.61 1.41 41.09
CA VAL C 277 9.71 1.18 40.18
C VAL C 277 9.19 0.90 38.77
N VAL C 278 9.39 1.85 37.87
CA VAL C 278 8.78 1.79 36.55
C VAL C 278 9.77 1.41 35.45
N ASN C 279 9.43 0.39 34.67
CA ASN C 279 10.25 0.05 33.51
C ASN C 279 9.46 -0.36 32.27
N ARG C 280 10.13 -1.02 31.33
CA ARG C 280 9.51 -1.43 30.07
C ARG C 280 8.33 -2.38 30.31
N GLY C 281 8.42 -3.15 31.39
CA GLY C 281 7.36 -4.08 31.74
C GLY C 281 6.19 -3.43 32.47
N GLY C 282 6.39 -2.19 32.92
CA GLY C 282 5.37 -1.48 33.68
C GLY C 282 5.83 -1.18 35.10
N ILE C 283 5.03 -1.60 36.07
CA ILE C 283 5.43 -1.51 37.46
C ILE C 283 6.26 -2.74 37.83
N ALA C 284 7.28 -2.54 38.65
CA ALA C 284 8.27 -3.57 38.92
C ALA C 284 8.65 -3.62 40.39
N GLY C 285 7.98 -2.82 41.21
CA GLY C 285 8.15 -2.92 42.65
C GLY C 285 7.65 -1.68 43.35
N ILE C 286 6.82 -1.87 44.36
CA ILE C 286 6.39 -0.73 45.15
C ILE C 286 7.44 -0.39 46.20
N THR C 287 7.94 0.85 46.14
CA THR C 287 8.74 1.37 47.22
C THR C 287 7.81 1.58 48.42
N GLU C 288 8.01 0.81 49.48
CA GLU C 288 7.26 1.07 50.71
C GLU C 288 8.09 1.88 51.71
N LEU C 289 7.71 3.14 51.92
CA LEU C 289 8.35 3.98 52.92
C LEU C 289 7.82 3.67 54.31
N ASN C 290 8.64 3.96 55.31
CA ASN C 290 8.23 3.82 56.70
C ASN C 290 7.53 5.08 57.22
N LEU C 291 6.21 5.11 57.10
CA LEU C 291 5.43 6.27 57.54
C LEU C 291 5.47 6.47 59.05
N ASN C 292 5.11 7.67 59.49
CA ASN C 292 5.02 7.99 60.91
C ASN C 292 3.57 7.94 61.40
N GLU C 293 3.36 8.23 62.69
CA GLU C 293 2.04 8.15 63.27
C GLU C 293 1.03 8.89 62.40
N LYS C 294 1.34 10.14 62.10
CA LYS C 294 0.51 11.01 61.29
C LYS C 294 0.32 10.44 59.86
N GLU C 295 1.43 10.17 59.18
CA GLU C 295 1.40 9.71 57.79
C GLU C 295 0.60 8.42 57.61
N LYS C 296 0.79 7.47 58.52
CA LYS C 296 0.10 6.17 58.43
C LYS C 296 -1.42 6.36 58.36
N GLU C 297 -1.91 7.35 59.10
CA GLU C 297 -3.35 7.55 59.25
C GLU C 297 -3.95 8.41 58.14
N GLN C 298 -3.18 9.37 57.65
CA GLN C 298 -3.65 10.21 56.56
C GLN C 298 -3.79 9.36 55.30
N PHE C 299 -3.00 8.28 55.26
CA PHE C 299 -2.96 7.39 54.12
C PHE C 299 -4.07 6.36 54.16
N LEU C 300 -4.55 6.03 55.35
CA LEU C 300 -5.68 5.13 55.48
C LEU C 300 -6.96 5.86 55.13
N HIS C 301 -7.01 7.15 55.46
CA HIS C 301 -8.17 7.97 55.14
C HIS C 301 -8.26 8.29 53.65
N SER C 302 -7.13 8.27 52.96
CA SER C 302 -7.11 8.50 51.52
C SER C 302 -7.64 7.26 50.82
N ALA C 303 -7.02 6.12 51.16
CA ALA C 303 -7.39 4.82 50.60
C ALA C 303 -8.85 4.47 50.84
N GLY C 304 -9.40 4.90 51.97
CA GLY C 304 -10.80 4.71 52.26
C GLY C 304 -11.64 5.43 51.22
N VAL C 305 -11.59 6.77 51.25
CA VAL C 305 -12.29 7.62 50.30
C VAL C 305 -12.25 7.10 48.86
N LEU C 306 -11.08 6.67 48.42
CA LEU C 306 -10.92 6.14 47.07
C LEU C 306 -11.70 4.84 46.86
N LYS C 307 -11.52 3.91 47.79
CA LYS C 307 -12.14 2.59 47.67
C LYS C 307 -13.62 2.61 48.04
N ASN C 308 -14.13 3.77 48.47
CA ASN C 308 -15.56 3.97 48.66
C ASN C 308 -16.19 4.78 47.53
N ILE C 309 -15.39 5.07 46.52
CA ILE C 309 -15.90 5.62 45.28
C ILE C 309 -16.13 4.48 44.29
N LEU C 310 -15.28 3.47 44.38
CA LEU C 310 -15.37 2.29 43.52
C LEU C 310 -16.65 1.49 43.73
N LYS C 311 -17.01 1.29 45.00
CA LYS C 311 -17.98 0.25 45.35
C LYS C 311 -19.20 0.19 44.43
N PRO C 312 -19.93 1.31 44.27
CA PRO C 312 -21.09 1.30 43.37
C PRO C 312 -20.72 0.86 41.96
N HIS D 4 14.11 -6.55 24.56
CA HIS D 4 12.88 -5.79 24.41
C HIS D 4 13.14 -4.33 23.97
N VAL D 5 14.35 -3.83 24.25
CA VAL D 5 14.71 -2.44 23.95
C VAL D 5 15.92 -2.30 23.00
N ASN D 6 16.20 -1.08 22.58
CA ASN D 6 17.33 -0.82 21.67
C ASN D 6 18.67 -1.32 22.19
N LYS D 7 19.12 -2.46 21.68
CA LYS D 7 20.42 -2.99 22.09
C LYS D 7 21.47 -2.88 20.98
N VAL D 8 22.70 -2.60 21.39
CA VAL D 8 23.82 -2.55 20.46
C VAL D 8 24.98 -3.36 21.00
N ALA D 9 25.39 -4.37 20.25
CA ALA D 9 26.62 -5.09 20.54
C ALA D 9 27.78 -4.45 19.77
N LEU D 10 28.85 -4.11 20.47
CA LEU D 10 30.02 -3.51 19.85
C LEU D 10 31.22 -4.45 19.97
N ILE D 11 31.78 -4.83 18.83
CA ILE D 11 32.87 -5.80 18.78
C ILE D 11 34.23 -5.11 18.73
N GLY D 12 35.06 -5.39 19.74
CA GLY D 12 36.40 -4.82 19.81
C GLY D 12 36.40 -3.43 20.40
N ALA D 13 36.95 -3.30 21.61
CA ALA D 13 37.01 -2.03 22.30
C ALA D 13 38.38 -1.38 22.21
N GLY D 14 38.76 -0.98 21.01
CA GLY D 14 39.93 -0.15 20.80
C GLY D 14 39.62 1.32 21.03
N PHE D 15 40.42 2.20 20.45
CA PHE D 15 40.21 3.64 20.59
C PHE D 15 38.92 4.09 19.91
N VAL D 16 38.65 3.53 18.74
CA VAL D 16 37.42 3.81 18.00
C VAL D 16 36.21 3.27 18.76
N GLY D 17 36.27 1.99 19.09
CA GLY D 17 35.19 1.33 19.80
C GLY D 17 34.90 2.03 21.12
N SER D 18 35.95 2.56 21.74
CA SER D 18 35.85 3.21 23.04
C SER D 18 35.18 4.58 22.89
N SER D 19 35.83 5.44 22.10
CA SER D 19 35.30 6.73 21.72
C SER D 19 33.87 6.63 21.21
N TYR D 20 33.64 5.68 20.30
CA TYR D 20 32.29 5.38 19.84
C TYR D 20 31.38 5.14 21.04
N ALA D 21 31.80 4.22 21.91
CA ALA D 21 31.00 3.85 23.07
C ALA D 21 30.71 5.05 23.99
N PHE D 22 31.69 5.93 24.13
CA PHE D 22 31.55 7.09 25.02
C PHE D 22 30.68 8.16 24.39
N ALA D 23 30.64 8.21 23.06
CA ALA D 23 29.74 9.13 22.38
C ALA D 23 28.33 8.66 22.70
N LEU D 24 28.11 7.36 22.56
CA LEU D 24 26.80 6.78 22.87
C LEU D 24 26.40 7.15 24.29
N ILE D 25 27.29 6.92 25.24
CA ILE D 25 26.97 7.18 26.63
C ILE D 25 26.38 8.58 26.75
N ASN D 26 27.10 9.53 26.18
CA ASN D 26 26.77 10.93 26.31
C ASN D 26 25.57 11.43 25.51
N GLN D 27 25.28 10.81 24.37
CA GLN D 27 24.18 11.27 23.52
C GLN D 27 22.89 10.51 23.78
N GLY D 28 23.01 9.34 24.41
CA GLY D 28 21.89 8.44 24.57
C GLY D 28 21.27 8.06 23.24
N ILE D 29 21.86 7.08 22.56
CA ILE D 29 21.31 6.63 21.28
C ILE D 29 20.65 5.27 21.43
N THR D 30 21.32 4.36 22.13
CA THR D 30 20.76 3.07 22.49
C THR D 30 20.50 3.04 23.98
N ASP D 31 19.65 2.12 24.42
CA ASP D 31 19.45 1.91 25.86
C ASP D 31 20.48 0.91 26.39
N GLU D 32 20.92 0.00 25.53
CA GLU D 32 21.83 -1.07 25.94
C GLU D 32 23.14 -1.06 25.17
N LEU D 33 24.23 -1.41 25.85
CA LEU D 33 25.50 -1.63 25.18
C LEU D 33 26.22 -2.81 25.83
N VAL D 34 26.72 -3.72 25.01
CA VAL D 34 27.58 -4.79 25.50
C VAL D 34 28.91 -4.73 24.75
N VAL D 35 30.00 -4.66 25.50
CA VAL D 35 31.31 -4.56 24.89
C VAL D 35 31.99 -5.93 24.85
N ILE D 36 32.38 -6.34 23.64
CA ILE D 36 32.98 -7.64 23.41
C ILE D 36 34.40 -7.50 22.88
N ASP D 37 35.33 -8.25 23.47
CA ASP D 37 36.71 -8.23 23.00
C ASP D 37 37.45 -9.52 23.36
N VAL D 38 38.39 -9.91 22.50
CA VAL D 38 39.32 -10.99 22.83
C VAL D 38 40.11 -10.54 24.05
N ASN D 39 40.63 -9.31 23.97
CA ASN D 39 41.27 -8.67 25.10
C ASN D 39 40.23 -8.39 26.17
N LYS D 40 39.76 -9.44 26.83
CA LYS D 40 38.72 -9.32 27.84
C LYS D 40 39.07 -8.24 28.87
N GLU D 41 40.36 -8.10 29.13
CA GLU D 41 40.88 -7.16 30.11
C GLU D 41 40.55 -5.72 29.73
N LYS D 42 40.81 -5.39 28.47
CA LYS D 42 40.64 -4.04 27.93
C LYS D 42 39.16 -3.66 27.77
N ALA D 43 38.33 -4.66 27.55
CA ALA D 43 36.89 -4.44 27.47
C ALA D 43 36.29 -4.25 28.85
N MET D 44 36.51 -5.23 29.71
CA MET D 44 35.92 -5.22 31.05
C MET D 44 36.15 -3.87 31.71
N GLY D 45 37.39 -3.40 31.67
CA GLY D 45 37.75 -2.14 32.30
C GLY D 45 37.00 -0.97 31.71
N ASP D 46 36.72 -1.06 30.41
CA ASP D 46 35.92 -0.04 29.73
C ASP D 46 34.53 0.03 30.35
N VAL D 47 33.92 -1.14 30.53
CA VAL D 47 32.58 -1.26 31.08
C VAL D 47 32.51 -0.85 32.55
N MET D 48 33.67 -0.64 33.16
CA MET D 48 33.69 -0.19 34.55
C MET D 48 33.81 1.33 34.60
N ASP D 49 34.71 1.87 33.79
CA ASP D 49 34.93 3.31 33.74
C ASP D 49 33.66 3.99 33.26
N LEU D 50 33.16 3.55 32.10
CA LEU D 50 31.93 4.10 31.54
C LEU D 50 30.79 4.10 32.54
N ASN D 51 30.59 2.98 33.21
CA ASN D 51 29.47 2.83 34.15
C ASN D 51 29.56 3.76 35.34
N HIS D 52 30.75 4.32 35.56
CA HIS D 52 30.97 5.18 36.72
C HIS D 52 30.57 6.61 36.41
N GLY D 53 30.21 6.88 35.16
CA GLY D 53 29.60 8.15 34.82
C GLY D 53 28.08 8.03 34.73
N LYS D 54 27.57 6.81 34.84
CA LYS D 54 26.14 6.59 34.61
C LYS D 54 25.24 7.59 35.34
N ALA D 55 25.46 7.77 36.64
CA ALA D 55 24.62 8.66 37.46
C ALA D 55 24.59 10.13 37.01
N PHE D 56 25.43 10.49 36.04
CA PHE D 56 25.50 11.86 35.52
C PHE D 56 25.07 11.93 34.05
N ALA D 57 24.96 10.77 33.42
CA ALA D 57 24.52 10.71 32.04
C ALA D 57 23.08 11.18 31.95
N PRO D 58 22.83 12.20 31.12
CA PRO D 58 21.48 12.73 30.89
C PRO D 58 20.58 11.69 30.22
N GLN D 59 21.20 10.74 29.53
CA GLN D 59 20.48 9.66 28.88
C GLN D 59 21.21 8.35 29.18
N PRO D 60 21.13 7.88 30.43
CA PRO D 60 21.97 6.77 30.92
C PRO D 60 21.70 5.45 30.19
N VAL D 61 22.79 4.76 29.83
CA VAL D 61 22.71 3.47 29.16
C VAL D 61 23.09 2.36 30.13
N LYS D 62 22.42 1.22 30.02
CA LYS D 62 22.85 0.03 30.74
C LYS D 62 24.06 -0.54 30.01
N THR D 63 25.24 -0.34 30.58
CA THR D 63 26.47 -0.83 29.94
C THR D 63 27.02 -2.04 30.69
N SER D 64 27.07 -3.18 30.01
CA SER D 64 27.59 -4.41 30.59
C SER D 64 28.45 -5.16 29.58
N TYR D 65 29.30 -6.06 30.04
CA TYR D 65 30.13 -6.84 29.13
C TYR D 65 29.56 -8.25 28.93
N GLY D 66 30.04 -8.95 27.92
CA GLY D 66 29.66 -10.32 27.68
C GLY D 66 30.39 -10.94 26.50
N THR D 67 29.90 -12.09 26.05
CA THR D 67 30.46 -12.76 24.89
C THR D 67 29.36 -13.05 23.87
N TYR D 68 29.74 -13.58 22.71
CA TYR D 68 28.84 -13.69 21.55
C TYR D 68 27.44 -14.22 21.84
N GLU D 69 27.29 -14.94 22.96
CA GLU D 69 25.99 -15.50 23.33
C GLU D 69 24.96 -14.38 23.60
N ASP D 70 25.44 -13.16 23.74
CA ASP D 70 24.60 -12.03 24.12
C ASP D 70 24.12 -11.24 22.90
N CYS D 71 24.61 -11.60 21.72
CA CYS D 71 24.26 -10.88 20.49
C CYS D 71 23.12 -11.53 19.73
N LYS D 72 22.49 -12.53 20.33
CA LYS D 72 21.35 -13.18 19.69
C LYS D 72 20.32 -12.11 19.36
N ASP D 73 20.02 -11.29 20.35
CA ASP D 73 18.98 -10.27 20.25
C ASP D 73 19.50 -8.89 19.83
N ALA D 74 20.83 -8.73 19.81
CA ALA D 74 21.43 -7.45 19.46
C ALA D 74 20.86 -6.89 18.15
N ASP D 75 20.62 -5.59 18.13
CA ASP D 75 19.98 -4.94 16.98
C ASP D 75 21.00 -4.32 16.03
N ILE D 76 22.22 -4.16 16.52
CA ILE D 76 23.33 -3.73 15.69
C ILE D 76 24.60 -4.29 16.29
N VAL D 77 25.43 -4.90 15.45
CA VAL D 77 26.80 -5.17 15.87
C VAL D 77 27.73 -4.19 15.18
N CYS D 78 28.44 -3.40 15.98
CA CYS D 78 29.45 -2.51 15.46
C CYS D 78 30.80 -3.22 15.52
N ILE D 79 31.56 -3.16 14.43
CA ILE D 79 32.84 -3.86 14.39
C ILE D 79 34.02 -2.91 14.37
N CYS D 80 34.80 -2.93 15.45
CA CYS D 80 35.99 -2.11 15.56
C CYS D 80 37.24 -2.96 15.82
N ALA D 81 37.10 -4.26 15.61
CA ALA D 81 38.22 -5.19 15.78
C ALA D 81 39.24 -5.06 14.66
N LEU D 92 49.58 -1.91 2.69
CA LEU D 92 50.24 -3.18 2.93
C LEU D 92 49.27 -4.36 2.84
N GLU D 93 49.74 -5.54 3.24
CA GLU D 93 48.96 -6.76 3.15
C GLU D 93 48.24 -7.09 4.45
N LEU D 94 48.09 -6.08 5.30
CA LEU D 94 47.39 -6.21 6.57
C LEU D 94 45.94 -6.65 6.36
N VAL D 95 45.48 -6.53 5.11
CA VAL D 95 44.12 -6.93 4.74
C VAL D 95 43.72 -8.31 5.28
N GLU D 96 44.33 -9.37 4.74
CA GLU D 96 43.97 -10.74 5.11
C GLU D 96 43.99 -10.96 6.62
N LYS D 97 44.87 -10.22 7.31
CA LYS D 97 44.92 -10.29 8.76
C LYS D 97 43.56 -9.90 9.35
N ASN D 98 43.02 -8.76 8.91
CA ASN D 98 41.69 -8.33 9.32
C ASN D 98 40.64 -9.32 8.86
N LEU D 99 40.93 -10.01 7.76
CA LEU D 99 40.01 -10.99 7.21
C LEU D 99 39.95 -12.24 8.08
N LYS D 100 41.13 -12.75 8.42
CA LYS D 100 41.23 -13.86 9.35
C LYS D 100 40.53 -13.47 10.64
N ILE D 101 40.73 -12.22 11.03
CA ILE D 101 40.07 -11.64 12.20
C ILE D 101 38.56 -11.55 11.97
N PHE D 102 38.17 -10.98 10.83
CA PHE D 102 36.75 -10.80 10.52
C PHE D 102 35.97 -12.11 10.41
N LYS D 103 36.38 -12.98 9.49
CA LYS D 103 35.72 -14.28 9.39
C LYS D 103 35.92 -15.03 10.69
N GLY D 104 37.02 -14.72 11.37
CA GLY D 104 37.30 -15.31 12.66
C GLY D 104 36.39 -14.75 13.73
N ILE D 105 35.58 -13.77 13.37
CA ILE D 105 34.77 -13.07 14.35
C ILE D 105 33.27 -13.01 14.02
N VAL D 106 32.95 -13.02 12.72
CA VAL D 106 31.57 -13.01 12.27
C VAL D 106 30.88 -14.35 12.53
N SER D 107 31.65 -15.44 12.38
CA SER D 107 31.10 -16.79 12.53
C SER D 107 30.55 -16.97 13.94
N GLU D 108 31.20 -16.31 14.89
CA GLU D 108 30.82 -16.39 16.29
C GLU D 108 29.46 -15.73 16.52
N VAL D 109 29.28 -14.53 15.98
CA VAL D 109 28.03 -13.80 16.18
C VAL D 109 26.85 -14.49 15.51
N MET D 110 27.06 -15.01 14.30
CA MET D 110 25.98 -15.61 13.55
C MET D 110 25.36 -16.79 14.30
N ALA D 111 26.19 -17.68 14.82
CA ALA D 111 25.71 -18.86 15.56
C ALA D 111 24.88 -18.47 16.78
N SER D 112 25.14 -17.28 17.32
CA SER D 112 24.50 -16.81 18.54
C SER D 112 22.98 -16.76 18.42
N GLY D 113 22.50 -16.47 17.21
CA GLY D 113 21.08 -16.28 16.97
C GLY D 113 20.83 -14.91 16.35
N PHE D 114 21.90 -14.15 16.20
CA PHE D 114 21.84 -12.76 15.71
C PHE D 114 20.99 -12.61 14.45
N ASP D 115 20.06 -11.65 14.50
CA ASP D 115 19.15 -11.38 13.39
C ASP D 115 18.89 -9.88 13.22
N GLY D 116 19.92 -9.08 13.46
CA GLY D 116 19.79 -7.63 13.35
C GLY D 116 20.47 -7.06 12.12
N ILE D 117 21.12 -5.92 12.29
CA ILE D 117 21.76 -5.20 11.18
C ILE D 117 23.23 -4.94 11.52
N PHE D 118 24.11 -5.24 10.56
CA PHE D 118 25.55 -5.06 10.76
C PHE D 118 26.02 -3.63 10.52
N LEU D 119 27.05 -3.24 11.26
CA LEU D 119 27.68 -1.92 11.12
C LEU D 119 29.18 -2.06 11.41
N VAL D 120 30.02 -1.62 10.48
CA VAL D 120 31.47 -1.87 10.54
C VAL D 120 32.24 -0.58 10.33
N ALA D 121 33.41 -0.45 10.96
CA ALA D 121 34.18 0.80 10.88
C ALA D 121 35.71 0.67 10.65
N THR D 122 36.25 -0.54 10.77
CA THR D 122 37.70 -0.75 10.67
C THR D 122 38.26 -0.67 9.24
N ASN D 123 39.35 0.07 9.06
CA ASN D 123 40.00 0.15 7.75
C ASN D 123 40.67 -1.18 7.34
N PRO D 124 40.59 -1.52 6.05
CA PRO D 124 39.91 -0.75 4.99
C PRO D 124 38.42 -1.03 5.01
N VAL D 125 37.64 -0.06 5.49
CA VAL D 125 36.23 -0.26 5.74
C VAL D 125 35.48 -0.86 4.54
N ASP D 126 35.58 -0.22 3.38
CA ASP D 126 34.84 -0.65 2.19
C ASP D 126 35.10 -2.13 1.87
N ILE D 127 36.37 -2.49 1.88
CA ILE D 127 36.76 -3.87 1.65
C ILE D 127 36.11 -4.73 2.71
N LEU D 128 36.33 -4.36 3.97
CA LEU D 128 35.88 -5.16 5.09
C LEU D 128 34.35 -5.20 5.22
N THR D 129 33.67 -4.20 4.66
CA THR D 129 32.22 -4.21 4.64
C THR D 129 31.72 -5.34 3.76
N TYR D 130 32.13 -5.31 2.49
CA TYR D 130 31.78 -6.35 1.53
C TYR D 130 32.29 -7.68 2.09
N ALA D 131 33.51 -7.67 2.60
CA ALA D 131 34.08 -8.86 3.22
C ALA D 131 33.11 -9.37 4.27
N THR D 132 32.46 -8.43 4.96
CA THR D 132 31.46 -8.78 5.97
C THR D 132 30.15 -9.27 5.34
N TRP D 133 29.83 -8.75 4.17
CA TRP D 133 28.61 -9.16 3.48
C TRP D 133 28.67 -10.62 3.08
N LYS D 134 29.87 -11.10 2.75
CA LYS D 134 30.07 -12.50 2.40
C LYS D 134 29.76 -13.40 3.59
N PHE D 135 30.61 -13.31 4.62
CA PHE D 135 30.55 -14.24 5.74
C PHE D 135 29.14 -14.34 6.33
N SER D 136 28.40 -13.23 6.25
CA SER D 136 27.12 -13.09 6.96
C SER D 136 25.95 -13.82 6.31
N GLY D 137 25.60 -13.44 5.08
CA GLY D 137 24.51 -14.07 4.36
C GLY D 137 23.13 -13.51 4.67
N LEU D 138 23.02 -12.19 4.67
CA LEU D 138 21.73 -11.54 4.89
C LEU D 138 21.52 -10.43 3.85
N PRO D 139 20.25 -10.05 3.60
CA PRO D 139 19.94 -9.11 2.53
C PRO D 139 20.89 -7.90 2.53
N LYS D 140 21.35 -7.48 1.35
CA LYS D 140 22.41 -6.47 1.26
C LYS D 140 22.03 -5.11 1.87
N GLU D 141 20.91 -5.08 2.58
CA GLU D 141 20.42 -3.87 3.20
C GLU D 141 20.72 -3.85 4.69
N ARG D 142 21.67 -4.67 5.13
CA ARG D 142 21.91 -4.88 6.57
C ARG D 142 23.38 -4.99 6.92
N VAL D 143 24.24 -4.61 5.98
CA VAL D 143 25.65 -4.48 6.27
C VAL D 143 26.07 -3.08 5.86
N ILE D 144 26.78 -2.40 6.74
CA ILE D 144 27.14 -1.01 6.50
C ILE D 144 28.55 -0.69 7.01
N GLY D 145 29.11 0.40 6.50
CA GLY D 145 30.46 0.80 6.85
C GLY D 145 30.58 2.30 6.84
N SER D 146 31.64 2.79 7.47
CA SER D 146 31.86 4.23 7.65
C SER D 146 31.66 5.02 6.36
N GLY D 147 31.96 4.40 5.21
CA GLY D 147 31.88 5.11 3.95
C GLY D 147 32.63 6.42 4.06
N THR D 148 32.12 7.47 3.42
CA THR D 148 32.79 8.77 3.49
C THR D 148 32.09 9.82 4.38
N THR D 149 31.24 9.35 5.29
CA THR D 149 30.60 10.23 6.26
C THR D 149 31.64 11.12 6.97
N LEU D 150 32.60 10.50 7.62
CA LEU D 150 33.65 11.23 8.30
C LEU D 150 34.34 12.20 7.34
N ASP D 151 34.50 11.79 6.08
CA ASP D 151 35.15 12.62 5.09
C ASP D 151 34.20 13.70 4.61
N SER D 152 32.93 13.36 4.52
CA SER D 152 31.92 14.39 4.26
C SER D 152 31.88 15.36 5.44
N ALA D 153 31.93 14.81 6.65
CA ALA D 153 31.90 15.64 7.85
C ALA D 153 33.19 16.43 8.02
N ARG D 154 34.31 15.84 7.60
CA ARG D 154 35.59 16.55 7.58
C ARG D 154 35.56 17.65 6.53
N PHE D 155 34.82 17.41 5.45
CA PHE D 155 34.72 18.36 4.35
C PHE D 155 33.76 19.47 4.77
N ARG D 156 32.65 19.09 5.39
CA ARG D 156 31.73 20.08 5.93
C ARG D 156 32.51 21.01 6.83
N PHE D 157 33.09 20.44 7.89
CA PHE D 157 33.76 21.24 8.89
C PHE D 157 34.63 22.30 8.25
N MET D 158 35.50 21.86 7.34
CA MET D 158 36.48 22.77 6.75
C MET D 158 35.79 23.82 5.88
N LEU D 159 34.68 23.43 5.26
CA LEU D 159 33.90 24.37 4.46
C LEU D 159 33.11 25.36 5.32
N SER D 160 32.72 24.93 6.51
CA SER D 160 32.05 25.85 7.44
C SER D 160 33.02 26.90 7.96
N GLU D 161 34.26 26.49 8.21
CA GLU D 161 35.29 27.39 8.67
C GLU D 161 35.73 28.32 7.55
N TYR D 162 35.71 27.80 6.33
CA TYR D 162 36.08 28.60 5.18
C TYR D 162 35.02 29.63 4.82
N PHE D 163 33.75 29.21 4.84
CA PHE D 163 32.67 30.13 4.46
C PHE D 163 32.09 30.90 5.63
N GLY D 164 32.31 30.39 6.84
CA GLY D 164 31.85 31.08 8.02
C GLY D 164 30.33 30.99 8.17
N ALA D 165 29.82 29.79 7.99
CA ALA D 165 28.42 29.50 8.25
C ALA D 165 28.37 28.13 8.90
N ALA D 166 27.29 27.85 9.62
CA ALA D 166 27.16 26.57 10.34
C ALA D 166 27.40 25.36 9.43
N PRO D 167 28.19 24.40 9.93
CA PRO D 167 28.50 23.18 9.16
C PRO D 167 27.22 22.49 8.66
N GLN D 168 26.23 22.37 9.53
CA GLN D 168 24.98 21.73 9.17
C GLN D 168 24.29 22.52 8.04
N ASN D 169 24.52 23.83 8.00
CA ASN D 169 24.10 24.64 6.86
C ASN D 169 25.07 24.55 5.70
N VAL D 170 26.01 23.62 5.78
CA VAL D 170 26.93 23.38 4.68
C VAL D 170 26.63 22.01 4.09
N HIS D 171 26.45 21.98 2.79
CA HIS D 171 26.01 20.76 2.12
C HIS D 171 26.97 20.41 1.02
N ALA D 172 27.69 19.30 1.22
CA ALA D 172 28.72 18.88 0.31
C ALA D 172 29.08 17.44 0.66
N HIS D 173 29.10 16.58 -0.36
CA HIS D 173 29.46 15.18 -0.15
C HIS D 173 30.89 14.93 -0.56
N ILE D 174 31.52 14.00 0.15
CA ILE D 174 32.65 13.25 -0.36
C ILE D 174 31.97 11.94 -0.68
N ILE D 175 32.35 11.29 -1.77
CA ILE D 175 31.75 10.03 -2.17
C ILE D 175 32.81 9.10 -2.72
N GLY D 176 32.48 7.82 -2.82
CA GLY D 176 33.41 6.80 -3.26
C GLY D 176 33.87 5.90 -2.13
N GLU D 177 34.99 5.23 -2.33
CA GLU D 177 35.60 4.38 -1.30
C GLU D 177 36.29 5.25 -0.24
N HIS D 178 36.71 4.62 0.85
CA HIS D 178 37.38 5.35 1.92
C HIS D 178 38.89 5.16 1.84
N GLY D 179 39.58 6.01 1.08
CA GLY D 179 41.02 5.92 1.00
C GLY D 179 41.75 6.73 -0.06
N ASP D 180 42.70 6.09 -0.73
CA ASP D 180 43.61 6.73 -1.67
C ASP D 180 42.95 7.23 -2.96
N THR D 181 41.61 7.25 -3.00
CA THR D 181 40.93 7.51 -4.28
C THR D 181 39.60 8.25 -4.14
N GLU D 182 39.37 8.89 -2.99
CA GLU D 182 38.11 9.63 -2.75
C GLU D 182 37.97 10.82 -3.70
N LEU D 183 36.83 11.49 -3.64
CA LEU D 183 36.56 12.64 -4.50
C LEU D 183 35.45 13.55 -3.95
N PRO D 184 35.54 14.86 -4.24
CA PRO D 184 34.47 15.81 -3.89
C PRO D 184 33.36 15.91 -4.94
N VAL D 185 32.13 16.09 -4.47
CA VAL D 185 31.01 16.41 -5.34
C VAL D 185 30.81 17.92 -5.37
N TRP D 186 31.77 18.63 -5.95
CA TRP D 186 31.71 20.09 -6.04
C TRP D 186 30.47 20.60 -6.77
N SER D 187 29.83 19.72 -7.53
CA SER D 187 28.70 20.13 -8.35
C SER D 187 27.52 20.58 -7.48
N HIS D 188 27.01 19.67 -6.66
CA HIS D 188 25.86 19.96 -5.83
C HIS D 188 26.27 20.28 -4.39
N ALA D 189 27.46 20.84 -4.24
CA ALA D 189 27.93 21.34 -2.96
C ALA D 189 27.48 22.78 -2.82
N ASN D 190 27.10 23.19 -1.62
CA ASN D 190 26.56 24.53 -1.40
C ASN D 190 26.45 24.94 0.06
N VAL D 191 26.11 26.20 0.28
CA VAL D 191 25.90 26.72 1.62
C VAL D 191 24.56 27.44 1.70
N GLY D 192 23.59 26.78 2.34
CA GLY D 192 22.26 27.33 2.47
C GLY D 192 21.49 27.39 1.16
N GLY D 193 21.81 26.50 0.23
CA GLY D 193 21.11 26.50 -1.05
C GLY D 193 21.74 27.34 -2.15
N VAL D 194 22.83 28.04 -1.85
CA VAL D 194 23.62 28.67 -2.90
C VAL D 194 24.87 27.80 -3.18
N PRO D 195 24.99 27.30 -4.41
CA PRO D 195 26.05 26.36 -4.81
C PRO D 195 27.44 26.87 -4.54
N VAL D 196 28.37 25.98 -4.22
CA VAL D 196 29.75 26.36 -3.96
C VAL D 196 30.25 27.23 -5.11
N SER D 197 30.04 26.75 -6.32
CA SER D 197 30.44 27.49 -7.52
C SER D 197 29.97 28.92 -7.45
N GLU D 198 28.67 29.12 -7.26
CA GLU D 198 28.09 30.46 -7.27
C GLU D 198 28.65 31.38 -6.18
N LEU D 199 29.25 30.80 -5.16
CA LEU D 199 29.85 31.57 -4.07
C LEU D 199 31.15 32.22 -4.52
N VAL D 200 32.02 31.42 -5.15
CA VAL D 200 33.27 31.92 -5.68
C VAL D 200 33.04 33.00 -6.73
N GLU D 201 31.98 32.83 -7.52
CA GLU D 201 31.61 33.79 -8.55
C GLU D 201 31.49 35.19 -7.95
N LYS D 202 32.60 35.91 -7.95
CA LYS D 202 32.71 37.27 -7.42
C LYS D 202 34.16 37.64 -7.63
N ASN D 203 34.98 36.60 -7.66
CA ASN D 203 36.42 36.72 -7.54
C ASN D 203 37.08 35.51 -8.16
N ASP D 204 37.71 35.73 -9.31
CA ASP D 204 38.07 34.65 -10.22
C ASP D 204 39.32 33.87 -9.82
N ALA D 205 39.11 32.88 -8.97
CA ALA D 205 40.14 31.96 -8.47
C ALA D 205 40.69 32.29 -7.07
N TYR D 206 40.19 33.38 -6.47
CA TYR D 206 40.61 33.78 -5.13
C TYR D 206 39.91 32.93 -4.05
N LYS D 207 38.83 32.27 -4.46
CA LYS D 207 38.29 31.17 -3.69
C LYS D 207 38.86 29.89 -4.29
N GLN D 208 38.24 29.45 -5.39
CA GLN D 208 38.65 28.28 -6.17
C GLN D 208 39.77 27.38 -5.61
N GLU D 209 40.99 27.92 -5.57
CA GLU D 209 42.17 27.12 -5.25
C GLU D 209 42.36 26.89 -3.75
N GLU D 210 41.88 27.84 -2.94
CA GLU D 210 41.85 27.66 -1.50
C GLU D 210 40.92 26.48 -1.17
N LEU D 211 39.88 26.32 -1.98
CA LEU D 211 38.93 25.22 -1.82
C LEU D 211 39.49 23.90 -2.33
N ASP D 212 40.36 23.97 -3.34
CA ASP D 212 41.03 22.79 -3.84
C ASP D 212 42.11 22.33 -2.84
N GLN D 213 42.73 23.28 -2.16
CA GLN D 213 43.65 22.98 -1.06
C GLN D 213 42.89 22.30 0.08
N ILE D 214 41.71 22.85 0.39
CA ILE D 214 40.82 22.27 1.40
C ILE D 214 40.47 20.82 1.06
N VAL D 215 40.36 20.52 -0.22
CA VAL D 215 40.19 19.13 -0.64
C VAL D 215 41.33 18.28 -0.09
N ASP D 216 42.56 18.74 -0.30
CA ASP D 216 43.76 18.02 0.14
C ASP D 216 43.87 17.93 1.66
N ASP D 217 43.51 19.02 2.35
CA ASP D 217 43.51 18.98 3.82
C ASP D 217 42.64 17.84 4.29
N VAL D 218 41.49 17.66 3.63
CA VAL D 218 40.58 16.56 3.94
C VAL D 218 41.19 15.20 3.65
N LYS D 219 41.60 15.02 2.40
CA LYS D 219 42.24 13.79 1.96
C LYS D 219 43.39 13.42 2.88
N ASN D 220 44.09 14.44 3.37
CA ASN D 220 45.28 14.24 4.19
C ASN D 220 45.04 14.20 5.70
N ALA D 221 43.98 14.86 6.15
CA ALA D 221 43.72 15.05 7.58
C ALA D 221 44.02 13.82 8.44
N ALA D 222 43.68 12.65 7.93
CA ALA D 222 43.98 11.40 8.63
C ALA D 222 45.45 11.35 9.00
N TYR D 223 46.32 11.26 7.98
CA TYR D 223 47.75 11.24 8.20
C TYR D 223 48.19 12.34 9.16
N HIS D 224 47.71 13.55 8.93
CA HIS D 224 48.05 14.70 9.77
C HIS D 224 47.76 14.45 11.25
N ILE D 225 46.50 14.19 11.58
CA ILE D 225 46.12 13.89 12.96
C ILE D 225 47.00 12.76 13.47
N ILE D 226 47.12 11.72 12.66
CA ILE D 226 47.89 10.52 13.01
C ILE D 226 49.35 10.84 13.31
N GLU D 227 49.85 11.88 12.67
CA GLU D 227 51.21 12.32 12.89
C GLU D 227 51.29 13.08 14.22
N LYS D 228 50.23 13.82 14.51
CA LYS D 228 50.17 14.68 15.68
C LYS D 228 49.88 13.95 17.01
N LYS D 229 48.84 13.11 17.03
CA LYS D 229 48.50 12.39 18.26
C LYS D 229 48.47 10.87 18.12
N GLY D 230 48.99 10.38 17.00
CA GLY D 230 49.20 8.96 16.82
C GLY D 230 48.10 8.23 16.07
N ALA D 231 46.87 8.64 16.26
CA ALA D 231 45.75 8.00 15.57
C ALA D 231 44.58 8.95 15.32
N THR D 232 43.50 8.38 14.82
CA THR D 232 42.25 9.09 14.59
C THR D 232 41.16 8.26 15.24
N TYR D 233 40.25 8.92 15.98
CA TYR D 233 39.17 8.17 16.63
C TYR D 233 37.91 8.94 17.05
N TYR D 234 38.05 10.20 17.47
CA TYR D 234 36.88 10.97 17.88
C TYR D 234 35.91 11.17 16.72
N GLY D 235 36.46 11.37 15.53
CA GLY D 235 35.65 11.67 14.37
C GLY D 235 34.77 10.50 13.95
N VAL D 236 35.40 9.36 13.77
CA VAL D 236 34.70 8.17 13.33
C VAL D 236 33.72 7.75 14.41
N ALA D 237 34.14 7.90 15.67
CA ALA D 237 33.28 7.63 16.81
C ALA D 237 31.92 8.30 16.65
N MET D 238 31.96 9.59 16.28
CA MET D 238 30.78 10.45 16.10
C MET D 238 29.94 10.06 14.89
N SER D 239 30.60 9.84 13.76
CA SER D 239 29.92 9.37 12.56
C SER D 239 29.32 8.00 12.84
N LEU D 240 30.11 7.13 13.46
CA LEU D 240 29.55 5.88 13.93
C LEU D 240 28.21 6.19 14.62
N ALA D 241 28.26 6.97 15.70
CA ALA D 241 27.08 7.25 16.51
C ALA D 241 25.93 7.80 15.68
N ARG D 242 26.25 8.60 14.67
CA ARG D 242 25.26 9.21 13.81
C ARG D 242 24.53 8.17 12.99
N ILE D 243 25.28 7.29 12.34
CA ILE D 243 24.69 6.25 11.53
C ILE D 243 23.76 5.41 12.40
N THR D 244 24.24 5.09 13.59
CA THR D 244 23.48 4.29 14.55
C THR D 244 22.10 4.90 14.80
N LYS D 245 22.10 6.18 15.14
CA LYS D 245 20.87 6.89 15.49
C LYS D 245 19.83 6.77 14.38
N ALA D 246 20.27 7.03 13.15
CA ALA D 246 19.40 7.06 11.98
C ALA D 246 18.73 5.72 11.81
N ILE D 247 19.43 4.69 12.27
CA ILE D 247 18.96 3.32 12.18
C ILE D 247 17.95 3.01 13.26
N LEU D 248 18.37 3.10 14.52
CA LEU D 248 17.49 2.76 15.64
C LEU D 248 16.21 3.57 15.61
N HIS D 249 16.34 4.84 15.29
CA HIS D 249 15.20 5.73 15.37
C HIS D 249 14.68 6.10 13.98
N ASN D 250 14.84 5.13 13.07
CA ASN D 250 14.14 5.09 11.80
C ASN D 250 13.94 6.46 11.18
N GLU D 251 15.03 7.07 10.77
CA GLU D 251 15.02 8.49 10.44
C GLU D 251 14.79 8.77 8.96
N ASN D 252 15.10 7.80 8.11
CA ASN D 252 15.15 8.05 6.68
C ASN D 252 16.11 9.19 6.40
N SER D 253 17.33 9.04 6.90
CA SER D 253 18.34 10.08 6.86
C SER D 253 19.37 9.80 5.78
N ILE D 254 19.75 10.82 5.03
CA ILE D 254 20.71 10.65 3.96
C ILE D 254 22.16 10.75 4.45
N LEU D 255 22.82 9.61 4.51
CA LEU D 255 24.24 9.53 4.89
C LEU D 255 25.09 8.94 3.75
N THR D 256 26.40 9.15 3.80
CA THR D 256 27.31 8.63 2.79
C THR D 256 27.99 7.36 3.29
N VAL D 257 27.20 6.32 3.54
CA VAL D 257 27.75 5.08 4.06
C VAL D 257 28.26 4.14 2.97
N SER D 258 28.72 2.96 3.36
CA SER D 258 29.15 1.95 2.41
C SER D 258 27.94 1.18 1.90
N THR D 259 27.49 1.54 0.70
CA THR D 259 26.26 0.99 0.15
C THR D 259 26.53 0.12 -1.08
N TYR D 260 25.86 -1.02 -1.14
CA TYR D 260 26.05 -1.98 -2.23
C TYR D 260 25.34 -1.54 -3.49
N LEU D 261 26.09 -1.01 -4.46
CA LEU D 261 25.50 -0.59 -5.72
C LEU D 261 25.23 -1.78 -6.63
N ASP D 262 24.47 -1.54 -7.68
CA ASP D 262 24.23 -2.53 -8.71
C ASP D 262 23.64 -1.82 -9.91
N GLY D 263 24.46 -0.97 -10.52
CA GLY D 263 24.03 -0.14 -11.63
C GLY D 263 24.29 1.32 -11.34
N GLN D 264 24.14 1.70 -10.07
CA GLN D 264 24.33 3.08 -9.65
C GLN D 264 25.77 3.54 -9.88
N TYR D 265 25.92 4.75 -10.41
CA TYR D 265 27.24 5.27 -10.77
C TYR D 265 28.00 4.30 -11.67
N GLY D 266 27.27 3.64 -12.56
CA GLY D 266 27.85 2.75 -13.55
C GLY D 266 28.53 1.52 -12.99
N ALA D 267 28.55 1.38 -11.67
CA ALA D 267 29.26 0.28 -11.03
C ALA D 267 28.34 -0.79 -10.44
N ASP D 268 28.87 -2.00 -10.34
CA ASP D 268 28.18 -3.12 -9.75
C ASP D 268 29.19 -4.03 -9.05
N ASP D 269 28.71 -4.86 -8.14
CA ASP D 269 29.58 -5.78 -7.40
C ASP D 269 30.67 -5.03 -6.63
N VAL D 270 30.27 -4.20 -5.68
CA VAL D 270 31.20 -3.44 -4.84
C VAL D 270 30.47 -2.58 -3.80
N TYR D 271 30.96 -2.61 -2.56
CA TYR D 271 30.48 -1.68 -1.54
C TYR D 271 31.22 -0.37 -1.65
N ILE D 272 30.48 0.72 -1.80
CA ILE D 272 31.09 2.03 -2.00
C ILE D 272 30.35 3.11 -1.20
N GLY D 273 30.98 4.28 -1.04
CA GLY D 273 30.40 5.36 -0.27
C GLY D 273 29.69 6.39 -1.13
N VAL D 274 28.37 6.50 -0.95
CA VAL D 274 27.56 7.48 -1.66
C VAL D 274 26.37 7.86 -0.76
N PRO D 275 25.51 8.79 -1.23
CA PRO D 275 24.31 9.14 -0.46
C PRO D 275 23.27 8.03 -0.35
N ALA D 276 23.28 7.31 0.77
CA ALA D 276 22.30 6.27 1.03
C ALA D 276 21.36 6.69 2.16
N VAL D 277 20.08 6.41 1.98
CA VAL D 277 19.09 6.63 3.03
C VAL D 277 19.20 5.53 4.09
N VAL D 278 19.00 5.88 5.35
CA VAL D 278 19.12 4.91 6.44
C VAL D 278 17.90 4.97 7.35
N ASN D 279 17.45 3.79 7.79
CA ASN D 279 16.32 3.68 8.70
C ASN D 279 16.41 2.40 9.52
N ARG D 280 15.33 2.04 10.21
CA ARG D 280 15.35 0.88 11.08
C ARG D 280 15.95 -0.35 10.38
N GLY D 281 15.63 -0.53 9.10
CA GLY D 281 16.13 -1.66 8.33
C GLY D 281 17.63 -1.59 8.06
N GLY D 282 18.04 -0.56 7.34
CA GLY D 282 19.44 -0.34 7.06
C GLY D 282 19.54 0.62 5.91
N ILE D 283 20.23 0.20 4.85
CA ILE D 283 20.17 0.92 3.60
C ILE D 283 18.75 0.74 3.07
N ALA D 284 18.06 1.85 2.84
CA ALA D 284 16.69 1.78 2.35
C ALA D 284 16.69 2.01 0.85
N GLY D 285 16.72 3.29 0.48
CA GLY D 285 16.92 3.67 -0.91
C GLY D 285 18.39 3.93 -1.17
N ILE D 286 18.68 4.45 -2.36
CA ILE D 286 20.02 4.92 -2.69
C ILE D 286 19.84 6.04 -3.71
N THR D 287 20.55 7.15 -3.49
CA THR D 287 20.47 8.26 -4.42
C THR D 287 21.56 8.11 -5.48
N GLU D 288 21.13 7.94 -6.72
CA GLU D 288 22.05 8.09 -7.84
C GLU D 288 22.14 9.59 -8.07
N LEU D 289 23.36 10.13 -8.05
CA LEU D 289 23.52 11.57 -8.28
C LEU D 289 23.86 11.88 -9.72
N ASN D 290 23.17 12.86 -10.28
CA ASN D 290 23.45 13.33 -11.62
C ASN D 290 24.81 14.03 -11.64
N LEU D 291 25.87 13.23 -11.65
CA LEU D 291 27.25 13.73 -11.56
C LEU D 291 27.72 14.46 -12.81
N ASN D 292 28.96 14.17 -13.20
CA ASN D 292 29.53 14.70 -14.43
C ASN D 292 30.87 14.03 -14.74
N GLU D 293 31.36 14.21 -15.98
CA GLU D 293 32.56 13.53 -16.45
C GLU D 293 33.63 13.39 -15.37
N LYS D 294 34.19 14.52 -14.95
CA LYS D 294 35.24 14.50 -13.95
C LYS D 294 34.86 13.60 -12.78
N GLU D 295 33.77 13.95 -12.10
CA GLU D 295 33.34 13.23 -10.91
C GLU D 295 32.89 11.80 -11.22
N LYS D 296 32.14 11.64 -12.30
CA LYS D 296 31.72 10.33 -12.77
C LYS D 296 32.94 9.47 -13.06
N GLU D 297 33.88 10.04 -13.81
CA GLU D 297 35.14 9.38 -14.14
C GLU D 297 35.90 9.08 -12.86
N GLN D 298 35.98 10.07 -11.98
CA GLN D 298 36.67 9.93 -10.70
C GLN D 298 36.06 8.83 -9.85
N PHE D 299 34.73 8.82 -9.79
CA PHE D 299 34.03 7.79 -9.05
C PHE D 299 34.23 6.44 -9.73
N LEU D 300 34.03 6.42 -11.05
CA LEU D 300 34.21 5.22 -11.84
C LEU D 300 35.60 4.63 -11.59
N HIS D 301 36.62 5.47 -11.75
CA HIS D 301 37.99 5.07 -11.47
C HIS D 301 38.14 4.62 -10.02
N SER D 302 37.51 5.36 -9.11
CA SER D 302 37.57 5.04 -7.70
C SER D 302 36.90 3.72 -7.44
N ALA D 303 35.78 3.50 -8.13
CA ALA D 303 35.09 2.22 -8.07
C ALA D 303 36.04 1.13 -8.54
N GLY D 304 37.05 1.53 -9.31
CA GLY D 304 38.02 0.61 -9.85
C GLY D 304 38.86 -0.13 -8.84
N VAL D 305 39.76 0.59 -8.17
CA VAL D 305 40.75 -0.05 -7.28
C VAL D 305 40.11 -1.04 -6.31
N LEU D 306 38.88 -0.72 -5.88
CA LEU D 306 38.17 -1.53 -4.90
C LEU D 306 37.75 -2.89 -5.45
N LYS D 307 37.38 -2.94 -6.71
CA LYS D 307 36.99 -4.20 -7.33
C LYS D 307 38.16 -5.17 -7.30
N ASN D 308 39.32 -4.66 -7.66
CA ASN D 308 40.55 -5.42 -7.69
C ASN D 308 40.88 -6.19 -6.43
N ILE D 309 40.90 -5.46 -5.32
CA ILE D 309 41.52 -5.92 -4.10
C ILE D 309 40.76 -7.05 -3.50
N LEU D 310 39.59 -7.28 -4.05
CA LEU D 310 38.66 -8.25 -3.50
C LEU D 310 38.94 -9.70 -3.90
N LYS D 311 38.71 -10.01 -5.18
CA LYS D 311 38.75 -11.39 -5.68
C LYS D 311 39.66 -12.34 -4.91
N PRO D 312 40.99 -12.13 -4.97
CA PRO D 312 41.95 -13.11 -4.43
C PRO D 312 41.85 -13.34 -2.92
N HIS D 313 41.78 -12.27 -2.13
CA HIS D 313 41.75 -12.39 -0.68
C HIS D 313 40.56 -13.24 -0.21
N PHE D 314 39.55 -13.35 -1.07
CA PHE D 314 38.37 -14.18 -0.79
C PHE D 314 38.68 -15.67 -0.89
N HIS E 4 -28.80 4.12 -25.62
CA HIS E 4 -29.85 3.14 -25.92
C HIS E 4 -29.39 1.72 -25.59
N VAL E 5 -28.07 1.51 -25.51
CA VAL E 5 -27.53 0.22 -25.08
C VAL E 5 -26.88 0.31 -23.70
N ASN E 6 -26.29 -0.80 -23.26
CA ASN E 6 -25.58 -0.81 -22.00
C ASN E 6 -24.33 0.06 -22.05
N LYS E 7 -24.19 0.91 -21.04
CA LYS E 7 -23.07 1.85 -21.02
C LYS E 7 -22.52 2.07 -19.61
N VAL E 8 -21.19 1.95 -19.53
CA VAL E 8 -20.45 2.12 -18.29
C VAL E 8 -19.49 3.29 -18.46
N ALA E 9 -19.45 4.19 -17.47
CA ALA E 9 -18.44 5.23 -17.44
C ALA E 9 -17.46 4.92 -16.33
N LEU E 10 -16.24 4.55 -16.72
CA LEU E 10 -15.14 4.24 -15.79
C LEU E 10 -14.38 5.51 -15.35
N ILE E 11 -14.30 5.76 -14.05
CA ILE E 11 -13.43 6.83 -13.52
C ILE E 11 -12.15 6.29 -12.86
N GLY E 12 -11.01 6.63 -13.44
CA GLY E 12 -9.73 6.07 -13.05
C GLY E 12 -9.16 5.11 -14.08
N ALA E 13 -8.00 5.45 -14.65
CA ALA E 13 -7.34 4.61 -15.64
C ALA E 13 -6.15 3.86 -15.05
N GLY E 14 -6.20 3.58 -13.75
CA GLY E 14 -5.09 2.95 -13.06
C GLY E 14 -5.01 1.46 -13.32
N PHE E 15 -4.19 0.80 -12.50
CA PHE E 15 -4.03 -0.66 -12.58
C PHE E 15 -5.36 -1.38 -12.54
N VAL E 16 -6.24 -0.95 -11.64
CA VAL E 16 -7.54 -1.60 -11.47
C VAL E 16 -8.42 -1.20 -12.64
N GLY E 17 -8.43 0.09 -12.93
CA GLY E 17 -9.32 0.66 -13.94
C GLY E 17 -9.16 0.07 -15.33
N SER E 18 -7.92 -0.20 -15.73
CA SER E 18 -7.67 -0.70 -17.08
C SER E 18 -7.83 -2.22 -17.14
N SER E 19 -7.53 -2.89 -16.05
CA SER E 19 -7.72 -4.33 -16.00
C SER E 19 -9.21 -4.65 -15.99
N TYR E 20 -10.00 -3.74 -15.43
CA TYR E 20 -11.44 -3.84 -15.47
C TYR E 20 -11.90 -3.68 -16.90
N ALA E 21 -11.51 -2.56 -17.53
CA ALA E 21 -11.88 -2.31 -18.91
C ALA E 21 -11.57 -3.53 -19.78
N PHE E 22 -10.34 -4.03 -19.67
CA PHE E 22 -9.92 -5.22 -20.40
C PHE E 22 -10.78 -6.46 -20.08
N ALA E 23 -11.27 -6.55 -18.85
CA ALA E 23 -12.15 -7.65 -18.48
C ALA E 23 -13.52 -7.45 -19.10
N LEU E 24 -13.78 -6.24 -19.58
CA LEU E 24 -15.06 -5.93 -20.21
C LEU E 24 -15.03 -6.20 -21.70
N ILE E 25 -13.98 -5.71 -22.35
CA ILE E 25 -13.78 -5.94 -23.77
C ILE E 25 -13.31 -7.38 -24.09
N ASN E 26 -13.15 -8.19 -23.05
CA ASN E 26 -12.88 -9.61 -23.22
C ASN E 26 -14.10 -10.50 -22.98
N GLN E 27 -15.05 -10.02 -22.18
CA GLN E 27 -16.25 -10.79 -21.86
C GLN E 27 -17.50 -10.27 -22.55
N GLY E 28 -17.43 -9.05 -23.09
CA GLY E 28 -18.57 -8.40 -23.70
C GLY E 28 -19.79 -8.44 -22.80
N ILE E 29 -19.85 -7.46 -21.89
CA ILE E 29 -20.88 -7.42 -20.87
C ILE E 29 -21.64 -6.11 -20.98
N THR E 30 -20.90 -5.06 -21.33
CA THR E 30 -21.48 -3.76 -21.65
C THR E 30 -21.39 -3.59 -23.15
N ASP E 31 -22.07 -2.58 -23.68
CA ASP E 31 -21.98 -2.24 -25.09
C ASP E 31 -21.06 -1.05 -25.34
N GLU E 32 -21.20 -0.01 -24.52
CA GLU E 32 -20.28 1.12 -24.58
C GLU E 32 -19.47 1.19 -23.30
N LEU E 33 -18.23 1.64 -23.44
CA LEU E 33 -17.40 1.99 -22.29
C LEU E 33 -16.69 3.33 -22.54
N VAL E 34 -17.01 4.33 -21.73
CA VAL E 34 -16.26 5.60 -21.72
C VAL E 34 -15.20 5.56 -20.63
N VAL E 35 -14.02 6.08 -20.95
CA VAL E 35 -12.90 6.09 -20.01
C VAL E 35 -12.63 7.50 -19.52
N ILE E 36 -12.34 7.64 -18.23
CA ILE E 36 -12.13 8.95 -17.63
C ILE E 36 -10.90 8.94 -16.72
N ASP E 37 -10.16 10.04 -16.72
CA ASP E 37 -8.96 10.16 -15.88
C ASP E 37 -8.44 11.60 -15.82
N VAL E 38 -7.87 11.95 -14.68
CA VAL E 38 -7.21 13.24 -14.57
C VAL E 38 -5.96 13.19 -15.43
N ASN E 39 -5.26 12.07 -15.40
CA ASN E 39 -4.19 11.81 -16.36
C ASN E 39 -4.82 11.63 -17.74
N LYS E 40 -5.18 12.75 -18.35
CA LYS E 40 -5.82 12.73 -19.66
C LYS E 40 -4.96 12.08 -20.73
N GLU E 41 -3.73 11.69 -20.37
CA GLU E 41 -2.80 11.08 -21.31
C GLU E 41 -2.81 9.56 -21.13
N LYS E 42 -3.05 9.13 -19.89
CA LYS E 42 -3.16 7.71 -19.55
C LYS E 42 -4.47 7.16 -20.13
N ALA E 43 -5.49 8.00 -20.09
CA ALA E 43 -6.82 7.63 -20.56
C ALA E 43 -6.86 7.34 -22.07
N MET E 44 -6.25 8.22 -22.86
CA MET E 44 -6.31 8.08 -24.31
C MET E 44 -5.54 6.83 -24.75
N GLY E 45 -4.48 6.51 -24.03
CA GLY E 45 -3.63 5.38 -24.36
C GLY E 45 -4.27 4.03 -24.13
N ASP E 46 -5.05 3.92 -23.06
CA ASP E 46 -5.81 2.71 -22.79
C ASP E 46 -6.84 2.51 -23.88
N VAL E 47 -7.61 3.55 -24.17
CA VAL E 47 -8.67 3.49 -25.18
C VAL E 47 -8.15 3.03 -26.55
N MET E 48 -7.02 3.59 -26.99
CA MET E 48 -6.38 3.13 -28.22
C MET E 48 -5.89 1.70 -28.07
N ASP E 49 -5.18 1.42 -26.98
CA ASP E 49 -4.68 0.07 -26.77
C ASP E 49 -5.85 -0.91 -26.70
N LEU E 50 -6.93 -0.51 -26.02
CA LEU E 50 -8.10 -1.37 -25.91
C LEU E 50 -8.76 -1.56 -27.26
N ASN E 51 -8.98 -0.48 -27.99
CA ASN E 51 -9.63 -0.54 -29.31
C ASN E 51 -8.86 -1.35 -30.34
N HIS E 52 -7.56 -1.46 -30.17
CA HIS E 52 -6.76 -2.14 -31.17
C HIS E 52 -6.98 -3.65 -31.14
N GLY E 53 -7.87 -4.09 -30.25
CA GLY E 53 -8.28 -5.48 -30.21
C GLY E 53 -9.74 -5.70 -30.59
N LYS E 54 -10.47 -4.61 -30.82
CA LYS E 54 -11.91 -4.64 -31.08
C LYS E 54 -12.30 -5.56 -32.25
N ALA E 55 -11.45 -5.61 -33.27
CA ALA E 55 -11.71 -6.44 -34.44
C ALA E 55 -11.49 -7.91 -34.12
N PHE E 56 -10.79 -8.18 -33.02
CA PHE E 56 -10.53 -9.55 -32.59
C PHE E 56 -11.33 -9.95 -31.35
N ALA E 57 -12.28 -9.10 -30.94
CA ALA E 57 -13.05 -9.35 -29.73
C ALA E 57 -14.19 -10.36 -29.93
N PRO E 58 -14.46 -11.19 -28.91
CA PRO E 58 -15.56 -12.16 -28.98
C PRO E 58 -16.89 -11.43 -29.11
N GLN E 59 -16.97 -10.27 -28.47
CA GLN E 59 -18.08 -9.33 -28.68
C GLN E 59 -17.52 -7.91 -28.68
N PRO E 60 -17.69 -7.22 -29.80
CA PRO E 60 -17.14 -5.86 -29.94
C PRO E 60 -17.72 -4.87 -28.94
N VAL E 61 -16.92 -4.42 -27.98
CA VAL E 61 -17.33 -3.32 -27.12
C VAL E 61 -16.90 -1.98 -27.74
N LYS E 62 -17.74 -0.96 -27.64
CA LYS E 62 -17.36 0.35 -28.13
C LYS E 62 -16.73 1.16 -27.01
N THR E 63 -15.42 1.36 -27.08
CA THR E 63 -14.74 2.13 -26.07
C THR E 63 -14.46 3.55 -26.56
N SER E 64 -14.54 4.50 -25.63
CA SER E 64 -14.25 5.89 -25.93
C SER E 64 -13.61 6.57 -24.72
N TYR E 65 -12.66 7.45 -24.97
CA TYR E 65 -12.14 8.33 -23.94
C TYR E 65 -13.17 9.41 -23.67
N GLY E 66 -13.31 9.81 -22.41
CA GLY E 66 -14.34 10.77 -22.08
C GLY E 66 -14.08 11.69 -20.90
N THR E 67 -15.11 12.46 -20.57
CA THR E 67 -15.09 13.54 -19.59
C THR E 67 -16.24 13.28 -18.64
N TYR E 68 -16.29 14.00 -17.53
CA TYR E 68 -17.39 13.82 -16.59
C TYR E 68 -18.76 13.98 -17.25
N GLU E 69 -18.85 14.88 -18.23
CA GLU E 69 -20.12 15.07 -18.96
C GLU E 69 -20.67 13.79 -19.62
N ASP E 70 -19.80 12.81 -19.88
CA ASP E 70 -20.24 11.55 -20.51
C ASP E 70 -20.83 10.53 -19.54
N CYS E 71 -21.04 10.93 -18.28
CA CYS E 71 -21.68 10.07 -17.31
C CYS E 71 -23.19 10.23 -17.35
N LYS E 72 -23.65 11.32 -17.97
CA LYS E 72 -25.06 11.67 -17.96
C LYS E 72 -25.94 10.47 -18.30
N ASP E 73 -25.51 9.70 -19.26
CA ASP E 73 -26.32 8.61 -19.79
C ASP E 73 -25.68 7.24 -19.57
N ALA E 74 -24.76 7.16 -18.61
CA ALA E 74 -24.24 5.88 -18.19
C ALA E 74 -25.24 5.17 -17.30
N ASP E 75 -25.13 3.85 -17.19
CA ASP E 75 -26.00 3.09 -16.32
C ASP E 75 -25.25 2.77 -15.05
N ILE E 76 -23.95 2.53 -15.21
CA ILE E 76 -23.06 2.36 -14.09
C ILE E 76 -21.94 3.39 -14.22
N VAL E 77 -21.60 4.04 -13.11
CA VAL E 77 -20.30 4.71 -12.99
C VAL E 77 -19.48 3.90 -12.00
N CYS E 78 -18.25 3.58 -12.40
CA CYS E 78 -17.36 2.69 -11.67
C CYS E 78 -16.05 3.43 -11.31
N ILE E 79 -15.85 3.71 -10.03
CA ILE E 79 -14.70 4.54 -9.65
C ILE E 79 -13.51 3.70 -9.19
N CYS E 80 -12.41 3.82 -9.92
CA CYS E 80 -11.18 3.14 -9.56
C CYS E 80 -10.06 4.19 -9.42
N ALA E 81 -10.43 5.46 -9.45
CA ALA E 81 -9.50 6.55 -9.20
C ALA E 81 -9.31 6.83 -7.70
N GLY E 82 -8.16 7.37 -7.35
CA GLY E 82 -7.87 7.73 -5.97
C GLY E 82 -6.49 7.32 -5.53
N ALA E 83 -6.18 7.57 -4.26
CA ALA E 83 -4.89 7.19 -3.70
C ALA E 83 -4.92 5.78 -3.13
N ASN E 84 -3.83 5.05 -3.34
CA ASN E 84 -3.56 3.81 -2.64
C ASN E 84 -2.83 4.20 -1.36
N GLN E 85 -2.90 3.35 -0.35
CA GLN E 85 -2.25 3.66 0.92
C GLN E 85 -0.73 3.82 0.81
N LYS E 86 -0.22 4.99 1.23
CA LYS E 86 1.22 5.17 1.38
C LYS E 86 1.70 4.39 2.59
N PRO E 87 2.85 3.70 2.46
CA PRO E 87 3.36 2.81 3.51
C PRO E 87 3.47 3.53 4.87
N GLY E 88 3.80 4.81 4.83
CA GLY E 88 3.86 5.59 6.06
C GLY E 88 2.51 5.84 6.71
N GLU E 89 1.50 6.17 5.93
CA GLU E 89 0.25 6.73 6.46
C GLU E 89 -0.72 5.73 7.09
N THR E 90 -1.67 6.25 7.86
CA THR E 90 -2.70 5.42 8.45
C THR E 90 -3.93 5.46 7.55
N ARG E 91 -4.79 4.45 7.68
CA ARG E 91 -5.94 4.32 6.81
C ARG E 91 -6.78 5.58 6.96
N LEU E 92 -6.75 6.14 8.16
CA LEU E 92 -7.49 7.36 8.47
C LEU E 92 -6.93 8.57 7.70
N GLU E 93 -5.61 8.62 7.52
CA GLU E 93 -4.98 9.65 6.70
C GLU E 93 -5.17 9.35 5.21
N LEU E 94 -5.34 8.08 4.86
CA LEU E 94 -5.63 7.67 3.50
C LEU E 94 -7.05 8.05 3.12
N VAL E 95 -7.94 7.96 4.11
CA VAL E 95 -9.34 8.28 3.91
C VAL E 95 -9.54 9.75 3.61
N GLU E 96 -8.96 10.61 4.44
CA GLU E 96 -9.09 12.06 4.28
C GLU E 96 -8.75 12.50 2.86
N LYS E 97 -7.74 11.85 2.28
CA LYS E 97 -7.40 12.06 0.89
C LYS E 97 -8.57 11.70 -0.03
N ASN E 98 -8.79 10.39 -0.20
CA ASN E 98 -9.83 9.90 -1.10
C ASN E 98 -11.17 10.61 -0.90
N LEU E 99 -11.62 10.73 0.35
CA LEU E 99 -12.82 11.49 0.61
C LEU E 99 -12.78 12.74 -0.26
N LYS E 100 -11.68 13.47 -0.12
CA LYS E 100 -11.48 14.70 -0.87
C LYS E 100 -11.65 14.47 -2.38
N ILE E 101 -10.94 13.49 -2.94
CA ILE E 101 -11.08 13.26 -4.38
C ILE E 101 -12.48 12.78 -4.79
N PHE E 102 -13.15 12.04 -3.91
CA PHE E 102 -14.48 11.52 -4.20
C PHE E 102 -15.59 12.56 -4.15
N LYS E 103 -15.52 13.48 -3.19
CA LYS E 103 -16.54 14.54 -3.08
C LYS E 103 -16.66 15.38 -4.36
N GLY E 104 -15.54 15.54 -5.07
CA GLY E 104 -15.52 16.29 -6.32
C GLY E 104 -15.83 15.43 -7.54
N ILE E 105 -15.22 14.25 -7.61
CA ILE E 105 -15.60 13.25 -8.62
C ILE E 105 -17.11 13.06 -8.64
N VAL E 106 -17.63 12.58 -7.52
CA VAL E 106 -19.05 12.29 -7.37
C VAL E 106 -19.93 13.48 -7.76
N SER E 107 -19.46 14.68 -7.47
CA SER E 107 -20.23 15.89 -7.78
C SER E 107 -20.07 16.33 -9.23
N GLU E 108 -18.94 15.98 -9.84
CA GLU E 108 -18.74 16.26 -11.25
C GLU E 108 -19.63 15.34 -12.10
N VAL E 109 -19.87 14.11 -11.63
CA VAL E 109 -20.75 13.21 -12.38
C VAL E 109 -22.23 13.53 -12.09
N MET E 110 -22.54 13.89 -10.85
CA MET E 110 -23.92 14.24 -10.52
C MET E 110 -24.36 15.47 -11.29
N ALA E 111 -23.42 16.38 -11.58
CA ALA E 111 -23.70 17.60 -12.32
C ALA E 111 -24.13 17.33 -13.77
N SER E 112 -23.62 16.23 -14.34
CA SER E 112 -23.98 15.84 -15.70
C SER E 112 -25.41 15.31 -15.78
N GLY E 113 -25.98 14.98 -14.62
CA GLY E 113 -27.32 14.42 -14.56
C GLY E 113 -27.32 12.91 -14.49
N PHE E 114 -26.16 12.32 -14.23
CA PHE E 114 -26.08 10.88 -14.05
C PHE E 114 -27.22 10.43 -13.14
N ASP E 115 -27.82 9.29 -13.49
CA ASP E 115 -28.89 8.74 -12.67
C ASP E 115 -28.82 7.22 -12.64
N GLY E 116 -27.62 6.68 -12.71
CA GLY E 116 -27.45 5.23 -12.71
C GLY E 116 -27.16 4.63 -11.35
N ILE E 117 -26.18 3.75 -11.32
CA ILE E 117 -25.79 3.03 -10.12
C ILE E 117 -24.27 3.12 -9.95
N PHE E 118 -23.83 3.79 -8.88
CA PHE E 118 -22.43 3.82 -8.53
C PHE E 118 -21.95 2.44 -8.10
N LEU E 119 -20.87 2.00 -8.73
CA LEU E 119 -20.14 0.86 -8.26
C LEU E 119 -18.81 1.43 -7.80
N VAL E 120 -18.39 1.11 -6.59
CA VAL E 120 -17.17 1.70 -6.05
C VAL E 120 -16.15 0.62 -5.74
N ALA E 121 -14.89 0.88 -6.07
CA ALA E 121 -13.86 -0.13 -5.88
C ALA E 121 -12.64 0.38 -5.09
N THR E 122 -12.34 1.66 -5.18
CA THR E 122 -11.11 2.16 -4.57
C THR E 122 -11.21 2.22 -3.02
N ASN E 123 -10.11 1.89 -2.34
CA ASN E 123 -10.09 1.70 -0.90
C ASN E 123 -9.99 2.96 -0.04
N PRO E 124 -10.37 2.87 1.24
CA PRO E 124 -11.04 1.70 1.83
C PRO E 124 -12.46 1.55 1.32
N VAL E 125 -12.73 0.44 0.64
CA VAL E 125 -13.92 0.28 -0.19
C VAL E 125 -15.23 0.57 0.53
N ASP E 126 -15.35 0.11 1.78
CA ASP E 126 -16.59 0.31 2.52
C ASP E 126 -16.85 1.77 2.95
N ILE E 127 -15.77 2.56 3.04
CA ILE E 127 -15.87 3.99 3.40
C ILE E 127 -16.29 4.87 2.24
N LEU E 128 -15.55 4.77 1.14
CA LEU E 128 -15.86 5.53 -0.07
C LEU E 128 -17.25 5.21 -0.64
N THR E 129 -17.68 3.95 -0.57
CA THR E 129 -19.01 3.58 -0.99
C THR E 129 -20.01 4.41 -0.20
N TYR E 130 -19.90 4.31 1.11
CA TYR E 130 -20.69 5.12 2.04
C TYR E 130 -20.58 6.59 1.66
N ALA E 131 -19.35 7.08 1.66
CA ALA E 131 -19.09 8.46 1.27
C ALA E 131 -19.79 8.74 -0.05
N THR E 132 -19.59 7.84 -1.00
CA THR E 132 -20.21 7.97 -2.32
C THR E 132 -21.73 8.06 -2.19
N TRP E 133 -22.30 7.19 -1.37
CA TRP E 133 -23.70 7.29 -1.00
C TRP E 133 -23.97 8.71 -0.49
N LYS E 134 -23.28 9.09 0.59
CA LYS E 134 -23.42 10.43 1.18
C LYS E 134 -23.30 11.56 0.14
N PHE E 135 -22.21 11.58 -0.61
CA PHE E 135 -21.97 12.69 -1.52
C PHE E 135 -22.97 12.73 -2.68
N SER E 136 -23.67 11.62 -2.93
CA SER E 136 -24.59 11.53 -4.07
C SER E 136 -26.04 11.73 -3.67
N GLY E 137 -26.41 11.24 -2.50
CA GLY E 137 -27.80 11.28 -2.07
C GLY E 137 -28.73 10.48 -2.98
N LEU E 138 -28.18 9.46 -3.64
CA LEU E 138 -29.03 8.50 -4.35
C LEU E 138 -29.44 7.46 -3.33
N PRO E 139 -30.56 6.78 -3.59
CA PRO E 139 -30.95 5.68 -2.69
C PRO E 139 -29.78 4.75 -2.47
N LYS E 140 -29.70 4.19 -1.27
CA LYS E 140 -28.57 3.34 -0.88
C LYS E 140 -28.36 2.10 -1.75
N GLU E 141 -29.38 1.73 -2.53
CA GLU E 141 -29.34 0.48 -3.30
C GLU E 141 -28.71 0.72 -4.66
N ARG E 142 -28.54 2.00 -4.98
CA ARG E 142 -27.99 2.38 -6.27
C ARG E 142 -26.54 2.84 -6.15
N VAL E 143 -25.99 2.73 -4.94
CA VAL E 143 -24.57 2.91 -4.73
C VAL E 143 -24.07 1.60 -4.17
N ILE E 144 -23.08 1.00 -4.83
CA ILE E 144 -22.60 -0.32 -4.46
C ILE E 144 -21.06 -0.41 -4.47
N GLY E 145 -20.49 -1.02 -3.44
CA GLY E 145 -19.07 -1.28 -3.42
C GLY E 145 -18.71 -2.75 -3.63
N SER E 146 -17.47 -2.98 -4.04
CA SER E 146 -17.02 -4.32 -4.38
C SER E 146 -16.85 -5.19 -3.13
N GLY E 147 -16.84 -4.54 -1.97
CA GLY E 147 -16.76 -5.22 -0.69
C GLY E 147 -15.82 -6.39 -0.59
N THR E 148 -16.38 -7.53 -0.15
CA THR E 148 -15.62 -8.74 0.09
C THR E 148 -15.71 -9.77 -1.06
N THR E 149 -16.25 -9.38 -2.21
CA THR E 149 -16.32 -10.30 -3.34
C THR E 149 -14.97 -10.91 -3.71
N LEU E 150 -13.90 -10.11 -3.74
CA LEU E 150 -12.59 -10.62 -4.12
C LEU E 150 -12.06 -11.61 -3.10
N ASP E 151 -12.15 -11.22 -1.83
CA ASP E 151 -11.83 -12.14 -0.74
C ASP E 151 -12.66 -13.39 -0.91
N SER E 152 -13.94 -13.21 -1.24
CA SER E 152 -14.80 -14.37 -1.43
C SER E 152 -14.24 -15.30 -2.51
N ALA E 153 -13.70 -14.72 -3.57
CA ALA E 153 -13.13 -15.52 -4.66
C ALA E 153 -11.88 -16.30 -4.23
N ARG E 154 -10.89 -15.62 -3.66
CA ARG E 154 -9.65 -16.29 -3.25
C ARG E 154 -9.98 -17.44 -2.31
N PHE E 155 -10.90 -17.16 -1.39
CA PHE E 155 -11.31 -18.09 -0.36
C PHE E 155 -11.92 -19.34 -1.01
N ARG E 156 -12.69 -19.14 -2.06
CA ARG E 156 -13.29 -20.26 -2.78
C ARG E 156 -12.25 -20.93 -3.68
N PHE E 157 -11.36 -20.14 -4.23
CA PHE E 157 -10.30 -20.68 -5.08
C PHE E 157 -9.40 -21.59 -4.26
N MET E 158 -8.94 -21.10 -3.11
CA MET E 158 -8.02 -21.84 -2.26
C MET E 158 -8.66 -23.11 -1.69
N LEU E 159 -9.92 -23.02 -1.29
CA LEU E 159 -10.64 -24.19 -0.77
C LEU E 159 -10.93 -25.18 -1.89
N SER E 160 -10.79 -24.72 -3.13
CA SER E 160 -11.00 -25.56 -4.31
C SER E 160 -9.78 -26.43 -4.57
N GLU E 161 -8.62 -25.81 -4.40
CA GLU E 161 -7.33 -26.52 -4.38
C GLU E 161 -7.39 -27.57 -3.29
N TYR E 162 -7.97 -27.20 -2.16
CA TYR E 162 -7.97 -28.05 -0.99
C TYR E 162 -8.78 -29.33 -1.20
N PHE E 163 -10.08 -29.17 -1.44
CA PHE E 163 -11.03 -30.29 -1.43
C PHE E 163 -11.19 -30.99 -2.78
N GLY E 164 -10.32 -30.70 -3.74
CA GLY E 164 -10.43 -31.31 -5.05
C GLY E 164 -11.82 -31.15 -5.67
N ALA E 165 -12.09 -29.98 -6.25
CA ALA E 165 -13.35 -29.65 -6.91
C ALA E 165 -13.32 -28.20 -7.41
N ALA E 166 -13.98 -27.95 -8.53
CA ALA E 166 -13.99 -26.60 -9.12
C ALA E 166 -14.50 -25.54 -8.14
N PRO E 167 -13.89 -24.35 -8.18
CA PRO E 167 -14.24 -23.28 -7.24
C PRO E 167 -15.74 -22.98 -7.26
N GLN E 168 -16.34 -23.06 -8.44
CA GLN E 168 -17.76 -22.80 -8.62
C GLN E 168 -18.70 -23.77 -7.86
N ASN E 169 -18.17 -24.90 -7.40
CA ASN E 169 -18.92 -25.76 -6.47
C ASN E 169 -18.49 -25.61 -5.01
N VAL E 170 -17.44 -24.83 -4.79
CA VAL E 170 -17.05 -24.48 -3.43
C VAL E 170 -17.91 -23.28 -3.01
N HIS E 171 -18.71 -23.44 -1.96
CA HIS E 171 -19.55 -22.33 -1.52
C HIS E 171 -19.17 -21.84 -0.14
N ALA E 172 -18.51 -20.69 -0.11
CA ALA E 172 -18.02 -20.13 1.15
C ALA E 172 -17.97 -18.62 1.00
N HIS E 173 -18.48 -17.92 2.00
CA HIS E 173 -18.54 -16.47 1.95
C HIS E 173 -17.43 -15.86 2.80
N ILE E 174 -17.02 -14.64 2.46
CA ILE E 174 -16.21 -13.82 3.35
C ILE E 174 -17.01 -12.58 3.67
N ILE E 175 -17.42 -12.45 4.92
CA ILE E 175 -18.17 -11.28 5.32
C ILE E 175 -17.35 -10.39 6.26
N GLY E 176 -17.69 -9.10 6.26
CA GLY E 176 -17.03 -8.12 7.09
C GLY E 176 -16.52 -6.98 6.25
N GLU E 177 -15.92 -6.00 6.92
CA GLU E 177 -15.17 -4.97 6.23
C GLU E 177 -14.20 -5.67 5.30
N HIS E 178 -13.88 -5.03 4.18
CA HIS E 178 -12.84 -5.50 3.29
C HIS E 178 -11.48 -5.17 3.91
N GLY E 179 -11.07 -5.94 4.91
CA GLY E 179 -9.86 -5.64 5.68
C GLY E 179 -9.35 -6.80 6.52
N ASP E 180 -8.60 -6.48 7.58
CA ASP E 180 -8.15 -7.51 8.53
C ASP E 180 -9.35 -7.95 9.36
N THR E 181 -10.35 -7.08 9.43
CA THR E 181 -11.55 -7.35 10.20
C THR E 181 -12.58 -8.21 9.46
N GLU E 182 -12.31 -8.54 8.20
CA GLU E 182 -13.17 -9.46 7.45
C GLU E 182 -13.12 -10.79 8.16
N LEU E 183 -13.99 -11.72 7.76
CA LEU E 183 -14.01 -13.05 8.38
C LEU E 183 -14.66 -14.12 7.51
N PRO E 184 -14.18 -15.36 7.64
CA PRO E 184 -14.78 -16.52 6.98
C PRO E 184 -16.05 -16.96 7.70
N VAL E 185 -17.04 -17.42 6.97
CA VAL E 185 -18.31 -17.86 7.56
C VAL E 185 -18.44 -19.37 7.54
N TRP E 186 -17.64 -20.04 8.37
CA TRP E 186 -17.53 -21.49 8.37
C TRP E 186 -18.85 -22.23 8.53
N SER E 187 -19.72 -21.73 9.40
CA SER E 187 -20.94 -22.46 9.72
C SER E 187 -21.83 -22.70 8.48
N HIS E 188 -21.32 -22.34 7.30
CA HIS E 188 -22.07 -22.49 6.06
C HIS E 188 -21.18 -22.78 4.84
N ALA E 189 -19.88 -22.89 5.07
CA ALA E 189 -18.97 -23.28 4.01
C ALA E 189 -19.18 -24.75 3.62
N ASN E 190 -19.71 -24.97 2.43
CA ASN E 190 -19.90 -26.32 1.94
C ASN E 190 -19.27 -26.49 0.57
N VAL E 191 -19.04 -27.73 0.18
CA VAL E 191 -18.62 -28.07 -1.18
C VAL E 191 -19.62 -29.04 -1.82
N GLY E 192 -20.30 -28.59 -2.88
CA GLY E 192 -21.30 -29.41 -3.53
C GLY E 192 -22.46 -29.73 -2.60
N GLY E 193 -22.56 -28.98 -1.52
CA GLY E 193 -23.62 -29.19 -0.54
C GLY E 193 -23.19 -29.72 0.83
N VAL E 194 -22.04 -30.37 0.92
CA VAL E 194 -21.63 -30.93 2.20
C VAL E 194 -20.74 -29.99 3.00
N PRO E 195 -21.15 -29.71 4.26
CA PRO E 195 -20.48 -28.75 5.15
C PRO E 195 -19.01 -29.09 5.33
N VAL E 196 -18.18 -28.06 5.46
CA VAL E 196 -16.77 -28.27 5.75
C VAL E 196 -16.62 -29.06 7.04
N SER E 197 -17.36 -28.66 8.07
CA SER E 197 -17.32 -29.39 9.34
C SER E 197 -17.67 -30.86 9.08
N GLU E 198 -18.78 -31.09 8.40
CA GLU E 198 -19.21 -32.44 8.03
C GLU E 198 -18.20 -33.14 7.11
N LEU E 199 -17.17 -32.41 6.68
CA LEU E 199 -16.08 -32.99 5.87
C LEU E 199 -14.76 -33.09 6.64
N VAL E 200 -14.55 -32.19 7.60
CA VAL E 200 -13.35 -32.25 8.44
C VAL E 200 -13.56 -33.28 9.54
N GLU E 201 -14.82 -33.45 9.92
CA GLU E 201 -15.19 -34.28 11.05
C GLU E 201 -14.43 -35.59 11.06
N LYS E 202 -14.35 -36.23 9.90
CA LYS E 202 -13.65 -37.50 9.78
C LYS E 202 -12.12 -37.31 9.85
N ASN E 203 -11.57 -36.50 8.96
CA ASN E 203 -10.13 -36.18 8.97
C ASN E 203 -9.81 -35.12 10.02
N ASP E 204 -10.25 -35.35 11.25
CA ASP E 204 -10.22 -34.34 12.31
C ASP E 204 -8.88 -33.65 12.53
N ALA E 205 -8.93 -32.51 13.22
CA ALA E 205 -7.75 -31.83 13.79
C ALA E 205 -6.67 -31.40 12.79
N TYR E 206 -6.16 -32.35 12.02
CA TYR E 206 -5.16 -32.08 11.00
C TYR E 206 -5.71 -31.15 9.91
N LYS E 207 -7.01 -31.26 9.64
CA LYS E 207 -7.65 -30.43 8.63
C LYS E 207 -7.81 -28.99 9.10
N GLN E 208 -8.45 -28.82 10.25
CA GLN E 208 -8.63 -27.50 10.84
C GLN E 208 -7.37 -26.65 10.65
N GLU E 209 -6.26 -27.13 11.18
CA GLU E 209 -5.02 -26.35 11.19
C GLU E 209 -4.65 -25.85 9.81
N GLU E 210 -4.94 -26.67 8.80
CA GLU E 210 -4.69 -26.30 7.41
C GLU E 210 -5.76 -25.34 6.89
N LEU E 211 -7.02 -25.65 7.20
CA LEU E 211 -8.14 -24.78 6.83
C LEU E 211 -7.93 -23.39 7.39
N ASP E 212 -7.52 -23.31 8.66
CA ASP E 212 -7.36 -22.03 9.32
C ASP E 212 -6.18 -21.26 8.73
N GLN E 213 -5.19 -21.98 8.21
CA GLN E 213 -4.08 -21.35 7.51
C GLN E 213 -4.59 -20.62 6.27
N ILE E 214 -5.52 -21.27 5.58
CA ILE E 214 -6.14 -20.70 4.39
C ILE E 214 -6.91 -19.41 4.71
N VAL E 215 -7.70 -19.42 5.78
CA VAL E 215 -8.42 -18.23 6.18
C VAL E 215 -7.46 -17.07 6.42
N ASP E 216 -6.22 -17.42 6.73
CA ASP E 216 -5.16 -16.43 6.95
C ASP E 216 -4.51 -16.00 5.64
N ASP E 217 -4.26 -16.98 4.76
CA ASP E 217 -3.77 -16.72 3.41
C ASP E 217 -4.68 -15.73 2.72
N VAL E 218 -5.98 -15.92 2.91
CA VAL E 218 -6.96 -14.97 2.40
C VAL E 218 -6.68 -13.61 3.01
N LYS E 219 -6.75 -13.53 4.33
CA LYS E 219 -6.64 -12.25 5.02
C LYS E 219 -5.45 -11.47 4.53
N ASN E 220 -4.39 -12.18 4.16
CA ASN E 220 -3.14 -11.55 3.76
C ASN E 220 -2.87 -11.59 2.25
N ALA E 221 -3.67 -12.36 1.53
CA ALA E 221 -3.42 -12.65 0.13
C ALA E 221 -2.87 -11.46 -0.65
N ALA E 222 -3.50 -10.30 -0.49
CA ALA E 222 -3.06 -9.08 -1.17
C ALA E 222 -1.60 -8.79 -0.86
N TYR E 223 -1.32 -8.66 0.44
CA TYR E 223 0.03 -8.42 0.90
C TYR E 223 0.98 -9.45 0.27
N HIS E 224 0.57 -10.71 0.31
CA HIS E 224 1.34 -11.80 -0.29
C HIS E 224 1.65 -11.57 -1.77
N ILE E 225 0.75 -10.87 -2.46
CA ILE E 225 0.93 -10.64 -3.89
C ILE E 225 1.61 -9.30 -4.17
N ILE E 226 1.21 -8.29 -3.42
CA ILE E 226 1.85 -6.97 -3.50
C ILE E 226 3.33 -7.06 -3.17
N GLU E 227 3.67 -7.85 -2.16
CA GLU E 227 5.06 -8.01 -1.81
C GLU E 227 5.80 -8.67 -2.97
N LYS E 228 5.05 -9.43 -3.77
CA LYS E 228 5.63 -10.14 -4.90
C LYS E 228 5.75 -9.30 -6.19
N LYS E 229 4.74 -8.47 -6.49
CA LYS E 229 4.80 -7.64 -7.69
C LYS E 229 4.39 -6.19 -7.48
N GLY E 230 4.31 -5.77 -6.22
CA GLY E 230 4.05 -4.38 -5.86
C GLY E 230 2.69 -3.83 -6.20
N ALA E 231 1.75 -4.69 -6.60
CA ALA E 231 0.42 -4.24 -7.01
C ALA E 231 -0.51 -5.39 -7.42
N THR E 232 -1.73 -5.36 -6.90
CA THR E 232 -2.72 -6.38 -7.23
C THR E 232 -3.87 -5.69 -7.98
N TYR E 233 -4.44 -6.34 -9.00
CA TYR E 233 -5.40 -5.65 -9.87
C TYR E 233 -6.28 -6.55 -10.76
N TYR E 234 -5.81 -7.76 -11.07
CA TYR E 234 -6.59 -8.71 -11.87
C TYR E 234 -7.82 -9.20 -11.10
N GLY E 235 -7.59 -9.76 -9.92
CA GLY E 235 -8.66 -10.32 -9.09
C GLY E 235 -9.84 -9.41 -8.83
N VAL E 236 -9.57 -8.16 -8.44
CA VAL E 236 -10.65 -7.21 -8.23
C VAL E 236 -11.32 -6.89 -9.58
N ALA E 237 -10.51 -6.71 -10.62
CA ALA E 237 -11.03 -6.40 -11.94
C ALA E 237 -12.03 -7.47 -12.41
N MET E 238 -11.79 -8.71 -11.99
CA MET E 238 -12.67 -9.83 -12.28
C MET E 238 -13.89 -9.85 -11.36
N SER E 239 -13.81 -9.18 -10.22
CA SER E 239 -14.98 -9.04 -9.36
C SER E 239 -15.89 -7.90 -9.85
N LEU E 240 -15.29 -6.78 -10.24
CA LEU E 240 -16.08 -5.66 -10.73
C LEU E 240 -16.85 -6.04 -11.99
N ALA E 241 -16.22 -6.82 -12.87
CA ALA E 241 -16.87 -7.27 -14.09
C ALA E 241 -18.07 -8.16 -13.73
N ARG E 242 -17.89 -9.00 -12.71
CA ARG E 242 -18.93 -9.91 -12.24
C ARG E 242 -20.09 -9.15 -11.60
N ILE E 243 -19.75 -8.15 -10.79
CA ILE E 243 -20.78 -7.30 -10.21
C ILE E 243 -21.51 -6.58 -11.35
N THR E 244 -20.74 -6.12 -12.33
CA THR E 244 -21.25 -5.39 -13.49
C THR E 244 -22.23 -6.19 -14.38
N LYS E 245 -22.07 -7.51 -14.42
CA LYS E 245 -22.94 -8.39 -15.19
C LYS E 245 -24.30 -8.56 -14.50
N ALA E 246 -24.25 -8.79 -13.19
CA ALA E 246 -25.46 -8.98 -12.41
C ALA E 246 -26.36 -7.76 -12.51
N ILE E 247 -25.76 -6.58 -12.45
CA ILE E 247 -26.51 -5.35 -12.59
C ILE E 247 -27.11 -5.20 -13.97
N LEU E 248 -26.25 -5.04 -14.98
CA LEU E 248 -26.69 -4.69 -16.32
C LEU E 248 -27.66 -5.70 -16.92
N HIS E 249 -27.50 -6.96 -16.53
CA HIS E 249 -28.33 -8.04 -17.06
C HIS E 249 -29.30 -8.64 -16.04
N ASN E 250 -29.55 -7.90 -14.95
CA ASN E 250 -30.61 -8.25 -14.00
C ASN E 250 -30.56 -9.71 -13.51
N GLU E 251 -29.37 -10.19 -13.13
CA GLU E 251 -29.20 -11.63 -12.84
C GLU E 251 -29.76 -12.11 -11.51
N ASN E 252 -29.99 -11.19 -10.58
CA ASN E 252 -30.20 -11.56 -9.18
C ASN E 252 -29.12 -12.47 -8.62
N SER E 253 -27.86 -12.17 -8.91
CA SER E 253 -26.73 -12.89 -8.31
C SER E 253 -26.53 -12.46 -6.87
N ILE E 254 -26.20 -13.42 -6.02
CA ILE E 254 -25.92 -13.19 -4.61
C ILE E 254 -24.41 -13.05 -4.40
N LEU E 255 -23.94 -11.82 -4.25
CA LEU E 255 -22.52 -11.54 -4.09
C LEU E 255 -22.24 -10.84 -2.75
N THR E 256 -21.04 -11.04 -2.22
CA THR E 256 -20.65 -10.44 -0.95
C THR E 256 -20.24 -8.97 -1.13
N VAL E 257 -21.12 -8.19 -1.75
CA VAL E 257 -20.86 -6.80 -2.08
C VAL E 257 -20.97 -5.84 -0.89
N SER E 258 -20.16 -4.78 -0.91
CA SER E 258 -20.28 -3.75 0.12
C SER E 258 -21.69 -3.18 0.07
N THR E 259 -22.40 -3.35 1.17
CA THR E 259 -23.84 -3.15 1.20
C THR E 259 -24.25 -2.41 2.47
N TYR E 260 -25.17 -1.45 2.33
CA TYR E 260 -25.60 -0.67 3.49
C TYR E 260 -26.53 -1.44 4.42
N LEU E 261 -26.24 -1.38 5.72
CA LEU E 261 -27.05 -2.08 6.71
C LEU E 261 -28.12 -1.20 7.38
N ASP E 262 -29.05 -1.84 8.06
CA ASP E 262 -30.27 -1.18 8.51
C ASP E 262 -30.74 -1.79 9.81
N GLY E 263 -29.95 -2.74 10.31
CA GLY E 263 -30.33 -3.54 11.46
C GLY E 263 -29.78 -4.95 11.29
N GLN E 264 -29.81 -5.45 10.05
CA GLN E 264 -29.37 -6.82 9.76
C GLN E 264 -28.04 -7.17 10.41
N TYR E 265 -27.96 -8.38 10.94
CA TYR E 265 -26.77 -8.86 11.64
C TYR E 265 -26.52 -8.13 12.96
N GLY E 266 -27.35 -7.14 13.25
CA GLY E 266 -27.23 -6.38 14.49
C GLY E 266 -26.43 -5.10 14.30
N ALA E 267 -26.37 -4.62 13.07
CA ALA E 267 -25.58 -3.44 12.73
C ALA E 267 -26.34 -2.54 11.76
N ASP E 268 -26.07 -1.24 11.82
CA ASP E 268 -26.69 -0.30 10.90
C ASP E 268 -25.89 1.00 10.75
N ASP E 269 -26.35 1.86 9.86
CA ASP E 269 -25.60 3.03 9.40
C ASP E 269 -24.12 2.68 9.12
N VAL E 270 -23.92 1.71 8.23
CA VAL E 270 -22.59 1.29 7.78
C VAL E 270 -22.66 0.42 6.52
N TYR E 271 -21.82 0.71 5.53
CA TYR E 271 -21.69 -0.17 4.37
C TYR E 271 -20.63 -1.20 4.66
N ILE E 272 -20.83 -2.42 4.19
CA ILE E 272 -19.92 -3.50 4.50
C ILE E 272 -20.25 -4.79 3.72
N GLY E 273 -19.27 -5.67 3.57
CA GLY E 273 -19.42 -6.85 2.74
C GLY E 273 -20.28 -7.98 3.30
N VAL E 274 -21.51 -8.08 2.81
CA VAL E 274 -22.40 -9.19 3.10
C VAL E 274 -22.92 -9.80 1.78
N PRO E 275 -23.33 -11.08 1.79
CA PRO E 275 -23.93 -11.65 0.58
C PRO E 275 -25.26 -10.99 0.27
N ALA E 276 -25.39 -10.37 -0.90
CA ALA E 276 -26.62 -9.63 -1.23
C ALA E 276 -27.08 -9.85 -2.67
N VAL E 277 -28.35 -9.52 -2.92
CA VAL E 277 -28.96 -9.76 -4.21
C VAL E 277 -28.84 -8.56 -5.15
N VAL E 278 -28.12 -8.76 -6.26
CA VAL E 278 -27.86 -7.68 -7.19
C VAL E 278 -28.63 -7.88 -8.50
N ASN E 279 -29.27 -6.81 -8.97
CA ASN E 279 -29.97 -6.83 -10.25
C ASN E 279 -29.89 -5.45 -10.89
N ARG E 280 -30.76 -5.19 -11.87
CA ARG E 280 -30.73 -3.92 -12.61
C ARG E 280 -31.12 -2.70 -11.77
N GLY E 281 -31.78 -2.95 -10.65
CA GLY E 281 -32.30 -1.89 -9.80
C GLY E 281 -31.30 -1.60 -8.71
N GLY E 282 -30.28 -2.43 -8.64
CA GLY E 282 -29.20 -2.29 -7.68
C GLY E 282 -29.23 -3.43 -6.70
N ILE E 283 -29.09 -3.11 -5.41
CA ILE E 283 -29.24 -4.07 -4.33
C ILE E 283 -30.74 -4.37 -4.16
N ALA E 284 -31.13 -5.63 -4.29
CA ALA E 284 -32.56 -5.99 -4.27
C ALA E 284 -33.00 -6.57 -2.93
N GLY E 285 -32.03 -7.02 -2.15
CA GLY E 285 -32.29 -7.56 -0.83
C GLY E 285 -31.02 -8.05 -0.15
N ILE E 286 -30.95 -7.89 1.17
CA ILE E 286 -29.83 -8.41 1.95
C ILE E 286 -30.13 -9.83 2.39
N THR E 287 -29.26 -10.75 1.99
CA THR E 287 -29.34 -12.13 2.46
C THR E 287 -28.97 -12.12 3.94
N GLU E 288 -29.88 -12.58 4.79
CA GLU E 288 -29.64 -12.59 6.24
C GLU E 288 -29.30 -13.98 6.77
N LEU E 289 -28.01 -14.27 6.90
CA LEU E 289 -27.54 -15.55 7.42
C LEU E 289 -27.55 -15.66 8.95
N ASN E 290 -28.13 -16.76 9.43
CA ASN E 290 -28.09 -17.10 10.84
C ASN E 290 -26.65 -17.41 11.26
N LEU E 291 -25.92 -16.40 11.71
CA LEU E 291 -24.51 -16.57 12.07
C LEU E 291 -24.36 -17.28 13.40
N ASN E 292 -23.26 -18.01 13.58
CA ASN E 292 -22.98 -18.59 14.88
C ASN E 292 -22.32 -17.58 15.83
N GLU E 293 -22.46 -17.81 17.12
CA GLU E 293 -22.09 -16.79 18.12
C GLU E 293 -20.75 -16.13 17.86
N LYS E 294 -19.76 -16.94 17.48
CA LYS E 294 -18.40 -16.46 17.19
C LYS E 294 -18.39 -15.54 15.96
N GLU E 295 -19.24 -15.86 14.99
CA GLU E 295 -19.35 -15.06 13.78
C GLU E 295 -20.08 -13.74 14.06
N LYS E 296 -21.13 -13.82 14.88
CA LYS E 296 -21.98 -12.66 15.12
C LYS E 296 -21.19 -11.51 15.73
N GLU E 297 -20.04 -11.84 16.31
CA GLU E 297 -19.30 -10.88 17.07
C GLU E 297 -17.98 -10.47 16.37
N GLN E 298 -17.39 -11.40 15.62
CA GLN E 298 -16.32 -11.07 14.68
C GLN E 298 -16.76 -10.00 13.69
N PHE E 299 -18.07 -9.95 13.45
CA PHE E 299 -18.65 -9.10 12.43
C PHE E 299 -19.01 -7.74 13.01
N LEU E 300 -19.81 -7.74 14.08
CA LEU E 300 -20.16 -6.50 14.75
C LEU E 300 -18.87 -5.73 15.08
N HIS E 301 -17.78 -6.47 15.29
CA HIS E 301 -16.50 -5.85 15.51
C HIS E 301 -16.01 -5.21 14.23
N SER E 302 -15.84 -6.04 13.20
CA SER E 302 -15.48 -5.54 11.88
C SER E 302 -16.30 -4.29 11.60
N ALA E 303 -17.60 -4.37 11.86
CA ALA E 303 -18.50 -3.23 11.63
C ALA E 303 -18.07 -2.02 12.44
N GLY E 304 -17.74 -2.25 13.71
CA GLY E 304 -17.25 -1.20 14.58
C GLY E 304 -15.96 -0.58 14.07
N VAL E 305 -15.05 -1.42 13.58
CA VAL E 305 -13.77 -0.95 13.05
C VAL E 305 -13.94 -0.03 11.84
N LEU E 306 -15.14 -0.07 11.25
CA LEU E 306 -15.46 0.76 10.08
C LEU E 306 -16.15 2.06 10.47
N LYS E 307 -16.97 1.98 11.51
CA LYS E 307 -17.72 3.15 11.95
C LYS E 307 -16.83 4.10 12.76
N ASN E 308 -15.76 3.56 13.33
CA ASN E 308 -14.79 4.39 14.04
C ASN E 308 -14.19 5.38 13.05
N ILE E 309 -14.34 5.08 11.76
CA ILE E 309 -13.87 5.96 10.70
C ILE E 309 -15.00 6.81 10.14
N LEU E 310 -16.23 6.52 10.56
CA LEU E 310 -17.39 7.09 9.89
C LEU E 310 -18.18 8.18 10.62
N LYS E 311 -18.80 7.83 11.74
CA LYS E 311 -19.63 8.80 12.46
C LYS E 311 -18.90 10.13 12.64
N PRO E 312 -17.62 10.08 13.05
CA PRO E 312 -16.90 11.33 13.20
C PRO E 312 -16.02 11.65 12.00
N HIS E 313 -15.26 10.67 11.55
CA HIS E 313 -14.20 10.93 10.58
C HIS E 313 -14.76 11.25 9.19
N PHE E 314 -15.95 11.83 9.18
CA PHE E 314 -16.51 12.44 7.99
C PHE E 314 -15.51 13.43 7.40
N HIS F 4 -35.60 -1.15 -19.02
CA HIS F 4 -34.35 -1.46 -18.32
C HIS F 4 -33.43 -2.38 -19.10
N VAL F 5 -33.99 -3.47 -19.63
CA VAL F 5 -33.16 -4.55 -20.18
C VAL F 5 -33.70 -5.10 -21.50
N ASN F 6 -32.86 -5.86 -22.20
CA ASN F 6 -33.24 -6.41 -23.50
C ASN F 6 -34.33 -7.46 -23.41
N LYS F 7 -35.32 -7.32 -24.28
CA LYS F 7 -36.52 -8.15 -24.25
C LYS F 7 -36.93 -8.56 -25.65
N VAL F 8 -37.10 -9.86 -25.84
CA VAL F 8 -37.63 -10.37 -27.09
C VAL F 8 -39.02 -10.97 -26.88
N ALA F 9 -39.96 -10.56 -27.71
CA ALA F 9 -41.28 -11.18 -27.74
C ALA F 9 -41.38 -12.05 -29.00
N LEU F 10 -41.36 -13.37 -28.81
CA LEU F 10 -41.52 -14.32 -29.92
C LEU F 10 -42.98 -14.64 -30.11
N ILE F 11 -43.51 -14.37 -31.30
CA ILE F 11 -44.87 -14.80 -31.59
C ILE F 11 -44.84 -15.91 -32.62
N GLY F 12 -45.37 -17.07 -32.22
CA GLY F 12 -45.29 -18.29 -33.00
C GLY F 12 -44.26 -19.24 -32.41
N ALA F 13 -44.72 -20.38 -31.90
CA ALA F 13 -43.82 -21.36 -31.29
C ALA F 13 -43.67 -22.69 -32.06
N GLY F 14 -43.55 -22.60 -33.38
CA GLY F 14 -43.35 -23.79 -34.20
C GLY F 14 -41.92 -24.28 -34.08
N PHE F 15 -41.49 -25.08 -35.05
CA PHE F 15 -40.10 -25.52 -35.10
C PHE F 15 -39.14 -24.33 -35.12
N VAL F 16 -39.47 -23.30 -35.91
CA VAL F 16 -38.56 -22.17 -36.10
C VAL F 16 -38.43 -21.29 -34.86
N GLY F 17 -39.55 -20.86 -34.30
CA GLY F 17 -39.54 -19.97 -33.15
C GLY F 17 -38.94 -20.67 -31.95
N SER F 18 -39.46 -21.86 -31.67
CA SER F 18 -38.92 -22.68 -30.59
C SER F 18 -37.40 -22.85 -30.65
N SER F 19 -36.87 -23.06 -31.85
CA SER F 19 -35.42 -23.26 -32.02
C SER F 19 -34.67 -21.93 -32.00
N TYR F 20 -35.33 -20.87 -32.43
CA TYR F 20 -34.80 -19.52 -32.28
C TYR F 20 -34.69 -19.18 -30.78
N ALA F 21 -35.72 -19.55 -30.03
CA ALA F 21 -35.70 -19.33 -28.59
C ALA F 21 -34.48 -20.05 -28.01
N PHE F 22 -34.36 -21.35 -28.33
CA PHE F 22 -33.32 -22.19 -27.75
C PHE F 22 -31.93 -21.65 -28.02
N ALA F 23 -31.77 -21.04 -29.19
CA ALA F 23 -30.51 -20.41 -29.57
C ALA F 23 -30.21 -19.13 -28.78
N LEU F 24 -31.24 -18.35 -28.50
CA LEU F 24 -31.09 -17.12 -27.70
C LEU F 24 -30.69 -17.48 -26.29
N ILE F 25 -31.28 -18.56 -25.80
CA ILE F 25 -31.14 -19.05 -24.44
C ILE F 25 -29.81 -19.76 -24.24
N ASN F 26 -29.18 -20.12 -25.36
CA ASN F 26 -27.92 -20.82 -25.36
C ASN F 26 -26.74 -19.87 -25.55
N GLN F 27 -26.93 -18.87 -26.40
CA GLN F 27 -25.91 -17.85 -26.67
C GLN F 27 -26.04 -16.71 -25.67
N GLY F 28 -27.25 -16.53 -25.15
CA GLY F 28 -27.53 -15.48 -24.20
C GLY F 28 -27.36 -14.13 -24.84
N ILE F 29 -28.30 -13.80 -25.72
CA ILE F 29 -28.22 -12.58 -26.50
C ILE F 29 -29.10 -11.49 -25.87
N THR F 30 -30.24 -11.91 -25.32
CA THR F 30 -31.21 -11.01 -24.73
C THR F 30 -31.31 -11.38 -23.24
N ASP F 31 -31.80 -10.48 -22.40
CA ASP F 31 -31.95 -10.79 -20.97
C ASP F 31 -33.25 -11.55 -20.70
N GLU F 32 -34.30 -11.27 -21.47
CA GLU F 32 -35.57 -11.93 -21.23
C GLU F 32 -36.36 -12.19 -22.50
N LEU F 33 -37.01 -13.35 -22.50
CA LEU F 33 -37.74 -13.87 -23.64
C LEU F 33 -39.18 -14.05 -23.26
N VAL F 34 -40.08 -13.45 -24.04
CA VAL F 34 -41.52 -13.69 -23.86
C VAL F 34 -42.12 -14.45 -25.06
N VAL F 35 -42.72 -15.60 -24.78
CA VAL F 35 -43.21 -16.47 -25.84
C VAL F 35 -44.72 -16.41 -25.98
N ILE F 36 -45.19 -16.07 -27.17
CA ILE F 36 -46.60 -15.90 -27.40
C ILE F 36 -47.05 -16.81 -28.52
N ASP F 37 -48.09 -17.58 -28.29
CA ASP F 37 -48.60 -18.39 -29.38
C ASP F 37 -50.11 -18.43 -29.50
N VAL F 38 -50.56 -18.31 -30.75
CA VAL F 38 -51.94 -18.55 -31.13
C VAL F 38 -52.42 -19.91 -30.55
N ASN F 39 -51.52 -20.63 -29.91
CA ASN F 39 -51.80 -21.91 -29.26
C ASN F 39 -51.10 -22.10 -27.91
N LYS F 40 -51.89 -22.12 -26.84
CA LYS F 40 -51.39 -22.18 -25.48
C LYS F 40 -50.48 -23.38 -25.17
N GLU F 41 -50.97 -24.59 -25.38
CA GLU F 41 -50.29 -25.79 -24.92
C GLU F 41 -48.81 -25.88 -25.33
N LYS F 42 -48.55 -25.66 -26.61
CA LYS F 42 -47.21 -25.84 -27.17
C LYS F 42 -46.25 -24.79 -26.64
N ALA F 43 -46.75 -23.58 -26.40
CA ALA F 43 -45.91 -22.49 -25.93
C ALA F 43 -45.49 -22.65 -24.47
N MET F 44 -46.38 -23.13 -23.63
CA MET F 44 -46.06 -23.29 -22.21
C MET F 44 -45.12 -24.48 -21.99
N GLY F 45 -45.43 -25.61 -22.62
CA GLY F 45 -44.57 -26.78 -22.53
C GLY F 45 -43.19 -26.40 -23.01
N ASP F 46 -43.16 -25.52 -24.01
CA ASP F 46 -41.93 -24.94 -24.48
C ASP F 46 -41.25 -24.10 -23.39
N VAL F 47 -41.86 -22.97 -23.02
CA VAL F 47 -41.34 -22.12 -21.96
C VAL F 47 -40.80 -22.90 -20.74
N MET F 48 -41.60 -23.84 -20.25
CA MET F 48 -41.15 -24.71 -19.18
C MET F 48 -39.85 -25.43 -19.56
N ASP F 49 -39.84 -25.97 -20.78
CA ASP F 49 -38.74 -26.78 -21.25
C ASP F 49 -37.42 -26.00 -21.31
N LEU F 50 -37.46 -24.80 -21.87
CA LEU F 50 -36.29 -23.92 -21.91
C LEU F 50 -35.77 -23.62 -20.49
N ASN F 51 -36.67 -23.27 -19.56
CA ASN F 51 -36.29 -22.98 -18.18
C ASN F 51 -35.67 -24.12 -17.37
N HIS F 52 -35.97 -25.36 -17.72
CA HIS F 52 -35.45 -26.44 -16.90
C HIS F 52 -33.97 -26.64 -17.15
N GLY F 53 -33.42 -25.89 -18.09
CA GLY F 53 -31.99 -25.81 -18.28
C GLY F 53 -31.41 -24.44 -17.96
N LYS F 54 -32.16 -23.61 -17.23
CA LYS F 54 -31.67 -22.30 -16.82
C LYS F 54 -30.48 -22.42 -15.86
N ALA F 55 -30.55 -23.40 -14.97
CA ALA F 55 -29.47 -23.69 -14.03
C ALA F 55 -28.11 -24.02 -14.68
N PHE F 56 -28.13 -24.39 -15.96
CA PHE F 56 -26.86 -24.71 -16.62
C PHE F 56 -26.47 -23.76 -17.76
N ALA F 57 -27.30 -22.75 -18.03
CA ALA F 57 -27.01 -21.76 -19.07
C ALA F 57 -25.97 -20.73 -18.62
N PRO F 58 -25.03 -20.38 -19.53
CA PRO F 58 -23.90 -19.45 -19.30
C PRO F 58 -24.35 -18.01 -19.11
N GLN F 59 -25.64 -17.75 -19.32
CA GLN F 59 -26.29 -16.51 -18.91
C GLN F 59 -27.77 -16.75 -18.69
N PRO F 60 -28.36 -16.03 -17.73
CA PRO F 60 -29.80 -16.22 -17.54
C PRO F 60 -30.59 -15.45 -18.60
N VAL F 61 -31.38 -16.14 -19.41
CA VAL F 61 -32.47 -15.45 -20.06
C VAL F 61 -33.69 -15.70 -19.19
N LYS F 62 -34.46 -14.68 -18.91
CA LYS F 62 -35.74 -14.90 -18.29
C LYS F 62 -36.75 -15.22 -19.40
N THR F 63 -37.25 -16.46 -19.43
CA THR F 63 -38.28 -16.89 -20.38
C THR F 63 -39.68 -16.94 -19.75
N SER F 64 -40.67 -16.35 -20.43
CA SER F 64 -42.05 -16.40 -19.94
C SER F 64 -43.05 -16.78 -21.06
N TYR F 65 -44.24 -17.21 -20.63
CA TYR F 65 -45.36 -17.40 -21.54
C TYR F 65 -46.30 -16.20 -21.44
N GLY F 66 -46.65 -15.58 -22.57
CA GLY F 66 -47.48 -14.40 -22.53
C GLY F 66 -48.43 -14.24 -23.71
N THR F 67 -49.14 -13.12 -23.71
CA THR F 67 -49.95 -12.70 -24.86
C THR F 67 -49.48 -11.30 -25.30
N TYR F 68 -50.16 -10.70 -26.28
CA TYR F 68 -49.69 -9.45 -26.87
C TYR F 68 -49.46 -8.27 -25.89
N GLU F 69 -50.26 -8.18 -24.82
CA GLU F 69 -50.05 -7.08 -23.86
C GLU F 69 -48.57 -7.07 -23.43
N ASP F 70 -47.99 -8.26 -23.27
CA ASP F 70 -46.58 -8.39 -22.87
C ASP F 70 -45.56 -7.87 -23.90
N CYS F 71 -46.02 -7.19 -24.95
CA CYS F 71 -45.11 -6.66 -25.99
C CYS F 71 -44.72 -5.20 -25.77
N LYS F 72 -45.51 -4.48 -24.99
CA LYS F 72 -45.34 -3.04 -24.89
C LYS F 72 -43.87 -2.65 -24.72
N ASP F 73 -43.19 -3.32 -23.81
CA ASP F 73 -41.80 -2.97 -23.47
C ASP F 73 -40.77 -3.95 -24.06
N ALA F 74 -41.11 -4.60 -25.17
CA ALA F 74 -40.15 -5.44 -25.87
C ALA F 74 -39.35 -4.61 -26.86
N ASP F 75 -38.04 -4.80 -26.92
CA ASP F 75 -37.23 -4.18 -27.97
C ASP F 75 -37.46 -4.83 -29.34
N ILE F 76 -37.82 -6.12 -29.31
CA ILE F 76 -38.08 -6.88 -30.54
C ILE F 76 -39.32 -7.76 -30.42
N VAL F 77 -40.16 -7.65 -31.43
CA VAL F 77 -41.22 -8.59 -31.60
C VAL F 77 -40.79 -9.37 -32.82
N CYS F 78 -40.48 -10.64 -32.60
CA CYS F 78 -40.10 -11.53 -33.69
C CYS F 78 -41.27 -12.47 -33.98
N ILE F 79 -41.70 -12.49 -35.23
CA ILE F 79 -42.91 -13.22 -35.60
C ILE F 79 -42.58 -14.43 -36.46
N CYS F 80 -42.84 -15.62 -35.89
CA CYS F 80 -42.56 -16.89 -36.55
C CYS F 80 -43.79 -17.76 -36.66
N ALA F 81 -44.97 -17.19 -36.39
CA ALA F 81 -46.21 -17.95 -36.49
C ALA F 81 -46.67 -18.04 -37.95
N GLY F 82 -47.77 -18.73 -38.19
CA GLY F 82 -48.33 -18.78 -39.52
C GLY F 82 -48.62 -20.17 -40.04
N ALA F 83 -49.05 -20.24 -41.30
CA ALA F 83 -49.43 -21.50 -41.93
C ALA F 83 -48.28 -22.18 -42.65
N ASN F 84 -48.43 -23.49 -42.85
CA ASN F 84 -47.45 -24.30 -43.55
C ASN F 84 -47.67 -24.26 -45.07
N GLN F 85 -46.58 -24.18 -45.83
CA GLN F 85 -46.65 -24.29 -47.29
C GLN F 85 -47.00 -25.73 -47.69
N LYS F 86 -48.27 -25.93 -48.05
CA LYS F 86 -48.79 -27.27 -48.39
C LYS F 86 -48.53 -27.68 -49.85
N PRO F 87 -48.62 -28.99 -50.13
CA PRO F 87 -48.47 -29.51 -51.49
C PRO F 87 -49.60 -29.06 -52.41
N GLY F 88 -50.78 -28.82 -51.83
CA GLY F 88 -51.91 -28.35 -52.61
C GLY F 88 -51.81 -26.96 -53.22
N GLU F 89 -51.30 -25.99 -52.45
CA GLU F 89 -51.52 -24.57 -52.73
C GLU F 89 -50.37 -23.81 -53.42
N THR F 90 -50.73 -22.75 -54.15
CA THR F 90 -49.77 -21.76 -54.66
C THR F 90 -49.32 -20.83 -53.55
N ARG F 91 -48.32 -20.00 -53.84
CA ARG F 91 -47.86 -19.05 -52.84
C ARG F 91 -48.88 -17.96 -52.53
N LEU F 92 -49.63 -17.52 -53.55
CA LEU F 92 -50.65 -16.51 -53.33
C LEU F 92 -51.62 -16.98 -52.28
N GLU F 93 -51.95 -18.27 -52.34
CA GLU F 93 -52.89 -18.86 -51.41
C GLU F 93 -52.28 -18.97 -50.01
N LEU F 94 -50.97 -19.19 -49.94
CA LEU F 94 -50.28 -19.20 -48.63
C LEU F 94 -50.25 -17.77 -48.06
N VAL F 95 -50.04 -16.80 -48.94
CA VAL F 95 -50.09 -15.37 -48.64
C VAL F 95 -51.47 -14.90 -48.14
N GLU F 96 -52.56 -15.47 -48.64
CA GLU F 96 -53.87 -15.11 -48.09
C GLU F 96 -54.00 -15.66 -46.67
N LYS F 97 -53.32 -16.78 -46.41
CA LYS F 97 -53.36 -17.37 -45.08
C LYS F 97 -52.64 -16.46 -44.10
N ASN F 98 -51.43 -16.06 -44.44
CA ASN F 98 -50.56 -15.39 -43.50
C ASN F 98 -50.78 -13.88 -43.36
N LEU F 99 -50.99 -13.20 -44.48
CA LEU F 99 -51.39 -11.79 -44.43
C LEU F 99 -52.66 -11.63 -43.60
N LYS F 100 -53.43 -12.70 -43.47
CA LYS F 100 -54.62 -12.67 -42.64
C LYS F 100 -54.25 -12.95 -41.17
N ILE F 101 -53.28 -13.83 -40.95
CA ILE F 101 -52.77 -14.09 -39.61
C ILE F 101 -52.01 -12.89 -39.08
N PHE F 102 -51.17 -12.31 -39.95
CA PHE F 102 -50.41 -11.11 -39.64
C PHE F 102 -51.29 -9.88 -39.43
N LYS F 103 -52.45 -9.86 -40.07
CA LYS F 103 -53.40 -8.77 -39.91
C LYS F 103 -53.74 -8.66 -38.43
N GLY F 104 -54.09 -9.78 -37.83
CA GLY F 104 -54.43 -9.80 -36.41
C GLY F 104 -53.23 -9.56 -35.51
N ILE F 105 -52.16 -10.32 -35.73
CA ILE F 105 -51.01 -10.29 -34.83
C ILE F 105 -50.47 -8.87 -34.64
N VAL F 106 -50.15 -8.23 -35.76
CA VAL F 106 -49.57 -6.88 -35.73
C VAL F 106 -50.48 -5.89 -35.04
N SER F 107 -51.69 -5.74 -35.57
CA SER F 107 -52.64 -4.79 -35.03
C SER F 107 -52.78 -4.94 -33.51
N GLU F 108 -52.73 -6.18 -33.02
CA GLU F 108 -52.81 -6.38 -31.57
C GLU F 108 -51.51 -5.96 -30.87
N VAL F 109 -50.34 -6.19 -31.48
CA VAL F 109 -49.11 -5.70 -30.86
C VAL F 109 -49.10 -4.17 -30.81
N MET F 110 -49.42 -3.53 -31.93
CA MET F 110 -49.49 -2.06 -31.98
C MET F 110 -50.40 -1.49 -30.89
N ALA F 111 -51.56 -2.12 -30.70
CA ALA F 111 -52.48 -1.65 -29.67
C ALA F 111 -51.81 -1.73 -28.30
N SER F 112 -50.96 -2.73 -28.11
CA SER F 112 -50.29 -2.93 -26.82
C SER F 112 -49.34 -1.77 -26.54
N GLY F 113 -49.14 -0.93 -27.55
CA GLY F 113 -48.28 0.24 -27.39
C GLY F 113 -46.82 -0.12 -27.61
N PHE F 114 -46.58 -1.17 -28.40
CA PHE F 114 -45.23 -1.59 -28.75
C PHE F 114 -44.51 -0.48 -29.51
N ASP F 115 -43.20 -0.36 -29.26
CA ASP F 115 -42.44 0.72 -29.87
C ASP F 115 -40.99 0.29 -30.15
N GLY F 116 -40.80 -0.98 -30.49
CA GLY F 116 -39.47 -1.50 -30.75
C GLY F 116 -39.25 -1.85 -32.21
N ILE F 117 -38.55 -2.97 -32.43
CA ILE F 117 -38.29 -3.46 -33.78
C ILE F 117 -39.00 -4.79 -34.10
N PHE F 118 -39.57 -4.83 -35.30
CA PHE F 118 -40.11 -6.05 -35.87
C PHE F 118 -39.03 -6.86 -36.59
N LEU F 119 -38.87 -8.11 -36.18
CA LEU F 119 -38.08 -9.10 -36.94
C LEU F 119 -39.07 -10.14 -37.45
N VAL F 120 -39.09 -10.33 -38.76
CA VAL F 120 -40.12 -11.10 -39.43
C VAL F 120 -39.52 -12.36 -40.09
N ALA F 121 -40.04 -13.53 -39.72
CA ALA F 121 -39.51 -14.80 -40.21
C ALA F 121 -40.49 -15.61 -41.08
N THR F 122 -41.78 -15.46 -40.82
CA THR F 122 -42.84 -16.18 -41.52
C THR F 122 -42.74 -16.06 -43.05
N ASN F 123 -43.16 -17.10 -43.77
CA ASN F 123 -42.95 -17.15 -45.23
C ASN F 123 -44.20 -16.91 -46.11
N PRO F 124 -43.99 -16.34 -47.32
CA PRO F 124 -42.71 -15.85 -47.85
C PRO F 124 -42.31 -14.53 -47.19
N VAL F 125 -41.06 -14.49 -46.73
CA VAL F 125 -40.60 -13.49 -45.77
C VAL F 125 -40.51 -12.06 -46.30
N ASP F 126 -40.23 -11.91 -47.59
CA ASP F 126 -40.14 -10.58 -48.20
C ASP F 126 -41.51 -9.92 -48.28
N ILE F 127 -42.53 -10.71 -48.58
CA ILE F 127 -43.92 -10.24 -48.63
C ILE F 127 -44.49 -9.94 -47.26
N LEU F 128 -44.20 -10.83 -46.31
CA LEU F 128 -44.71 -10.67 -44.95
C LEU F 128 -43.98 -9.55 -44.19
N THR F 129 -42.75 -9.27 -44.60
CA THR F 129 -42.00 -8.19 -43.99
C THR F 129 -42.57 -6.88 -44.51
N TYR F 130 -43.04 -6.91 -45.74
CA TYR F 130 -43.64 -5.74 -46.35
C TYR F 130 -44.98 -5.45 -45.70
N ALA F 131 -45.77 -6.50 -45.46
CA ALA F 131 -47.09 -6.32 -44.88
C ALA F 131 -46.99 -5.80 -43.45
N THR F 132 -46.05 -6.36 -42.72
CA THR F 132 -45.80 -5.97 -41.34
C THR F 132 -45.66 -4.46 -41.29
N TRP F 133 -44.79 -3.95 -42.16
CA TRP F 133 -44.57 -2.52 -42.34
C TRP F 133 -45.87 -1.71 -42.53
N LYS F 134 -46.79 -2.22 -43.33
CA LYS F 134 -48.04 -1.49 -43.60
C LYS F 134 -49.05 -1.61 -42.46
N PHE F 135 -49.08 -2.77 -41.80
CA PHE F 135 -50.09 -3.01 -40.77
C PHE F 135 -49.77 -2.24 -39.50
N SER F 136 -48.48 -2.01 -39.26
CA SER F 136 -47.99 -1.40 -38.04
C SER F 136 -48.04 0.11 -38.08
N GLY F 137 -47.56 0.69 -39.17
CA GLY F 137 -47.50 2.14 -39.30
C GLY F 137 -46.08 2.65 -39.16
N LEU F 138 -45.26 1.85 -38.47
CA LEU F 138 -43.88 2.23 -38.17
C LEU F 138 -43.11 2.66 -39.41
N PRO F 139 -42.02 3.43 -39.19
CA PRO F 139 -41.04 3.71 -40.24
C PRO F 139 -40.49 2.39 -40.78
N LYS F 140 -40.13 2.37 -42.07
CA LYS F 140 -39.68 1.16 -42.74
C LYS F 140 -38.34 0.68 -42.20
N GLU F 141 -37.62 1.57 -41.54
CA GLU F 141 -36.31 1.23 -41.03
C GLU F 141 -36.46 0.31 -39.81
N ARG F 142 -37.67 0.30 -39.26
CA ARG F 142 -37.92 -0.43 -38.02
C ARG F 142 -38.62 -1.78 -38.27
N VAL F 143 -38.53 -2.25 -39.51
CA VAL F 143 -39.08 -3.55 -39.86
C VAL F 143 -38.08 -4.35 -40.70
N ILE F 144 -37.76 -5.53 -40.21
CA ILE F 144 -36.67 -6.34 -40.76
C ILE F 144 -37.13 -7.78 -40.94
N GLY F 145 -36.80 -8.36 -42.09
CA GLY F 145 -37.07 -9.77 -42.33
C GLY F 145 -35.75 -10.54 -42.41
N SER F 146 -35.77 -11.83 -42.10
CA SER F 146 -34.53 -12.61 -42.18
C SER F 146 -34.07 -12.63 -43.62
N GLY F 147 -35.03 -12.58 -44.53
CA GLY F 147 -34.75 -12.54 -45.96
C GLY F 147 -33.79 -13.62 -46.43
N THR F 148 -32.59 -13.18 -46.79
CA THR F 148 -31.61 -13.98 -47.49
C THR F 148 -30.47 -14.46 -46.60
N THR F 149 -30.46 -13.98 -45.37
CA THR F 149 -29.37 -14.27 -44.43
C THR F 149 -29.08 -15.78 -44.30
N LEU F 150 -30.13 -16.60 -44.23
CA LEU F 150 -30.00 -18.06 -44.11
C LEU F 150 -29.33 -18.70 -45.34
N ASP F 151 -29.71 -18.21 -46.52
CA ASP F 151 -29.20 -18.67 -47.79
C ASP F 151 -27.76 -18.19 -48.02
N SER F 152 -27.43 -16.99 -47.53
CA SER F 152 -26.06 -16.45 -47.68
C SER F 152 -25.03 -17.16 -46.79
N ALA F 153 -25.48 -17.74 -45.69
CA ALA F 153 -24.60 -18.57 -44.87
C ALA F 153 -24.64 -20.02 -45.36
N ARG F 154 -25.72 -20.39 -46.04
CA ARG F 154 -25.78 -21.71 -46.67
C ARG F 154 -24.73 -21.74 -47.78
N PHE F 155 -24.60 -20.60 -48.47
CA PHE F 155 -23.64 -20.44 -49.54
C PHE F 155 -22.22 -20.51 -48.99
N ARG F 156 -21.96 -19.71 -47.96
CA ARG F 156 -20.59 -19.55 -47.42
C ARG F 156 -20.05 -20.82 -46.75
N PHE F 157 -20.91 -21.57 -46.07
CA PHE F 157 -20.47 -22.83 -45.53
C PHE F 157 -19.95 -23.69 -46.66
N MET F 158 -20.76 -23.78 -47.73
CA MET F 158 -20.46 -24.65 -48.86
C MET F 158 -19.17 -24.25 -49.55
N LEU F 159 -19.11 -23.01 -50.04
CA LEU F 159 -17.85 -22.47 -50.54
C LEU F 159 -16.74 -22.80 -49.56
N SER F 160 -16.97 -22.46 -48.29
CA SER F 160 -15.98 -22.70 -47.23
C SER F 160 -15.46 -24.14 -47.16
N GLU F 161 -16.33 -25.12 -47.39
CA GLU F 161 -15.91 -26.53 -47.41
C GLU F 161 -14.94 -26.76 -48.56
N TYR F 162 -15.18 -26.06 -49.66
CA TYR F 162 -14.43 -26.28 -50.90
C TYR F 162 -12.98 -25.86 -50.78
N PHE F 163 -12.74 -24.61 -50.45
CA PHE F 163 -11.37 -24.09 -50.37
C PHE F 163 -10.65 -24.47 -49.08
N GLY F 164 -11.30 -25.29 -48.26
CA GLY F 164 -10.73 -25.69 -46.98
C GLY F 164 -10.66 -24.50 -46.04
N ALA F 165 -11.63 -23.60 -46.15
CA ALA F 165 -11.64 -22.39 -45.35
C ALA F 165 -12.73 -22.41 -44.29
N ALA F 166 -12.52 -21.67 -43.22
CA ALA F 166 -13.56 -21.48 -42.22
C ALA F 166 -14.53 -20.46 -42.79
N PRO F 167 -15.84 -20.75 -42.74
CA PRO F 167 -16.85 -19.87 -43.33
C PRO F 167 -16.64 -18.42 -42.95
N GLN F 168 -15.94 -18.18 -41.84
CA GLN F 168 -15.69 -16.82 -41.38
C GLN F 168 -14.92 -15.99 -42.41
N ASN F 169 -13.85 -16.56 -42.96
CA ASN F 169 -13.08 -15.89 -44.00
C ASN F 169 -13.50 -16.35 -45.39
N VAL F 170 -14.81 -16.52 -45.57
CA VAL F 170 -15.37 -16.78 -46.89
C VAL F 170 -16.49 -15.80 -47.10
N HIS F 171 -16.20 -14.79 -47.92
CA HIS F 171 -17.07 -13.63 -48.02
C HIS F 171 -17.89 -13.64 -49.30
N ALA F 172 -19.17 -13.96 -49.14
CA ALA F 172 -20.07 -14.10 -50.27
C ALA F 172 -21.51 -13.90 -49.82
N HIS F 173 -22.27 -13.20 -50.64
CA HIS F 173 -23.66 -12.93 -50.34
C HIS F 173 -24.60 -13.62 -51.32
N ILE F 174 -25.89 -13.57 -50.99
CA ILE F 174 -26.98 -13.92 -51.89
C ILE F 174 -28.01 -12.85 -51.65
N ILE F 175 -28.71 -12.43 -52.70
CA ILE F 175 -29.65 -11.33 -52.57
C ILE F 175 -30.93 -11.57 -53.35
N GLY F 176 -31.87 -10.66 -53.18
CA GLY F 176 -33.16 -10.77 -53.83
C GLY F 176 -34.04 -11.69 -53.02
N GLU F 177 -35.06 -12.24 -53.67
CA GLU F 177 -35.98 -13.19 -53.06
C GLU F 177 -35.29 -14.24 -52.21
N HIS F 178 -35.91 -14.57 -51.09
CA HIS F 178 -35.65 -15.83 -50.44
C HIS F 178 -36.51 -16.79 -51.26
N GLY F 179 -35.87 -17.66 -52.02
CA GLY F 179 -36.63 -18.55 -52.88
C GLY F 179 -36.12 -18.63 -54.31
N ASP F 180 -36.96 -19.16 -55.20
CA ASP F 180 -36.63 -19.54 -56.59
C ASP F 180 -35.81 -18.52 -57.37
N THR F 181 -36.00 -17.24 -57.11
CA THR F 181 -35.41 -16.18 -57.94
C THR F 181 -34.24 -15.43 -57.29
N GLU F 182 -33.63 -16.00 -56.25
CA GLU F 182 -32.47 -15.38 -55.62
C GLU F 182 -31.17 -15.56 -56.42
N LEU F 183 -30.25 -14.61 -56.29
CA LEU F 183 -29.02 -14.64 -57.07
C LEU F 183 -27.74 -14.48 -56.24
N PRO F 184 -26.65 -15.13 -56.67
CA PRO F 184 -25.33 -15.02 -56.04
C PRO F 184 -24.55 -13.86 -56.63
N VAL F 185 -23.66 -13.29 -55.82
CA VAL F 185 -22.78 -12.25 -56.30
C VAL F 185 -21.38 -12.83 -56.44
N TRP F 186 -21.08 -13.40 -57.59
CA TRP F 186 -19.75 -13.95 -57.84
C TRP F 186 -18.72 -12.84 -57.94
N SER F 187 -19.10 -11.78 -58.64
CA SER F 187 -18.21 -10.65 -58.91
C SER F 187 -17.55 -10.12 -57.64
N HIS F 188 -18.37 -9.86 -56.63
CA HIS F 188 -17.87 -9.37 -55.36
C HIS F 188 -17.76 -10.46 -54.29
N ALA F 189 -17.81 -11.72 -54.70
CA ALA F 189 -17.56 -12.83 -53.77
C ALA F 189 -16.07 -13.22 -53.69
N ASN F 190 -15.53 -13.28 -52.48
CA ASN F 190 -14.13 -13.64 -52.31
C ASN F 190 -13.89 -14.50 -51.06
N VAL F 191 -12.62 -14.82 -50.80
CA VAL F 191 -12.25 -15.79 -49.77
C VAL F 191 -10.92 -15.40 -49.09
N GLY F 192 -10.93 -14.29 -48.35
CA GLY F 192 -9.76 -13.82 -47.62
C GLY F 192 -9.08 -12.64 -48.29
N GLY F 193 -9.82 -11.96 -49.16
CA GLY F 193 -9.27 -10.87 -49.95
C GLY F 193 -9.26 -11.18 -51.43
N VAL F 194 -8.99 -12.45 -51.78
CA VAL F 194 -8.85 -12.84 -53.18
C VAL F 194 -10.17 -13.33 -53.79
N PRO F 195 -10.49 -12.85 -54.99
CA PRO F 195 -11.77 -13.14 -55.67
C PRO F 195 -11.93 -14.61 -56.03
N VAL F 196 -13.16 -15.11 -55.93
CA VAL F 196 -13.45 -16.51 -56.28
C VAL F 196 -12.88 -16.83 -57.66
N SER F 197 -12.94 -15.85 -58.56
CA SER F 197 -12.48 -16.02 -59.94
C SER F 197 -11.00 -16.43 -60.06
N GLU F 198 -10.14 -15.84 -59.23
CA GLU F 198 -8.74 -16.26 -59.19
C GLU F 198 -8.58 -17.73 -58.82
N LEU F 199 -9.28 -18.16 -57.76
CA LEU F 199 -9.12 -19.52 -57.25
C LEU F 199 -9.56 -20.58 -58.27
N VAL F 200 -10.54 -20.26 -59.10
CA VAL F 200 -10.87 -21.12 -60.23
C VAL F 200 -9.70 -21.07 -61.21
N GLU F 201 -9.22 -19.85 -61.45
CA GLU F 201 -8.09 -19.60 -62.33
C GLU F 201 -6.76 -19.91 -61.65
N LYS F 202 -6.54 -21.19 -61.37
CA LYS F 202 -5.30 -21.68 -60.79
C LYS F 202 -5.38 -23.19 -60.71
N ASN F 203 -6.52 -23.73 -61.12
CA ASN F 203 -6.80 -25.15 -60.97
C ASN F 203 -8.10 -25.54 -61.67
N ASP F 204 -8.55 -24.66 -62.55
CA ASP F 204 -9.84 -24.80 -63.23
C ASP F 204 -10.00 -26.12 -64.00
N ALA F 205 -11.00 -26.18 -64.87
CA ALA F 205 -11.32 -27.39 -65.61
C ALA F 205 -11.96 -28.47 -64.73
N TYR F 206 -12.20 -28.11 -63.47
CA TYR F 206 -12.80 -29.03 -62.50
C TYR F 206 -13.54 -28.24 -61.41
N LYS F 207 -13.40 -26.91 -61.46
CA LYS F 207 -13.94 -26.04 -60.41
C LYS F 207 -15.30 -25.42 -60.74
N GLN F 208 -15.32 -24.50 -61.69
CA GLN F 208 -16.50 -23.65 -61.91
C GLN F 208 -17.73 -24.31 -62.54
N GLU F 209 -17.91 -25.61 -62.30
CA GLU F 209 -19.21 -26.22 -62.54
C GLU F 209 -19.68 -26.90 -61.25
N GLU F 210 -18.72 -27.23 -60.40
CA GLU F 210 -19.01 -27.54 -59.00
C GLU F 210 -19.45 -26.23 -58.33
N LEU F 211 -18.70 -25.16 -58.61
CA LEU F 211 -19.04 -23.82 -58.13
C LEU F 211 -20.29 -23.33 -58.83
N ASP F 212 -20.90 -24.18 -59.66
CA ASP F 212 -22.21 -23.87 -60.22
C ASP F 212 -23.28 -24.78 -59.63
N GLN F 213 -22.88 -25.94 -59.15
CA GLN F 213 -23.81 -26.87 -58.55
C GLN F 213 -24.24 -26.35 -57.17
N ILE F 214 -23.31 -25.71 -56.47
CA ILE F 214 -23.60 -25.17 -55.15
C ILE F 214 -24.72 -24.13 -55.16
N VAL F 215 -24.63 -23.15 -56.05
CA VAL F 215 -25.67 -22.15 -56.19
C VAL F 215 -27.01 -22.87 -56.30
N ASP F 216 -26.98 -24.00 -56.99
CA ASP F 216 -28.15 -24.82 -57.18
C ASP F 216 -28.58 -25.47 -55.87
N ASP F 217 -27.63 -26.10 -55.20
CA ASP F 217 -27.91 -26.77 -53.94
C ASP F 217 -28.52 -25.78 -52.96
N VAL F 218 -27.88 -24.63 -52.80
CA VAL F 218 -28.38 -23.59 -51.90
C VAL F 218 -29.84 -23.28 -52.11
N LYS F 219 -30.22 -23.04 -53.36
CA LYS F 219 -31.59 -22.69 -53.68
C LYS F 219 -32.57 -23.71 -53.11
N ASN F 220 -32.16 -24.97 -53.13
CA ASN F 220 -33.06 -26.06 -52.73
C ASN F 220 -32.56 -26.83 -51.51
N ALA F 221 -31.77 -26.17 -50.67
CA ALA F 221 -31.31 -26.79 -49.43
C ALA F 221 -32.50 -27.17 -48.56
N ALA F 222 -33.53 -26.33 -48.57
CA ALA F 222 -34.74 -26.57 -47.78
C ALA F 222 -35.54 -27.75 -48.33
N TYR F 223 -35.54 -27.91 -49.65
CA TYR F 223 -36.15 -29.08 -50.24
C TYR F 223 -35.39 -30.34 -49.83
N HIS F 224 -34.05 -30.26 -49.85
CA HIS F 224 -33.19 -31.34 -49.35
C HIS F 224 -33.43 -31.63 -47.87
N ILE F 225 -33.62 -30.59 -47.06
CA ILE F 225 -33.87 -30.79 -45.63
C ILE F 225 -35.30 -31.24 -45.34
N ILE F 226 -36.28 -30.54 -45.91
CA ILE F 226 -37.68 -30.96 -45.75
C ILE F 226 -37.84 -32.36 -46.31
N GLU F 227 -37.06 -32.64 -47.35
CA GLU F 227 -36.91 -33.97 -47.90
C GLU F 227 -36.64 -34.98 -46.78
N LYS F 228 -35.69 -34.64 -45.91
CA LYS F 228 -35.10 -35.60 -44.99
C LYS F 228 -35.67 -35.62 -43.56
N LYS F 229 -36.29 -34.53 -43.12
CA LYS F 229 -36.81 -34.50 -41.75
C LYS F 229 -38.10 -33.68 -41.57
N GLY F 230 -38.73 -33.33 -42.69
CA GLY F 230 -40.00 -32.64 -42.66
C GLY F 230 -39.90 -31.13 -42.75
N ALA F 231 -38.92 -30.54 -42.06
CA ALA F 231 -38.82 -29.09 -42.02
C ALA F 231 -37.41 -28.58 -41.74
N THR F 232 -37.22 -27.30 -42.06
CA THR F 232 -35.95 -26.60 -41.95
C THR F 232 -36.03 -25.62 -40.76
N TYR F 233 -35.10 -25.70 -39.81
CA TYR F 233 -35.16 -24.88 -38.57
C TYR F 233 -33.84 -24.45 -37.87
N TYR F 234 -32.81 -25.28 -37.84
CA TYR F 234 -31.57 -24.87 -37.16
C TYR F 234 -30.83 -23.69 -37.79
N GLY F 235 -30.73 -23.66 -39.11
CA GLY F 235 -30.03 -22.58 -39.79
C GLY F 235 -30.76 -21.25 -39.66
N VAL F 236 -32.06 -21.27 -39.93
CA VAL F 236 -32.90 -20.09 -39.79
C VAL F 236 -32.81 -19.50 -38.37
N ALA F 237 -32.88 -20.38 -37.36
CA ALA F 237 -32.77 -19.96 -35.97
C ALA F 237 -31.40 -19.36 -35.65
N MET F 238 -30.32 -19.96 -36.13
CA MET F 238 -28.99 -19.39 -35.94
C MET F 238 -28.97 -17.97 -36.48
N SER F 239 -29.48 -17.79 -37.69
CA SER F 239 -29.40 -16.51 -38.38
C SER F 239 -30.38 -15.45 -37.84
N LEU F 240 -31.50 -15.91 -37.27
CA LEU F 240 -32.38 -15.03 -36.53
C LEU F 240 -31.69 -14.51 -35.25
N ALA F 241 -31.16 -15.44 -34.44
CA ALA F 241 -30.42 -15.03 -33.27
C ALA F 241 -29.44 -13.94 -33.68
N ARG F 242 -28.75 -14.17 -34.79
CA ARG F 242 -27.68 -13.29 -35.26
C ARG F 242 -28.20 -11.91 -35.69
N ILE F 243 -29.36 -11.86 -36.33
CA ILE F 243 -29.97 -10.58 -36.58
C ILE F 243 -30.39 -9.94 -35.23
N THR F 244 -30.90 -10.76 -34.32
CA THR F 244 -31.34 -10.29 -33.02
C THR F 244 -30.19 -9.60 -32.24
N LYS F 245 -28.99 -10.15 -32.37
CA LYS F 245 -27.80 -9.63 -31.68
C LYS F 245 -27.33 -8.33 -32.30
N ALA F 246 -27.36 -8.24 -33.62
CA ALA F 246 -26.98 -7.00 -34.29
C ALA F 246 -27.86 -5.84 -33.83
N ILE F 247 -29.17 -6.09 -33.75
CA ILE F 247 -30.08 -5.07 -33.32
C ILE F 247 -29.77 -4.64 -31.88
N LEU F 248 -29.95 -5.56 -30.93
CA LEU F 248 -29.91 -5.21 -29.53
C LEU F 248 -28.58 -4.60 -29.10
N HIS F 249 -27.48 -5.15 -29.60
CA HIS F 249 -26.16 -4.71 -29.17
C HIS F 249 -25.51 -3.68 -30.10
N ASN F 250 -26.37 -2.96 -30.84
CA ASN F 250 -25.96 -1.81 -31.67
C ASN F 250 -24.67 -2.05 -32.44
N GLU F 251 -24.50 -3.27 -32.95
CA GLU F 251 -23.23 -3.66 -33.57
C GLU F 251 -22.90 -2.98 -34.91
N ASN F 252 -23.91 -2.44 -35.60
CA ASN F 252 -23.71 -1.92 -36.95
C ASN F 252 -23.33 -3.04 -37.93
N SER F 253 -23.85 -4.23 -37.69
CA SER F 253 -23.47 -5.41 -38.48
C SER F 253 -24.11 -5.47 -39.87
N ILE F 254 -23.36 -5.99 -40.84
CA ILE F 254 -23.84 -6.08 -42.21
C ILE F 254 -24.42 -7.47 -42.56
N LEU F 255 -25.68 -7.49 -43.00
CA LEU F 255 -26.40 -8.74 -43.24
C LEU F 255 -27.40 -8.56 -44.38
N THR F 256 -27.74 -9.65 -45.06
CA THR F 256 -28.69 -9.63 -46.17
C THR F 256 -30.11 -9.83 -45.68
N VAL F 257 -30.56 -8.88 -44.87
CA VAL F 257 -31.91 -8.87 -44.38
C VAL F 257 -32.85 -8.39 -45.49
N SER F 258 -34.13 -8.74 -45.37
CA SER F 258 -35.15 -8.16 -46.23
C SER F 258 -35.29 -6.68 -45.85
N THR F 259 -34.93 -5.79 -46.78
CA THR F 259 -34.97 -4.36 -46.52
C THR F 259 -35.80 -3.59 -47.56
N TYR F 260 -36.50 -2.55 -47.10
CA TYR F 260 -37.33 -1.77 -48.01
C TYR F 260 -36.49 -0.98 -49.01
N LEU F 261 -36.81 -1.15 -50.28
CA LEU F 261 -36.19 -0.35 -51.33
C LEU F 261 -37.20 0.59 -51.98
N ASP F 262 -36.68 1.67 -52.56
CA ASP F 262 -37.47 2.55 -53.40
C ASP F 262 -36.52 3.25 -54.36
N GLY F 263 -35.54 2.51 -54.84
CA GLY F 263 -34.64 3.02 -55.84
C GLY F 263 -33.34 2.24 -55.91
N GLN F 264 -32.77 1.95 -54.74
CA GLN F 264 -31.47 1.29 -54.68
C GLN F 264 -31.45 0.12 -55.65
N TYR F 265 -30.26 -0.16 -56.18
CA TYR F 265 -30.06 -1.21 -57.19
C TYR F 265 -30.88 -1.10 -58.48
N GLY F 266 -32.02 -0.43 -58.42
CA GLY F 266 -32.89 -0.31 -59.58
C GLY F 266 -34.28 -0.85 -59.32
N ALA F 267 -34.66 -0.95 -58.05
CA ALA F 267 -35.98 -1.46 -57.67
C ALA F 267 -36.66 -0.49 -56.72
N ASP F 268 -37.97 -0.61 -56.58
CA ASP F 268 -38.66 0.34 -55.69
C ASP F 268 -39.95 -0.19 -55.07
N ASP F 269 -40.30 0.41 -53.94
CA ASP F 269 -41.55 0.07 -53.27
C ASP F 269 -41.57 -1.41 -52.91
N VAL F 270 -40.44 -1.92 -52.42
CA VAL F 270 -40.27 -3.35 -52.24
C VAL F 270 -39.30 -3.73 -51.12
N TYR F 271 -39.70 -4.69 -50.30
CA TYR F 271 -38.79 -5.31 -49.32
C TYR F 271 -38.06 -6.48 -49.95
N ILE F 272 -36.74 -6.36 -50.03
CA ILE F 272 -35.95 -7.37 -50.72
C ILE F 272 -34.60 -7.54 -50.02
N GLY F 273 -33.99 -8.71 -50.18
CA GLY F 273 -32.72 -8.98 -49.54
C GLY F 273 -31.49 -8.38 -50.20
N VAL F 274 -30.68 -7.68 -49.40
CA VAL F 274 -29.39 -7.15 -49.81
C VAL F 274 -28.62 -6.77 -48.55
N PRO F 275 -27.27 -6.71 -48.64
CA PRO F 275 -26.40 -6.37 -47.50
C PRO F 275 -26.70 -4.99 -46.92
N ALA F 276 -27.32 -4.95 -45.74
CA ALA F 276 -27.67 -3.69 -45.09
C ALA F 276 -27.14 -3.66 -43.65
N VAL F 277 -26.84 -2.46 -43.17
CA VAL F 277 -26.27 -2.26 -41.83
C VAL F 277 -27.32 -2.35 -40.71
N VAL F 278 -27.18 -3.34 -39.84
CA VAL F 278 -28.12 -3.48 -38.72
C VAL F 278 -27.53 -2.97 -37.40
N ASN F 279 -28.34 -2.20 -36.68
CA ASN F 279 -27.95 -1.72 -35.37
C ASN F 279 -29.20 -1.46 -34.54
N ARG F 280 -29.07 -0.61 -33.53
CA ARG F 280 -30.13 -0.50 -32.52
C ARG F 280 -31.36 0.25 -32.98
N GLY F 281 -31.20 1.18 -33.91
CA GLY F 281 -32.33 1.82 -34.55
C GLY F 281 -32.94 0.90 -35.59
N GLY F 282 -32.22 -0.18 -35.90
CA GLY F 282 -32.66 -1.13 -36.92
C GLY F 282 -31.79 -1.07 -38.16
N ILE F 283 -32.41 -0.91 -39.31
CA ILE F 283 -31.65 -0.72 -40.54
C ILE F 283 -31.12 0.70 -40.55
N ALA F 284 -29.83 0.85 -40.80
CA ALA F 284 -29.27 2.17 -41.01
C ALA F 284 -29.29 2.48 -42.50
N GLY F 285 -28.28 1.96 -43.19
CA GLY F 285 -28.08 2.27 -44.59
C GLY F 285 -27.65 1.03 -45.34
N ILE F 286 -27.52 1.17 -46.66
CA ILE F 286 -27.26 0.02 -47.50
C ILE F 286 -25.91 0.10 -48.17
N THR F 287 -25.11 -0.92 -47.93
CA THR F 287 -23.82 -1.11 -48.59
C THR F 287 -24.10 -1.53 -50.04
N GLU F 288 -23.91 -0.60 -50.97
CA GLU F 288 -24.38 -0.76 -52.36
C GLU F 288 -23.43 -1.52 -53.28
N LEU F 289 -23.90 -2.69 -53.74
CA LEU F 289 -23.10 -3.57 -54.56
C LEU F 289 -23.07 -3.16 -56.03
N ASN F 290 -21.85 -3.09 -56.57
CA ASN F 290 -21.64 -2.88 -57.99
C ASN F 290 -22.03 -4.15 -58.76
N LEU F 291 -23.32 -4.31 -59.03
CA LEU F 291 -23.79 -5.51 -59.73
C LEU F 291 -23.31 -5.57 -61.19
N ASN F 292 -22.81 -6.72 -61.60
CA ASN F 292 -22.42 -6.91 -62.98
C ASN F 292 -23.66 -7.11 -63.86
N GLU F 293 -23.43 -7.43 -65.13
CA GLU F 293 -24.49 -7.63 -66.10
C GLU F 293 -25.48 -8.72 -65.67
N LYS F 294 -24.98 -9.94 -65.53
CA LYS F 294 -25.84 -11.10 -65.27
C LYS F 294 -26.70 -10.88 -64.03
N GLU F 295 -26.12 -10.26 -63.01
CA GLU F 295 -26.82 -9.99 -61.76
C GLU F 295 -27.93 -8.93 -61.83
N LYS F 296 -27.68 -7.81 -62.50
CA LYS F 296 -28.64 -6.71 -62.52
C LYS F 296 -30.04 -7.07 -63.05
N GLU F 297 -30.10 -7.97 -64.02
CA GLU F 297 -31.40 -8.45 -64.50
C GLU F 297 -31.99 -9.53 -63.60
N GLN F 298 -31.13 -10.37 -63.03
CA GLN F 298 -31.58 -11.37 -62.07
C GLN F 298 -32.33 -10.67 -60.93
N PHE F 299 -31.69 -9.66 -60.34
CA PHE F 299 -32.31 -8.90 -59.26
C PHE F 299 -33.58 -8.20 -59.68
N LEU F 300 -33.54 -7.52 -60.82
CA LEU F 300 -34.72 -6.81 -61.31
C LEU F 300 -35.82 -7.81 -61.58
N HIS F 301 -35.44 -8.96 -62.12
CA HIS F 301 -36.37 -10.05 -62.31
C HIS F 301 -36.91 -10.54 -60.95
N SER F 302 -36.05 -10.59 -59.94
CA SER F 302 -36.50 -10.99 -58.60
C SER F 302 -37.37 -9.92 -57.94
N ALA F 303 -36.98 -8.66 -58.11
CA ALA F 303 -37.78 -7.54 -57.60
C ALA F 303 -39.19 -7.51 -58.18
N GLY F 304 -39.28 -7.27 -59.49
CA GLY F 304 -40.56 -7.26 -60.17
C GLY F 304 -41.37 -8.51 -59.87
N VAL F 305 -40.71 -9.67 -59.90
CA VAL F 305 -41.41 -10.91 -59.63
C VAL F 305 -42.03 -10.90 -58.24
N LEU F 306 -41.39 -10.19 -57.32
CA LEU F 306 -41.92 -10.00 -55.97
C LEU F 306 -43.16 -9.12 -55.93
N LYS F 307 -43.20 -8.11 -56.79
CA LYS F 307 -44.37 -7.23 -56.82
C LYS F 307 -45.63 -7.95 -57.34
N ASN F 308 -45.42 -8.98 -58.17
CA ASN F 308 -46.54 -9.75 -58.71
C ASN F 308 -47.40 -10.38 -57.62
N ILE F 309 -46.78 -10.75 -56.50
CA ILE F 309 -47.54 -11.30 -55.38
C ILE F 309 -47.98 -10.21 -54.42
N LEU F 310 -47.15 -9.18 -54.27
CA LEU F 310 -47.50 -8.03 -53.43
C LEU F 310 -48.82 -7.35 -53.84
N LYS F 311 -48.84 -6.79 -55.04
CA LYS F 311 -49.92 -5.89 -55.46
C LYS F 311 -51.34 -6.46 -55.42
N PRO F 312 -51.49 -7.78 -55.59
CA PRO F 312 -52.81 -8.40 -55.39
C PRO F 312 -53.33 -8.33 -53.96
N HIS F 313 -52.64 -7.60 -53.09
CA HIS F 313 -53.11 -7.41 -51.71
C HIS F 313 -52.87 -6.00 -51.15
N PHE F 314 -52.12 -5.18 -51.87
CA PHE F 314 -51.83 -3.82 -51.42
C PHE F 314 -52.10 -2.77 -52.49
N ASN G 2 -7.16 -30.49 -39.04
CA ASN G 2 -7.84 -31.69 -38.58
C ASN G 2 -7.17 -32.37 -37.37
N LYS G 3 -7.98 -33.05 -36.57
CA LYS G 3 -7.50 -33.92 -35.48
C LYS G 3 -6.56 -33.24 -34.47
N HIS G 4 -6.25 -33.94 -33.39
CA HIS G 4 -5.46 -33.39 -32.27
C HIS G 4 -6.35 -32.84 -31.15
N VAL G 5 -7.67 -32.78 -31.38
CA VAL G 5 -8.57 -32.03 -30.50
C VAL G 5 -9.88 -32.72 -30.07
N ASN G 6 -10.79 -31.92 -29.53
CA ASN G 6 -12.02 -32.44 -28.94
C ASN G 6 -13.11 -32.82 -29.94
N LYS G 7 -13.69 -34.00 -29.73
CA LYS G 7 -14.66 -34.58 -30.65
C LYS G 7 -15.70 -35.41 -29.90
N VAL G 8 -16.96 -35.22 -30.27
CA VAL G 8 -18.03 -35.99 -29.66
C VAL G 8 -18.77 -36.76 -30.74
N ALA G 9 -19.08 -38.02 -30.45
CA ALA G 9 -20.00 -38.79 -31.28
C ALA G 9 -21.34 -38.79 -30.58
N LEU G 10 -22.40 -38.61 -31.35
CA LEU G 10 -23.75 -38.71 -30.85
C LEU G 10 -24.42 -39.87 -31.55
N ILE G 11 -25.11 -40.72 -30.78
CA ILE G 11 -25.87 -41.80 -31.38
C ILE G 11 -27.33 -41.61 -31.05
N GLY G 12 -28.12 -41.34 -32.09
CA GLY G 12 -29.51 -40.98 -31.91
C GLY G 12 -29.71 -39.53 -32.33
N ALA G 13 -30.31 -39.35 -33.50
CA ALA G 13 -30.47 -38.04 -34.10
C ALA G 13 -31.86 -37.47 -33.86
N GLY G 14 -32.57 -38.02 -32.88
CA GLY G 14 -33.92 -37.59 -32.54
C GLY G 14 -34.03 -36.31 -31.73
N PHE G 15 -35.19 -36.14 -31.08
CA PHE G 15 -35.45 -34.93 -30.29
C PHE G 15 -34.30 -34.59 -29.34
N VAL G 16 -33.94 -35.55 -28.50
CA VAL G 16 -32.89 -35.34 -27.51
C VAL G 16 -31.52 -35.11 -28.15
N GLY G 17 -31.12 -36.01 -29.04
CA GLY G 17 -29.82 -35.90 -29.70
C GLY G 17 -29.63 -34.59 -30.46
N SER G 18 -30.62 -34.22 -31.25
CA SER G 18 -30.55 -33.00 -32.05
C SER G 18 -30.41 -31.73 -31.18
N SER G 19 -31.30 -31.58 -30.20
CA SER G 19 -31.23 -30.46 -29.27
C SER G 19 -29.87 -30.44 -28.58
N TYR G 20 -29.39 -31.62 -28.23
CA TYR G 20 -28.03 -31.76 -27.70
C TYR G 20 -27.02 -31.29 -28.72
N ALA G 21 -27.34 -31.47 -30.01
CA ALA G 21 -26.46 -31.00 -31.09
C ALA G 21 -26.55 -29.50 -31.30
N PHE G 22 -27.78 -28.97 -31.37
CA PHE G 22 -27.94 -27.52 -31.47
C PHE G 22 -27.32 -26.84 -30.24
N ALA G 23 -27.44 -27.48 -29.08
CA ALA G 23 -26.82 -26.94 -27.86
C ALA G 23 -25.30 -26.81 -28.03
N LEU G 24 -24.64 -27.85 -28.52
CA LEU G 24 -23.20 -27.80 -28.74
C LEU G 24 -22.78 -26.70 -29.74
N ILE G 25 -23.43 -26.62 -30.88
CA ILE G 25 -22.98 -25.58 -31.79
C ILE G 25 -23.06 -24.22 -31.08
N ASN G 26 -24.23 -23.90 -30.51
CA ASN G 26 -24.47 -22.59 -29.91
C ASN G 26 -23.58 -22.22 -28.71
N GLN G 27 -23.08 -23.21 -27.98
CA GLN G 27 -22.22 -22.96 -26.82
C GLN G 27 -20.74 -23.15 -27.14
N GLY G 28 -20.44 -24.01 -28.12
CA GLY G 28 -19.07 -24.39 -28.44
C GLY G 28 -18.37 -25.09 -27.29
N ILE G 29 -18.80 -26.31 -26.99
CA ILE G 29 -18.20 -27.09 -25.92
C ILE G 29 -17.20 -28.08 -26.49
N THR G 30 -17.50 -28.57 -27.69
CA THR G 30 -16.59 -29.42 -28.42
C THR G 30 -16.21 -28.78 -29.75
N ASP G 31 -15.02 -29.10 -30.22
CA ASP G 31 -14.56 -28.56 -31.48
C ASP G 31 -15.09 -29.38 -32.68
N GLU G 32 -15.46 -30.63 -32.44
CA GLU G 32 -16.01 -31.45 -33.53
C GLU G 32 -17.16 -32.36 -33.10
N LEU G 33 -18.16 -32.48 -33.97
CA LEU G 33 -19.32 -33.31 -33.73
C LEU G 33 -19.54 -34.26 -34.90
N VAL G 34 -19.73 -35.54 -34.62
CA VAL G 34 -20.18 -36.44 -35.68
C VAL G 34 -21.45 -37.15 -35.25
N VAL G 35 -22.48 -36.96 -36.06
CA VAL G 35 -23.81 -37.52 -35.83
C VAL G 35 -23.91 -38.93 -36.38
N ILE G 36 -24.53 -39.80 -35.60
CA ILE G 36 -24.70 -41.18 -36.00
C ILE G 36 -26.12 -41.64 -35.74
N ASP G 37 -26.77 -42.07 -36.82
CA ASP G 37 -28.07 -42.71 -36.75
C ASP G 37 -28.20 -43.62 -37.96
N VAL G 38 -28.99 -44.68 -37.84
CA VAL G 38 -29.24 -45.57 -38.97
C VAL G 38 -30.25 -44.96 -39.94
N ASN G 39 -31.18 -44.15 -39.42
CA ASN G 39 -32.06 -43.33 -40.26
C ASN G 39 -31.21 -42.28 -40.97
N LYS G 40 -30.66 -42.62 -42.12
CA LYS G 40 -29.64 -41.78 -42.73
C LYS G 40 -30.15 -40.37 -43.02
N GLU G 41 -31.42 -40.27 -43.37
CA GLU G 41 -31.99 -38.97 -43.72
C GLU G 41 -31.97 -38.02 -42.54
N LYS G 42 -32.56 -38.43 -41.43
CA LYS G 42 -32.68 -37.55 -40.28
C LYS G 42 -31.30 -37.02 -39.88
N ALA G 43 -30.33 -37.90 -39.78
CA ALA G 43 -28.98 -37.48 -39.39
C ALA G 43 -28.39 -36.52 -40.42
N MET G 44 -28.36 -36.95 -41.68
CA MET G 44 -27.83 -36.13 -42.76
C MET G 44 -28.54 -34.77 -42.85
N GLY G 45 -29.83 -34.78 -42.53
CA GLY G 45 -30.64 -33.57 -42.60
C GLY G 45 -30.36 -32.63 -41.44
N ASP G 46 -30.08 -33.19 -40.28
CA ASP G 46 -29.63 -32.43 -39.13
C ASP G 46 -28.24 -31.87 -39.38
N VAL G 47 -27.32 -32.71 -39.88
CA VAL G 47 -25.98 -32.24 -40.20
C VAL G 47 -26.06 -31.10 -41.23
N MET G 48 -27.03 -31.17 -42.13
CA MET G 48 -27.24 -30.13 -43.11
C MET G 48 -27.67 -28.84 -42.40
N ASP G 49 -28.86 -28.88 -41.78
CA ASP G 49 -29.43 -27.76 -41.05
C ASP G 49 -28.44 -27.13 -40.07
N LEU G 50 -27.82 -27.96 -39.23
CA LEU G 50 -26.83 -27.48 -38.27
C LEU G 50 -25.65 -26.75 -38.92
N ASN G 51 -25.19 -27.22 -40.08
CA ASN G 51 -24.11 -26.54 -40.78
C ASN G 51 -24.54 -25.25 -41.48
N HIS G 52 -25.83 -25.11 -41.73
CA HIS G 52 -26.32 -23.87 -42.35
C HIS G 52 -26.28 -22.67 -41.38
N GLY G 53 -26.18 -22.94 -40.08
CA GLY G 53 -25.96 -21.88 -39.10
C GLY G 53 -24.51 -21.67 -38.65
N LYS G 54 -23.56 -22.26 -39.38
CA LYS G 54 -22.16 -22.23 -38.94
C LYS G 54 -21.49 -20.86 -39.09
N ALA G 55 -21.87 -20.12 -40.13
CA ALA G 55 -21.29 -18.81 -40.42
C ALA G 55 -21.63 -17.76 -39.35
N PHE G 56 -22.76 -17.98 -38.66
CA PHE G 56 -23.23 -17.12 -37.59
C PHE G 56 -23.01 -17.76 -36.21
N ALA G 57 -22.10 -18.72 -36.14
CA ALA G 57 -21.81 -19.39 -34.87
C ALA G 57 -20.68 -18.68 -34.15
N PRO G 58 -20.92 -18.28 -32.90
CA PRO G 58 -19.87 -17.58 -32.15
C PRO G 58 -18.64 -18.47 -31.93
N GLN G 59 -18.84 -19.77 -32.01
CA GLN G 59 -17.76 -20.73 -31.75
C GLN G 59 -17.88 -21.93 -32.67
N PRO G 60 -17.67 -21.72 -33.98
CA PRO G 60 -17.93 -22.73 -35.00
C PRO G 60 -17.47 -24.12 -34.60
N VAL G 61 -18.32 -25.11 -34.81
CA VAL G 61 -17.97 -26.50 -34.58
C VAL G 61 -17.97 -27.26 -35.91
N LYS G 62 -17.03 -28.19 -36.07
CA LYS G 62 -17.06 -29.06 -37.24
C LYS G 62 -18.08 -30.15 -37.00
N THR G 63 -19.13 -30.15 -37.82
CA THR G 63 -20.21 -31.13 -37.64
C THR G 63 -20.31 -32.04 -38.85
N SER G 64 -20.28 -33.34 -38.60
CA SER G 64 -20.24 -34.31 -39.66
C SER G 64 -21.25 -35.40 -39.47
N TYR G 65 -21.59 -36.02 -40.60
CA TYR G 65 -22.48 -37.15 -40.67
C TYR G 65 -21.59 -38.38 -40.87
N GLY G 66 -21.60 -39.28 -39.89
CA GLY G 66 -20.70 -40.43 -39.91
C GLY G 66 -21.33 -41.69 -39.33
N THR G 67 -20.56 -42.77 -39.23
CA THR G 67 -21.09 -44.06 -38.74
C THR G 67 -20.25 -44.60 -37.57
N TYR G 68 -20.59 -45.79 -37.08
CA TYR G 68 -19.97 -46.32 -35.86
C TYR G 68 -18.47 -46.39 -35.96
N GLU G 69 -17.95 -46.52 -37.18
CA GLU G 69 -16.51 -46.49 -37.37
C GLU G 69 -15.95 -45.17 -36.84
N ASP G 70 -16.72 -44.10 -37.01
CA ASP G 70 -16.26 -42.75 -36.67
C ASP G 70 -16.12 -42.44 -35.17
N CYS G 71 -16.58 -43.36 -34.33
CA CYS G 71 -16.42 -43.25 -32.88
C CYS G 71 -14.99 -43.52 -32.40
N LYS G 72 -14.05 -43.68 -33.33
CA LYS G 72 -12.67 -44.05 -32.97
C LYS G 72 -11.82 -42.94 -32.33
N ASP G 73 -11.79 -41.77 -32.95
CA ASP G 73 -11.00 -40.69 -32.36
C ASP G 73 -11.82 -39.74 -31.48
N ALA G 74 -13.00 -40.19 -31.05
CA ALA G 74 -13.91 -39.39 -30.22
C ALA G 74 -13.54 -39.44 -28.74
N ASP G 75 -13.73 -38.34 -28.04
CA ASP G 75 -13.54 -38.34 -26.58
C ASP G 75 -14.80 -38.83 -25.89
N ILE G 76 -15.95 -38.37 -26.34
CA ILE G 76 -17.18 -38.83 -25.75
C ILE G 76 -18.08 -39.46 -26.76
N VAL G 77 -18.81 -40.48 -26.33
CA VAL G 77 -19.90 -41.03 -27.11
C VAL G 77 -21.20 -40.93 -26.34
N CYS G 78 -22.17 -40.32 -26.98
CA CYS G 78 -23.38 -39.92 -26.32
C CYS G 78 -24.56 -40.58 -27.00
N ILE G 79 -25.15 -41.56 -26.33
CA ILE G 79 -26.25 -42.29 -26.95
C ILE G 79 -27.62 -41.72 -26.57
N CYS G 80 -28.28 -41.11 -27.55
CA CYS G 80 -29.67 -40.69 -27.38
C CYS G 80 -30.61 -41.63 -28.15
N ALA G 81 -30.04 -42.63 -28.83
CA ALA G 81 -30.83 -43.58 -29.61
C ALA G 81 -31.96 -44.19 -28.79
N GLU G 93 -45.64 -53.92 -21.75
CA GLU G 93 -45.56 -52.47 -21.59
C GLU G 93 -44.11 -51.99 -21.38
N LEU G 94 -43.25 -52.83 -20.80
CA LEU G 94 -41.98 -52.32 -20.27
C LEU G 94 -40.63 -52.72 -20.89
N VAL G 95 -39.83 -51.69 -21.14
CA VAL G 95 -38.35 -51.74 -21.23
C VAL G 95 -37.61 -52.60 -22.25
N GLU G 96 -37.63 -53.92 -22.06
CA GLU G 96 -36.62 -54.83 -22.64
C GLU G 96 -36.13 -54.55 -24.08
N LYS G 97 -36.94 -53.86 -24.87
CA LYS G 97 -36.52 -53.44 -26.20
C LYS G 97 -35.26 -52.55 -26.17
N ASN G 98 -35.22 -51.63 -25.21
CA ASN G 98 -34.09 -50.70 -25.06
C ASN G 98 -32.75 -51.40 -24.88
N LEU G 99 -32.73 -52.42 -24.03
CA LEU G 99 -31.50 -53.18 -23.77
C LEU G 99 -30.98 -53.85 -25.03
N LYS G 100 -31.87 -54.48 -25.80
CA LYS G 100 -31.46 -55.15 -27.03
C LYS G 100 -30.76 -54.19 -27.98
N ILE G 101 -31.29 -52.97 -28.11
CA ILE G 101 -30.66 -51.96 -28.95
C ILE G 101 -29.30 -51.54 -28.40
N PHE G 102 -29.23 -51.34 -27.09
CA PHE G 102 -27.98 -50.96 -26.45
C PHE G 102 -26.90 -52.03 -26.56
N LYS G 103 -27.29 -53.26 -26.84
CA LYS G 103 -26.29 -54.28 -27.08
C LYS G 103 -25.71 -54.09 -28.48
N GLY G 104 -26.59 -53.81 -29.44
CA GLY G 104 -26.17 -53.48 -30.78
C GLY G 104 -25.14 -52.36 -30.81
N ILE G 105 -25.40 -51.28 -30.07
CA ILE G 105 -24.57 -50.07 -30.15
C ILE G 105 -23.15 -50.20 -29.55
N VAL G 106 -23.07 -50.60 -28.29
CA VAL G 106 -21.79 -50.60 -27.59
C VAL G 106 -20.72 -51.48 -28.27
N SER G 107 -21.06 -52.74 -28.52
CA SER G 107 -20.12 -53.63 -29.19
C SER G 107 -19.59 -53.01 -30.48
N GLU G 108 -20.49 -52.47 -31.30
CA GLU G 108 -20.06 -51.77 -32.51
C GLU G 108 -19.15 -50.57 -32.20
N VAL G 109 -19.58 -49.71 -31.27
CA VAL G 109 -18.74 -48.58 -30.85
C VAL G 109 -17.35 -49.06 -30.41
N MET G 110 -17.34 -50.00 -29.48
CA MET G 110 -16.07 -50.52 -28.95
C MET G 110 -15.25 -51.20 -30.04
N ALA G 111 -15.93 -52.02 -30.85
CA ALA G 111 -15.25 -52.73 -31.93
C ALA G 111 -14.51 -51.74 -32.79
N SER G 112 -14.99 -50.49 -32.78
CA SER G 112 -14.51 -49.44 -33.66
C SER G 112 -13.19 -48.79 -33.27
N GLY G 113 -12.69 -49.08 -32.07
CA GLY G 113 -11.48 -48.43 -31.59
C GLY G 113 -11.69 -47.39 -30.49
N PHE G 114 -12.94 -47.14 -30.13
CA PHE G 114 -13.26 -46.09 -29.14
C PHE G 114 -12.61 -46.31 -27.78
N ASP G 115 -12.18 -45.22 -27.15
CA ASP G 115 -11.45 -45.26 -25.89
C ASP G 115 -11.74 -44.05 -25.01
N GLY G 116 -12.95 -43.50 -25.08
CA GLY G 116 -13.27 -42.31 -24.32
C GLY G 116 -14.18 -42.59 -23.13
N ILE G 117 -15.16 -41.72 -22.93
CA ILE G 117 -16.14 -41.91 -21.89
C ILE G 117 -17.50 -42.03 -22.52
N PHE G 118 -18.32 -42.93 -21.99
CA PHE G 118 -19.72 -42.98 -22.37
C PHE G 118 -20.52 -41.94 -21.58
N LEU G 119 -21.53 -41.35 -22.24
CA LEU G 119 -22.51 -40.49 -21.60
C LEU G 119 -23.92 -40.92 -22.04
N VAL G 120 -24.75 -41.36 -21.09
CA VAL G 120 -26.02 -42.01 -21.40
C VAL G 120 -27.28 -41.17 -21.11
N ALA G 121 -28.14 -41.03 -22.12
CA ALA G 121 -29.33 -40.19 -22.01
C ALA G 121 -30.66 -40.95 -22.12
N THR G 122 -30.64 -42.08 -22.82
CA THR G 122 -31.84 -42.89 -23.04
C THR G 122 -32.43 -43.43 -21.73
N ASN G 123 -33.75 -43.38 -21.60
CA ASN G 123 -34.43 -43.92 -20.41
C ASN G 123 -34.92 -45.37 -20.56
N PRO G 124 -35.13 -46.07 -19.44
CA PRO G 124 -34.74 -45.62 -18.10
C PRO G 124 -33.22 -45.50 -18.02
N VAL G 125 -32.76 -44.28 -17.78
CA VAL G 125 -31.34 -43.94 -17.85
C VAL G 125 -30.49 -44.74 -16.87
N ASP G 126 -30.96 -44.85 -15.63
CA ASP G 126 -30.21 -45.57 -14.60
C ASP G 126 -29.92 -47.02 -15.00
N ILE G 127 -30.91 -47.67 -15.60
CA ILE G 127 -30.71 -49.05 -16.04
C ILE G 127 -29.80 -49.14 -17.26
N LEU G 128 -30.13 -48.36 -18.29
CA LEU G 128 -29.37 -48.36 -19.54
C LEU G 128 -27.91 -47.93 -19.38
N THR G 129 -27.60 -47.22 -18.30
CA THR G 129 -26.23 -46.78 -18.06
C THR G 129 -25.37 -47.93 -17.55
N TYR G 130 -25.84 -48.56 -16.47
CA TYR G 130 -25.19 -49.72 -15.90
C TYR G 130 -24.84 -50.73 -17.00
N ALA G 131 -25.85 -51.02 -17.82
CA ALA G 131 -25.71 -51.97 -18.90
C ALA G 131 -24.57 -51.60 -19.86
N THR G 132 -24.30 -50.30 -19.95
CA THR G 132 -23.27 -49.79 -20.85
C THR G 132 -21.86 -50.08 -20.32
N TRP G 133 -21.69 -49.95 -19.01
CA TRP G 133 -20.41 -50.24 -18.38
C TRP G 133 -20.11 -51.73 -18.51
N LYS G 134 -21.14 -52.54 -18.31
CA LYS G 134 -21.05 -53.98 -18.52
C LYS G 134 -20.86 -54.37 -19.98
N PHE G 135 -21.68 -53.82 -20.88
CA PHE G 135 -21.61 -54.17 -22.29
C PHE G 135 -20.31 -53.71 -22.92
N SER G 136 -19.80 -52.57 -22.48
CA SER G 136 -18.59 -51.99 -23.07
C SER G 136 -17.32 -52.57 -22.48
N GLY G 137 -17.45 -53.25 -21.34
CA GLY G 137 -16.27 -53.72 -20.65
C GLY G 137 -15.28 -52.58 -20.49
N LEU G 138 -15.71 -51.55 -19.78
CA LEU G 138 -14.87 -50.40 -19.43
C LEU G 138 -15.04 -50.10 -17.94
N PRO G 139 -14.06 -49.40 -17.34
CA PRO G 139 -14.15 -49.06 -15.90
C PRO G 139 -15.45 -48.31 -15.57
N LYS G 140 -15.79 -48.24 -14.28
CA LYS G 140 -17.02 -47.55 -13.88
C LYS G 140 -16.93 -46.03 -14.06
N GLU G 141 -15.73 -45.49 -13.89
CA GLU G 141 -15.48 -44.06 -14.01
C GLU G 141 -15.75 -43.53 -15.41
N ARG G 142 -15.64 -44.40 -16.41
CA ARG G 142 -15.65 -43.94 -17.79
C ARG G 142 -16.99 -44.18 -18.50
N VAL G 143 -17.95 -44.70 -17.77
CA VAL G 143 -19.33 -44.68 -18.24
C VAL G 143 -20.11 -43.71 -17.36
N ILE G 144 -20.77 -42.72 -17.98
CA ILE G 144 -21.60 -41.75 -17.24
C ILE G 144 -23.01 -41.66 -17.82
N GLY G 145 -23.99 -41.47 -16.93
CA GLY G 145 -25.38 -41.28 -17.35
C GLY G 145 -25.94 -39.94 -16.86
N SER G 146 -26.96 -39.43 -17.55
CA SER G 146 -27.47 -38.10 -17.23
C SER G 146 -28.03 -38.10 -15.82
N GLY G 147 -28.71 -39.20 -15.47
CA GLY G 147 -29.26 -39.37 -14.15
C GLY G 147 -30.31 -38.34 -13.81
N THR G 148 -30.15 -37.68 -12.67
CA THR G 148 -31.07 -36.61 -12.29
C THR G 148 -30.51 -35.19 -12.47
N THR G 149 -29.36 -35.06 -13.15
CA THR G 149 -28.86 -33.71 -13.46
C THR G 149 -30.00 -32.81 -13.90
N LEU G 150 -30.89 -33.35 -14.73
CA LEU G 150 -32.04 -32.58 -15.20
C LEU G 150 -33.03 -32.26 -14.07
N ASP G 151 -33.27 -33.23 -13.19
CA ASP G 151 -34.18 -33.03 -12.06
C ASP G 151 -33.60 -32.05 -11.03
N SER G 152 -32.29 -32.09 -10.82
CA SER G 152 -31.65 -31.02 -10.05
C SER G 152 -31.99 -29.68 -10.70
N ALA G 153 -31.82 -29.61 -12.02
CA ALA G 153 -32.01 -28.38 -12.78
C ALA G 153 -33.46 -27.89 -12.79
N ARG G 154 -34.41 -28.81 -12.73
CA ARG G 154 -35.81 -28.44 -12.59
C ARG G 154 -36.01 -27.85 -11.19
N PHE G 155 -35.69 -28.65 -10.18
CA PHE G 155 -35.76 -28.28 -8.77
C PHE G 155 -35.19 -26.86 -8.53
N ARG G 156 -33.87 -26.70 -8.74
CA ARG G 156 -33.25 -25.38 -8.57
C ARG G 156 -34.05 -24.27 -9.26
N PHE G 157 -34.52 -24.51 -10.47
CA PHE G 157 -35.26 -23.47 -11.17
C PHE G 157 -36.54 -23.05 -10.44
N MET G 158 -37.32 -24.05 -10.02
CA MET G 158 -38.58 -23.81 -9.36
C MET G 158 -38.34 -23.07 -8.04
N LEU G 159 -37.29 -23.47 -7.32
CA LEU G 159 -36.86 -22.79 -6.09
C LEU G 159 -36.38 -21.35 -6.35
N SER G 160 -35.48 -21.20 -7.33
CA SER G 160 -35.02 -19.89 -7.77
C SER G 160 -36.21 -18.98 -8.04
N GLU G 161 -37.25 -19.55 -8.64
CA GLU G 161 -38.50 -18.85 -8.88
C GLU G 161 -39.19 -18.38 -7.60
N TYR G 162 -39.29 -19.31 -6.66
CA TYR G 162 -40.06 -19.17 -5.42
C TYR G 162 -39.39 -18.30 -4.37
N PHE G 163 -38.07 -18.46 -4.25
CA PHE G 163 -37.25 -17.74 -3.29
C PHE G 163 -36.72 -16.44 -3.86
N GLY G 164 -36.77 -16.31 -5.18
CA GLY G 164 -36.38 -15.07 -5.84
C GLY G 164 -34.90 -14.84 -6.04
N ALA G 165 -34.11 -15.90 -6.16
CA ALA G 165 -32.70 -15.76 -6.56
C ALA G 165 -32.39 -16.50 -7.86
N ALA G 166 -31.32 -16.07 -8.55
CA ALA G 166 -30.81 -16.79 -9.69
C ALA G 166 -30.67 -18.27 -9.37
N PRO G 167 -31.05 -19.13 -10.31
CA PRO G 167 -30.97 -20.57 -10.10
C PRO G 167 -29.55 -20.96 -9.70
N GLN G 168 -28.57 -20.25 -10.24
CA GLN G 168 -27.18 -20.53 -9.94
C GLN G 168 -26.90 -20.45 -8.44
N ASN G 169 -27.58 -19.53 -7.74
CA ASN G 169 -27.36 -19.38 -6.31
C ASN G 169 -28.22 -20.35 -5.49
N VAL G 170 -29.21 -20.95 -6.13
CA VAL G 170 -30.03 -21.98 -5.52
C VAL G 170 -29.26 -23.29 -5.45
N HIS G 171 -29.15 -23.90 -4.28
CA HIS G 171 -28.34 -25.12 -4.15
C HIS G 171 -29.06 -26.34 -3.58
N ALA G 172 -29.87 -26.96 -4.43
CA ALA G 172 -30.68 -28.10 -4.04
C ALA G 172 -30.47 -29.28 -5.00
N HIS G 173 -30.29 -30.46 -4.42
CA HIS G 173 -30.06 -31.67 -5.18
C HIS G 173 -31.31 -32.53 -5.22
N ILE G 174 -31.54 -33.17 -6.36
CA ILE G 174 -32.40 -34.33 -6.41
C ILE G 174 -31.50 -35.53 -6.70
N ILE G 175 -31.72 -36.62 -5.99
CA ILE G 175 -30.96 -37.86 -6.23
C ILE G 175 -31.90 -39.07 -6.30
N GLY G 176 -31.32 -40.25 -6.56
CA GLY G 176 -32.10 -41.46 -6.74
C GLY G 176 -32.36 -41.82 -8.20
N GLU G 177 -33.33 -42.69 -8.42
CA GLU G 177 -33.82 -42.99 -9.77
C GLU G 177 -34.31 -41.71 -10.46
N HIS G 178 -33.94 -41.53 -11.74
CA HIS G 178 -34.47 -40.43 -12.55
C HIS G 178 -35.96 -40.67 -12.84
N GLY G 179 -36.64 -41.25 -11.86
CA GLY G 179 -38.06 -41.52 -11.97
C GLY G 179 -38.78 -41.36 -10.63
N ASP G 180 -39.72 -42.26 -10.37
CA ASP G 180 -40.63 -42.16 -9.24
C ASP G 180 -39.89 -42.09 -7.89
N THR G 181 -38.90 -42.96 -7.73
CA THR G 181 -38.23 -43.10 -6.45
C THR G 181 -37.27 -41.95 -6.09
N GLU G 182 -36.87 -41.13 -7.06
CA GLU G 182 -35.98 -40.00 -6.77
C GLU G 182 -36.44 -39.22 -5.53
N LEU G 183 -35.49 -38.55 -4.87
CA LEU G 183 -35.82 -37.80 -3.66
C LEU G 183 -35.11 -36.46 -3.59
N PRO G 184 -35.76 -35.47 -2.96
CA PRO G 184 -35.12 -34.21 -2.62
C PRO G 184 -34.13 -34.41 -1.48
N VAL G 185 -33.01 -33.70 -1.53
CA VAL G 185 -32.12 -33.70 -0.37
C VAL G 185 -32.30 -32.39 0.39
N TRP G 186 -33.31 -32.37 1.25
CA TRP G 186 -33.66 -31.17 2.01
C TRP G 186 -32.62 -30.83 3.08
N SER G 187 -32.19 -31.85 3.82
CA SER G 187 -31.18 -31.69 4.87
C SER G 187 -29.89 -31.05 4.39
N HIS G 188 -29.81 -30.68 3.11
CA HIS G 188 -28.59 -30.09 2.58
C HIS G 188 -28.81 -28.90 1.65
N ALA G 189 -30.07 -28.62 1.31
CA ALA G 189 -30.35 -27.53 0.38
C ALA G 189 -30.04 -26.19 1.00
N ASN G 190 -30.04 -25.14 0.18
CA ASN G 190 -29.74 -23.80 0.67
C ASN G 190 -29.86 -22.76 -0.43
N VAL G 191 -29.78 -21.49 -0.04
CA VAL G 191 -29.74 -20.42 -1.01
C VAL G 191 -28.74 -19.37 -0.57
N GLY G 192 -27.63 -19.28 -1.31
CA GLY G 192 -26.55 -18.39 -0.96
C GLY G 192 -25.88 -18.82 0.32
N GLY G 193 -26.00 -20.12 0.63
CA GLY G 193 -25.46 -20.68 1.87
C GLY G 193 -26.52 -20.97 2.92
N VAL G 194 -27.63 -20.25 2.85
CA VAL G 194 -28.69 -20.34 3.85
C VAL G 194 -29.62 -21.53 3.66
N PRO G 195 -29.58 -22.50 4.57
CA PRO G 195 -30.40 -23.72 4.38
C PRO G 195 -31.87 -23.36 4.19
N VAL G 196 -32.54 -23.97 3.22
CA VAL G 196 -33.92 -23.58 2.92
C VAL G 196 -34.81 -23.70 4.15
N SER G 197 -34.46 -24.64 5.03
CA SER G 197 -35.16 -24.77 6.30
C SER G 197 -35.17 -23.45 7.04
N GLU G 198 -33.99 -22.87 7.26
CA GLU G 198 -33.92 -21.62 8.02
C GLU G 198 -34.63 -20.44 7.33
N LEU G 199 -34.79 -20.51 6.01
CA LEU G 199 -35.58 -19.49 5.30
C LEU G 199 -37.05 -19.77 5.52
N VAL G 200 -37.36 -21.04 5.68
CA VAL G 200 -38.73 -21.49 5.93
C VAL G 200 -39.05 -21.45 7.42
N GLU G 201 -38.07 -21.79 8.24
CA GLU G 201 -38.26 -22.01 9.68
C GLU G 201 -39.08 -20.90 10.29
N LYS G 202 -39.28 -19.83 9.51
CA LYS G 202 -40.16 -18.74 9.90
C LYS G 202 -41.42 -18.60 9.04
N ASN G 203 -41.32 -18.80 7.72
CA ASN G 203 -42.49 -18.53 6.87
C ASN G 203 -43.71 -19.40 7.20
N ASP G 204 -44.87 -18.74 7.26
CA ASP G 204 -45.97 -19.21 8.10
C ASP G 204 -46.79 -20.42 7.64
N ALA G 205 -47.96 -20.17 7.05
CA ALA G 205 -48.97 -21.21 6.78
C ALA G 205 -48.38 -22.51 6.19
N TYR G 206 -47.53 -23.16 6.98
CA TYR G 206 -46.72 -24.29 6.51
C TYR G 206 -46.20 -24.10 5.09
N LYS G 207 -45.37 -23.07 4.87
CA LYS G 207 -44.78 -22.86 3.56
C LYS G 207 -44.03 -24.09 3.11
N GLN G 208 -43.82 -25.03 4.04
CA GLN G 208 -43.21 -26.31 3.71
C GLN G 208 -44.01 -26.98 2.61
N GLU G 209 -45.33 -26.77 2.63
CA GLU G 209 -46.24 -27.45 1.71
C GLU G 209 -45.96 -27.10 0.26
N GLU G 210 -45.65 -25.82 0.02
CA GLU G 210 -45.34 -25.37 -1.34
C GLU G 210 -44.01 -25.95 -1.79
N LEU G 211 -43.06 -26.08 -0.87
CA LEU G 211 -41.82 -26.77 -1.15
C LEU G 211 -42.12 -28.23 -1.49
N ASP G 212 -43.17 -28.77 -0.86
CA ASP G 212 -43.62 -30.13 -1.13
C ASP G 212 -44.27 -30.26 -2.50
N GLN G 213 -44.97 -29.22 -2.94
CA GLN G 213 -45.59 -29.21 -4.27
C GLN G 213 -44.55 -29.16 -5.39
N ILE G 214 -43.54 -28.32 -5.25
CA ILE G 214 -42.45 -28.29 -6.21
C ILE G 214 -41.82 -29.68 -6.37
N VAL G 215 -41.51 -30.32 -5.25
CA VAL G 215 -40.87 -31.63 -5.29
C VAL G 215 -41.71 -32.61 -6.10
N ASP G 216 -43.03 -32.47 -6.02
CA ASP G 216 -43.89 -33.30 -6.81
C ASP G 216 -43.83 -32.88 -8.29
N ASP G 217 -43.87 -31.56 -8.54
CA ASP G 217 -43.73 -31.02 -9.89
C ASP G 217 -42.49 -31.57 -10.58
N VAL G 218 -41.36 -31.55 -9.89
CA VAL G 218 -40.14 -32.12 -10.45
C VAL G 218 -40.45 -33.57 -10.83
N LYS G 219 -40.92 -34.35 -9.86
CA LYS G 219 -41.19 -35.77 -10.07
C LYS G 219 -42.06 -36.03 -11.30
N ASN G 220 -43.01 -35.13 -11.55
CA ASN G 220 -43.90 -35.19 -12.71
C ASN G 220 -43.59 -34.16 -13.79
N ALA G 221 -42.39 -33.60 -13.79
CA ALA G 221 -42.05 -32.57 -14.76
C ALA G 221 -42.18 -33.10 -16.19
N ALA G 222 -41.61 -34.28 -16.40
CA ALA G 222 -41.66 -34.93 -17.70
C ALA G 222 -43.10 -35.24 -18.12
N TYR G 223 -43.90 -35.79 -17.21
CA TYR G 223 -45.30 -36.08 -17.54
C TYR G 223 -46.01 -34.81 -17.99
N HIS G 224 -45.87 -33.73 -17.21
CA HIS G 224 -46.53 -32.48 -17.57
C HIS G 224 -46.13 -31.95 -18.94
N ILE G 225 -44.86 -32.10 -19.30
CA ILE G 225 -44.39 -31.64 -20.60
C ILE G 225 -44.72 -32.62 -21.75
N ILE G 226 -44.56 -33.92 -21.50
CA ILE G 226 -44.96 -34.92 -22.48
C ILE G 226 -46.43 -34.70 -22.83
N GLU G 227 -47.23 -34.40 -21.82
CA GLU G 227 -48.65 -34.18 -22.03
C GLU G 227 -48.91 -32.91 -22.83
N LYS G 228 -48.12 -31.88 -22.58
CA LYS G 228 -48.31 -30.60 -23.27
C LYS G 228 -47.81 -30.59 -24.71
N LYS G 229 -46.73 -31.30 -25.01
CA LYS G 229 -46.16 -31.26 -26.36
C LYS G 229 -45.45 -32.53 -26.86
N GLY G 230 -45.53 -33.62 -26.10
CA GLY G 230 -45.01 -34.91 -26.56
C GLY G 230 -43.80 -35.46 -25.85
N ALA G 231 -42.85 -34.59 -25.55
CA ALA G 231 -41.64 -35.00 -24.83
C ALA G 231 -40.74 -33.79 -24.55
N THR G 232 -39.82 -33.97 -23.62
CA THR G 232 -38.81 -32.97 -23.34
C THR G 232 -37.62 -33.21 -24.24
N TYR G 233 -36.88 -32.14 -24.52
CA TYR G 233 -35.61 -32.27 -25.20
C TYR G 233 -34.66 -31.14 -24.80
N TYR G 234 -35.14 -29.90 -24.89
CA TYR G 234 -34.33 -28.73 -24.55
C TYR G 234 -33.70 -28.85 -23.17
N GLY G 235 -34.48 -29.32 -22.20
CA GLY G 235 -34.02 -29.35 -20.83
C GLY G 235 -32.94 -30.39 -20.65
N VAL G 236 -33.24 -31.59 -21.12
CA VAL G 236 -32.29 -32.67 -21.06
C VAL G 236 -31.09 -32.37 -21.96
N ALA G 237 -31.24 -31.45 -22.91
CA ALA G 237 -30.14 -31.08 -23.80
C ALA G 237 -29.08 -30.16 -23.16
N MET G 238 -29.51 -29.15 -22.41
CA MET G 238 -28.56 -28.31 -21.65
C MET G 238 -27.81 -29.16 -20.64
N SER G 239 -28.53 -30.00 -19.93
CA SER G 239 -27.95 -30.93 -18.96
C SER G 239 -26.85 -31.80 -19.58
N LEU G 240 -27.07 -32.22 -20.82
CA LEU G 240 -26.08 -33.01 -21.55
C LEU G 240 -24.86 -32.16 -21.94
N ALA G 241 -25.11 -30.99 -22.50
CA ALA G 241 -24.02 -30.08 -22.84
C ALA G 241 -23.19 -29.76 -21.59
N ARG G 242 -23.87 -29.51 -20.48
CA ARG G 242 -23.18 -29.13 -19.26
C ARG G 242 -22.25 -30.27 -18.82
N ILE G 243 -22.81 -31.47 -18.75
CA ILE G 243 -22.03 -32.65 -18.44
C ILE G 243 -20.90 -32.85 -19.44
N THR G 244 -21.17 -32.55 -20.72
CA THR G 244 -20.20 -32.79 -21.79
C THR G 244 -19.03 -31.83 -21.60
N LYS G 245 -19.37 -30.58 -21.31
CA LYS G 245 -18.41 -29.55 -20.96
C LYS G 245 -17.57 -29.91 -19.72
N ALA G 246 -18.22 -30.44 -18.69
CA ALA G 246 -17.50 -30.81 -17.48
C ALA G 246 -16.37 -31.78 -17.83
N ILE G 247 -16.65 -32.70 -18.76
CA ILE G 247 -15.64 -33.67 -19.19
C ILE G 247 -14.52 -33.06 -20.06
N LEU G 248 -14.87 -32.53 -21.22
CA LEU G 248 -13.87 -32.07 -22.19
C LEU G 248 -13.00 -30.92 -21.68
N HIS G 249 -13.48 -30.28 -20.62
CA HIS G 249 -12.79 -29.12 -20.12
C HIS G 249 -12.18 -29.36 -18.75
N ASN G 250 -12.20 -30.62 -18.33
CA ASN G 250 -11.49 -31.04 -17.14
C ASN G 250 -11.88 -30.15 -15.97
N GLU G 251 -13.17 -30.17 -15.65
CA GLU G 251 -13.74 -29.15 -14.78
C GLU G 251 -13.64 -29.46 -13.30
N ASN G 252 -13.77 -30.73 -12.95
CA ASN G 252 -13.94 -31.11 -11.55
C ASN G 252 -15.20 -30.47 -10.98
N SER G 253 -16.12 -30.19 -11.90
CA SER G 253 -17.47 -29.72 -11.61
C SER G 253 -18.26 -30.83 -10.96
N ILE G 254 -19.19 -30.44 -10.11
CA ILE G 254 -20.03 -31.38 -9.38
C ILE G 254 -21.42 -31.53 -9.99
N LEU G 255 -21.75 -32.75 -10.38
CA LEU G 255 -23.00 -32.98 -11.09
C LEU G 255 -23.63 -34.29 -10.65
N THR G 256 -24.92 -34.25 -10.35
CA THR G 256 -25.67 -35.46 -9.99
C THR G 256 -25.83 -36.46 -11.15
N VAL G 257 -24.70 -36.87 -11.71
CA VAL G 257 -24.66 -37.86 -12.78
C VAL G 257 -24.83 -39.29 -12.25
N SER G 258 -25.44 -40.15 -13.06
CA SER G 258 -25.53 -41.58 -12.72
C SER G 258 -24.13 -42.11 -12.47
N THR G 259 -23.91 -42.62 -11.27
CA THR G 259 -22.59 -43.10 -10.87
C THR G 259 -22.64 -44.56 -10.43
N TYR G 260 -21.50 -45.25 -10.48
CA TYR G 260 -21.39 -46.57 -9.90
C TYR G 260 -21.06 -46.50 -8.41
N LEU G 261 -21.99 -46.98 -7.57
CA LEU G 261 -21.80 -46.99 -6.12
C LEU G 261 -21.19 -48.29 -5.59
N ASP G 262 -20.01 -48.16 -4.99
CA ASP G 262 -19.19 -49.28 -4.55
C ASP G 262 -19.45 -49.61 -3.07
N GLY G 263 -20.65 -49.33 -2.60
CA GLY G 263 -20.95 -49.46 -1.18
C GLY G 263 -21.27 -48.12 -0.53
N GLN G 264 -21.24 -47.05 -1.31
CA GLN G 264 -21.50 -45.70 -0.80
C GLN G 264 -22.99 -45.37 -0.59
N TYR G 265 -23.28 -44.53 0.39
CA TYR G 265 -24.65 -44.30 0.86
C TYR G 265 -25.30 -45.61 1.30
N GLY G 266 -24.53 -46.70 1.24
CA GLY G 266 -25.01 -48.01 1.65
C GLY G 266 -25.14 -49.02 0.52
N ALA G 267 -25.24 -48.54 -0.72
CA ALA G 267 -25.55 -49.42 -1.84
C ALA G 267 -24.31 -49.87 -2.64
N ASP G 268 -24.48 -50.91 -3.43
CA ASP G 268 -23.43 -51.36 -4.36
C ASP G 268 -23.99 -52.18 -5.53
N ASP G 269 -23.19 -52.35 -6.58
CA ASP G 269 -23.62 -53.06 -7.77
C ASP G 269 -24.87 -52.39 -8.34
N VAL G 270 -24.79 -51.07 -8.54
CA VAL G 270 -25.88 -50.30 -9.13
C VAL G 270 -25.44 -48.91 -9.60
N TYR G 271 -25.91 -48.51 -10.78
CA TYR G 271 -25.71 -47.15 -11.25
C TYR G 271 -26.90 -46.33 -10.82
N ILE G 272 -26.65 -45.09 -10.42
CA ILE G 272 -27.68 -44.29 -9.78
C ILE G 272 -27.17 -42.88 -9.55
N GLY G 273 -28.08 -41.92 -9.41
CA GLY G 273 -27.72 -40.52 -9.27
C GLY G 273 -27.37 -40.01 -7.87
N VAL G 274 -26.15 -39.49 -7.74
CA VAL G 274 -25.65 -38.87 -6.53
C VAL G 274 -24.56 -37.93 -7.00
N PRO G 275 -24.27 -36.87 -6.23
CA PRO G 275 -23.29 -35.91 -6.73
C PRO G 275 -21.94 -36.57 -6.93
N ALA G 276 -21.31 -36.30 -8.05
CA ALA G 276 -19.98 -36.82 -8.29
C ALA G 276 -19.15 -35.75 -8.96
N VAL G 277 -17.86 -35.71 -8.66
CA VAL G 277 -16.98 -34.79 -9.36
C VAL G 277 -16.83 -35.33 -10.77
N VAL G 278 -16.72 -34.44 -11.76
CA VAL G 278 -16.60 -34.84 -13.15
C VAL G 278 -15.51 -34.07 -13.88
N ASN G 279 -14.64 -34.80 -14.58
CA ASN G 279 -13.57 -34.19 -15.35
C ASN G 279 -13.11 -35.06 -16.53
N ARG G 280 -12.04 -34.63 -17.18
CA ARG G 280 -11.51 -35.27 -18.39
C ARG G 280 -11.34 -36.78 -18.27
N GLY G 281 -11.32 -37.29 -17.05
CA GLY G 281 -11.17 -38.70 -16.81
C GLY G 281 -12.41 -39.29 -16.17
N GLY G 282 -13.57 -38.79 -16.57
CA GLY G 282 -14.85 -39.25 -16.06
C GLY G 282 -15.09 -38.90 -14.60
N ILE G 283 -15.73 -39.80 -13.87
CA ILE G 283 -15.89 -39.62 -12.43
C ILE G 283 -14.50 -39.54 -11.81
N ALA G 284 -14.27 -38.53 -10.98
CA ALA G 284 -13.02 -38.41 -10.25
C ALA G 284 -13.23 -39.00 -8.86
N GLY G 285 -14.30 -38.56 -8.22
CA GLY G 285 -14.66 -39.05 -6.90
C GLY G 285 -16.14 -38.86 -6.67
N ILE G 286 -16.72 -39.74 -5.87
CA ILE G 286 -18.10 -39.56 -5.42
C ILE G 286 -18.07 -38.72 -4.15
N THR G 287 -18.36 -37.44 -4.28
CA THR G 287 -18.52 -36.59 -3.11
C THR G 287 -19.80 -37.05 -2.38
N GLU G 288 -19.64 -37.45 -1.13
CA GLU G 288 -20.67 -38.21 -0.44
C GLU G 288 -21.44 -37.41 0.62
N LEU G 289 -22.71 -37.15 0.35
CA LEU G 289 -23.54 -36.36 1.26
C LEU G 289 -23.95 -37.16 2.49
N ASN G 290 -23.78 -36.55 3.66
CA ASN G 290 -24.35 -37.10 4.88
C ASN G 290 -25.87 -37.06 4.85
N LEU G 291 -26.49 -38.13 4.37
CA LEU G 291 -27.94 -38.15 4.30
C LEU G 291 -28.55 -38.23 5.70
N ASN G 292 -29.52 -37.35 5.95
CA ASN G 292 -30.34 -37.48 7.16
C ASN G 292 -31.19 -38.76 7.05
N GLU G 293 -31.85 -39.11 8.15
CA GLU G 293 -32.43 -40.43 8.32
C GLU G 293 -33.51 -40.80 7.30
N LYS G 294 -34.44 -39.89 7.05
CA LYS G 294 -35.49 -40.22 6.10
C LYS G 294 -34.86 -40.40 4.72
N GLU G 295 -34.07 -39.41 4.33
CA GLU G 295 -33.44 -39.47 3.03
C GLU G 295 -32.62 -40.74 2.88
N LYS G 296 -31.94 -41.16 3.94
CA LYS G 296 -31.15 -42.40 3.88
C LYS G 296 -31.97 -43.57 3.36
N GLU G 297 -33.22 -43.66 3.83
CA GLU G 297 -34.11 -44.78 3.49
C GLU G 297 -34.74 -44.64 2.11
N GLN G 298 -35.22 -43.45 1.78
CA GLN G 298 -35.72 -43.18 0.43
C GLN G 298 -34.67 -43.58 -0.61
N PHE G 299 -33.39 -43.33 -0.28
CA PHE G 299 -32.31 -43.63 -1.21
C PHE G 299 -31.96 -45.12 -1.29
N LEU G 300 -32.11 -45.84 -0.18
CA LEU G 300 -31.85 -47.26 -0.21
C LEU G 300 -33.00 -47.98 -0.89
N HIS G 301 -34.21 -47.44 -0.70
CA HIS G 301 -35.41 -47.92 -1.39
C HIS G 301 -35.26 -47.78 -2.90
N SER G 302 -34.74 -46.62 -3.33
CA SER G 302 -34.52 -46.36 -4.74
C SER G 302 -33.55 -47.38 -5.34
N ALA G 303 -32.35 -47.44 -4.76
CA ALA G 303 -31.37 -48.43 -5.21
C ALA G 303 -31.99 -49.82 -5.24
N GLY G 304 -32.76 -50.15 -4.20
CA GLY G 304 -33.39 -51.45 -4.09
C GLY G 304 -34.31 -51.73 -5.24
N VAL G 305 -35.16 -50.76 -5.57
CA VAL G 305 -36.01 -50.85 -6.75
C VAL G 305 -35.17 -51.08 -8.00
N LEU G 306 -34.05 -50.36 -8.11
CA LEU G 306 -33.15 -50.53 -9.25
C LEU G 306 -32.53 -51.92 -9.24
N LYS G 307 -32.08 -52.36 -8.06
CA LYS G 307 -31.47 -53.68 -7.92
C LYS G 307 -32.41 -54.74 -8.49
N ASN G 308 -33.68 -54.65 -8.09
CA ASN G 308 -34.68 -55.60 -8.55
C ASN G 308 -34.69 -55.72 -10.07
N ILE G 309 -34.45 -54.61 -10.75
CA ILE G 309 -34.49 -54.59 -12.21
C ILE G 309 -33.19 -55.06 -12.87
N LEU G 310 -32.06 -54.72 -12.27
CA LEU G 310 -30.75 -55.11 -12.80
C LEU G 310 -30.51 -56.62 -12.85
N LYS G 311 -31.16 -57.36 -11.96
CA LYS G 311 -30.98 -58.81 -11.89
C LYS G 311 -31.63 -59.57 -13.07
N PRO G 312 -32.96 -59.43 -13.23
CA PRO G 312 -33.70 -60.15 -14.27
C PRO G 312 -33.39 -59.67 -15.69
N HIS G 313 -33.86 -58.47 -16.02
CA HIS G 313 -33.76 -57.94 -17.39
C HIS G 313 -32.32 -57.96 -17.90
N PHE G 314 -31.37 -57.84 -16.98
CA PHE G 314 -29.95 -57.91 -17.30
C PHE G 314 -29.37 -59.23 -16.83
N LYS H 3 -3.53 -32.86 -17.57
CA LYS H 3 -4.46 -33.96 -17.86
C LYS H 3 -5.19 -33.76 -19.20
N HIS H 4 -4.69 -34.43 -20.24
CA HIS H 4 -5.42 -34.61 -21.51
C HIS H 4 -5.88 -33.34 -22.24
N VAL H 5 -5.67 -32.17 -21.66
CA VAL H 5 -6.36 -30.97 -22.15
C VAL H 5 -5.45 -29.86 -22.69
N ASN H 6 -6.02 -29.02 -23.56
CA ASN H 6 -5.28 -27.92 -24.16
C ASN H 6 -4.41 -27.22 -23.14
N LYS H 7 -3.19 -26.87 -23.54
CA LYS H 7 -2.22 -26.32 -22.60
C LYS H 7 -1.29 -25.30 -23.25
N VAL H 8 -1.25 -24.09 -22.70
CA VAL H 8 -0.36 -23.05 -23.17
C VAL H 8 0.72 -22.75 -22.14
N ALA H 9 1.92 -22.46 -22.63
CA ALA H 9 3.05 -22.09 -21.79
C ALA H 9 3.48 -20.66 -22.08
N LEU H 10 3.37 -19.79 -21.07
CA LEU H 10 3.74 -18.39 -21.24
C LEU H 10 5.12 -18.10 -20.65
N ILE H 11 5.94 -17.37 -21.42
CA ILE H 11 7.27 -16.98 -20.96
C ILE H 11 7.46 -15.48 -21.15
N GLY H 12 7.31 -14.72 -20.07
CA GLY H 12 7.42 -13.26 -20.15
C GLY H 12 6.30 -12.52 -19.42
N ALA H 13 6.25 -12.66 -18.09
CA ALA H 13 5.22 -12.02 -17.29
C ALA H 13 5.28 -10.50 -17.30
N GLY H 14 5.80 -9.91 -18.36
CA GLY H 14 5.77 -8.47 -18.52
C GLY H 14 4.35 -8.02 -18.83
N PHE H 15 4.12 -6.71 -18.83
CA PHE H 15 2.80 -6.19 -19.18
C PHE H 15 2.25 -6.95 -20.39
N VAL H 16 3.13 -7.25 -21.34
CA VAL H 16 2.73 -7.99 -22.53
C VAL H 16 2.34 -9.44 -22.27
N GLY H 17 3.10 -10.12 -21.41
CA GLY H 17 2.78 -11.49 -21.05
C GLY H 17 1.52 -11.59 -20.21
N SER H 18 1.61 -11.13 -18.98
CA SER H 18 0.50 -11.21 -18.02
C SER H 18 -0.85 -10.91 -18.67
N SER H 19 -0.87 -9.90 -19.53
CA SER H 19 -2.05 -9.51 -20.31
C SER H 19 -2.64 -10.63 -21.16
N TYR H 20 -1.78 -11.27 -21.94
CA TYR H 20 -2.18 -12.37 -22.80
C TYR H 20 -2.73 -13.50 -21.94
N ALA H 21 -2.19 -13.63 -20.74
CA ALA H 21 -2.70 -14.59 -19.77
C ALA H 21 -4.10 -14.21 -19.28
N PHE H 22 -4.32 -12.90 -19.07
CA PHE H 22 -5.62 -12.42 -18.66
C PHE H 22 -6.64 -12.69 -19.75
N ALA H 23 -6.30 -12.33 -20.98
CA ALA H 23 -7.21 -12.47 -22.09
C ALA H 23 -7.68 -13.91 -22.19
N LEU H 24 -6.77 -14.83 -21.91
CA LEU H 24 -7.11 -16.26 -21.94
C LEU H 24 -8.00 -16.69 -20.78
N ILE H 25 -7.81 -16.08 -19.61
CA ILE H 25 -8.62 -16.37 -18.43
C ILE H 25 -9.99 -15.68 -18.52
N ASN H 26 -10.12 -14.74 -19.45
CA ASN H 26 -11.39 -14.09 -19.72
C ASN H 26 -12.15 -14.80 -20.84
N GLN H 27 -11.43 -15.18 -21.89
CA GLN H 27 -12.01 -15.84 -23.04
C GLN H 27 -12.10 -17.36 -22.85
N GLY H 28 -11.25 -17.91 -21.98
CA GLY H 28 -11.28 -19.33 -21.69
C GLY H 28 -11.01 -20.15 -22.93
N ILE H 29 -10.09 -19.67 -23.75
CA ILE H 29 -9.68 -20.30 -25.01
C ILE H 29 -8.88 -21.59 -24.77
N THR H 30 -8.22 -21.66 -23.62
CA THR H 30 -7.41 -22.83 -23.30
C THR H 30 -7.90 -23.46 -22.00
N ASP H 31 -7.54 -24.72 -21.78
CA ASP H 31 -8.03 -25.46 -20.61
C ASP H 31 -7.03 -25.42 -19.43
N GLU H 32 -5.76 -25.17 -19.72
CA GLU H 32 -4.71 -25.09 -18.71
C GLU H 32 -3.62 -24.10 -19.16
N LEU H 33 -3.13 -23.29 -18.23
CA LEU H 33 -2.13 -22.27 -18.55
C LEU H 33 -0.90 -22.39 -17.65
N VAL H 34 0.28 -22.28 -18.25
CA VAL H 34 1.54 -22.43 -17.53
C VAL H 34 2.36 -21.15 -17.68
N VAL H 35 2.77 -20.57 -16.56
CA VAL H 35 3.39 -19.24 -16.58
C VAL H 35 4.85 -19.24 -16.12
N ILE H 36 5.72 -18.71 -16.98
CA ILE H 36 7.16 -18.85 -16.83
C ILE H 36 7.88 -17.55 -17.13
N ASP H 37 8.71 -17.08 -16.19
CA ASP H 37 9.45 -15.84 -16.37
C ASP H 37 10.83 -15.93 -15.70
N VAL H 38 11.78 -15.15 -16.21
CA VAL H 38 13.12 -15.12 -15.63
C VAL H 38 13.16 -14.25 -14.38
N ASN H 39 11.98 -13.97 -13.84
CA ASN H 39 11.83 -13.54 -12.45
C ASN H 39 10.81 -14.48 -11.81
N LYS H 40 11.28 -15.29 -10.87
CA LYS H 40 10.46 -16.35 -10.29
C LYS H 40 9.49 -15.87 -9.21
N GLU H 41 9.48 -14.57 -8.96
CA GLU H 41 8.58 -13.97 -7.98
C GLU H 41 7.45 -13.24 -8.67
N LYS H 42 7.81 -12.50 -9.71
CA LYS H 42 6.85 -11.72 -10.50
C LYS H 42 5.88 -12.69 -11.15
N ALA H 43 6.42 -13.81 -11.62
CA ALA H 43 5.60 -14.84 -12.24
C ALA H 43 4.64 -15.43 -11.22
N MET H 44 5.11 -15.60 -9.99
CA MET H 44 4.31 -16.21 -8.95
C MET H 44 3.15 -15.31 -8.52
N GLY H 45 3.38 -14.00 -8.50
CA GLY H 45 2.36 -13.05 -8.12
C GLY H 45 1.24 -12.94 -9.13
N ASP H 46 1.61 -12.91 -10.41
CA ASP H 46 0.66 -12.85 -11.50
C ASP H 46 -0.19 -14.12 -11.57
N VAL H 47 0.45 -15.27 -11.39
CA VAL H 47 -0.29 -16.53 -11.37
C VAL H 47 -1.37 -16.50 -10.30
N MET H 48 -1.01 -16.06 -9.10
CA MET H 48 -1.99 -15.91 -8.02
C MET H 48 -3.06 -14.89 -8.40
N ASP H 49 -2.62 -13.72 -8.89
CA ASP H 49 -3.54 -12.64 -9.23
C ASP H 49 -4.57 -13.13 -10.24
N LEU H 50 -4.12 -13.98 -11.16
CA LEU H 50 -5.00 -14.53 -12.18
C LEU H 50 -5.99 -15.56 -11.62
N ASN H 51 -5.49 -16.51 -10.85
CA ASN H 51 -6.33 -17.55 -10.28
C ASN H 51 -7.38 -17.02 -9.32
N HIS H 52 -7.20 -15.79 -8.85
CA HIS H 52 -8.08 -15.25 -7.83
C HIS H 52 -9.43 -14.78 -8.37
N GLY H 53 -9.57 -14.79 -9.69
CA GLY H 53 -10.83 -14.44 -10.34
C GLY H 53 -11.50 -15.65 -10.95
N LYS H 54 -10.95 -16.83 -10.65
CA LYS H 54 -11.40 -18.07 -11.26
C LYS H 54 -12.86 -18.37 -10.89
N ALA H 55 -13.27 -17.88 -9.74
CA ALA H 55 -14.63 -18.11 -9.27
C ALA H 55 -15.62 -17.32 -10.08
N PHE H 56 -15.14 -16.23 -10.67
CA PHE H 56 -16.00 -15.32 -11.43
C PHE H 56 -15.59 -15.30 -12.90
N ALA H 57 -15.00 -16.39 -13.39
CA ALA H 57 -14.62 -16.49 -14.79
C ALA H 57 -15.58 -17.39 -15.55
N PRO H 58 -15.91 -17.00 -16.79
CA PRO H 58 -16.84 -17.74 -17.66
C PRO H 58 -16.45 -19.22 -17.88
N GLN H 59 -15.16 -19.49 -18.11
CA GLN H 59 -14.69 -20.86 -18.33
C GLN H 59 -13.51 -21.18 -17.40
N PRO H 60 -13.42 -22.45 -16.94
CA PRO H 60 -12.50 -22.90 -15.88
C PRO H 60 -11.02 -23.04 -16.28
N VAL H 61 -10.36 -21.92 -16.58
CA VAL H 61 -8.95 -21.90 -16.97
C VAL H 61 -8.00 -22.19 -15.81
N LYS H 62 -7.35 -23.36 -15.83
CA LYS H 62 -6.41 -23.72 -14.78
C LYS H 62 -5.04 -23.10 -15.07
N THR H 63 -4.56 -22.27 -14.16
CA THR H 63 -3.30 -21.58 -14.33
C THR H 63 -2.26 -22.11 -13.33
N SER H 64 -0.99 -21.93 -13.65
CA SER H 64 0.08 -22.42 -12.77
C SER H 64 1.42 -21.71 -12.97
N TYR H 65 2.11 -21.45 -11.88
CA TYR H 65 3.49 -21.00 -11.93
C TYR H 65 4.34 -22.18 -12.37
N GLY H 66 5.34 -21.93 -13.21
CA GLY H 66 6.12 -23.03 -13.76
C GLY H 66 7.51 -22.73 -14.29
N THR H 67 8.10 -23.76 -14.89
CA THR H 67 9.47 -23.73 -15.38
C THR H 67 9.56 -24.35 -16.77
N TYR H 68 10.70 -24.16 -17.43
CA TYR H 68 10.90 -24.62 -18.80
C TYR H 68 10.52 -26.09 -19.02
N GLU H 69 10.74 -26.93 -18.02
CA GLU H 69 10.40 -28.34 -18.13
C GLU H 69 8.90 -28.54 -18.31
N ASP H 70 8.14 -27.50 -17.98
CA ASP H 70 6.69 -27.54 -18.10
C ASP H 70 6.22 -27.38 -19.53
N CYS H 71 7.08 -26.83 -20.39
CA CYS H 71 6.77 -26.70 -21.81
C CYS H 71 6.75 -28.07 -22.45
N LYS H 72 6.91 -29.09 -21.62
CA LYS H 72 6.91 -30.48 -22.07
C LYS H 72 5.66 -30.74 -22.91
N ASP H 73 4.57 -31.13 -22.25
CA ASP H 73 3.33 -31.45 -22.97
C ASP H 73 2.46 -30.22 -23.23
N ALA H 74 3.09 -29.06 -23.34
CA ALA H 74 2.40 -27.90 -23.86
C ALA H 74 1.92 -28.26 -25.25
N ASP H 75 0.87 -27.59 -25.72
CA ASP H 75 0.46 -27.74 -27.10
C ASP H 75 0.91 -26.49 -27.83
N ILE H 76 1.09 -25.42 -27.04
CA ILE H 76 1.67 -24.19 -27.54
C ILE H 76 2.59 -23.59 -26.49
N VAL H 77 3.72 -23.10 -26.98
CA VAL H 77 4.63 -22.28 -26.20
C VAL H 77 4.55 -20.90 -26.83
N CYS H 78 4.47 -19.87 -25.99
CA CYS H 78 4.26 -18.51 -26.49
C CYS H 78 5.17 -17.52 -25.80
N ILE H 79 6.19 -17.05 -26.52
CA ILE H 79 7.19 -16.19 -25.90
C ILE H 79 6.90 -14.71 -26.12
N CYS H 80 7.10 -13.93 -25.05
CA CYS H 80 6.78 -12.51 -25.07
C CYS H 80 7.91 -11.65 -24.50
N ALA H 81 8.81 -12.28 -23.73
CA ALA H 81 9.99 -11.58 -23.21
C ALA H 81 10.97 -11.24 -24.34
N GLU H 93 22.33 0.26 -29.63
CA GLU H 93 21.22 1.18 -29.79
C GLU H 93 20.24 0.71 -30.87
N LEU H 94 20.03 -0.59 -30.93
CA LEU H 94 19.12 -1.21 -31.89
C LEU H 94 18.72 -2.62 -31.44
N VAL H 95 18.41 -3.49 -32.39
CA VAL H 95 17.98 -4.86 -32.08
C VAL H 95 19.04 -5.62 -31.31
N GLU H 96 19.59 -6.66 -31.92
CA GLU H 96 20.70 -7.41 -31.36
C GLU H 96 20.35 -8.15 -30.08
N LYS H 97 20.39 -7.41 -28.97
CA LYS H 97 20.31 -7.98 -27.62
C LYS H 97 19.44 -9.24 -27.50
N ASN H 98 18.23 -9.18 -28.02
CA ASN H 98 17.27 -10.27 -27.83
C ASN H 98 17.53 -11.54 -28.65
N LEU H 99 18.27 -11.41 -29.74
CA LEU H 99 18.52 -12.50 -30.65
C LEU H 99 19.08 -13.70 -29.95
N LYS H 100 19.85 -13.42 -28.92
CA LYS H 100 20.53 -14.44 -28.16
C LYS H 100 19.59 -15.14 -27.22
N ILE H 101 18.97 -14.37 -26.34
CA ILE H 101 18.04 -14.88 -25.35
C ILE H 101 17.00 -15.83 -25.91
N PHE H 102 16.65 -15.63 -27.18
CA PHE H 102 15.74 -16.52 -27.88
C PHE H 102 16.43 -17.85 -28.19
N LYS H 103 17.67 -17.78 -28.66
CA LYS H 103 18.45 -18.98 -28.93
C LYS H 103 18.55 -19.84 -27.67
N GLY H 104 18.60 -19.19 -26.52
CA GLY H 104 18.67 -19.89 -25.25
C GLY H 104 17.34 -20.47 -24.80
N ILE H 105 16.30 -19.63 -24.78
CA ILE H 105 14.96 -20.09 -24.44
C ILE H 105 14.51 -21.17 -25.40
N VAL H 106 14.51 -20.85 -26.69
CA VAL H 106 14.10 -21.79 -27.72
C VAL H 106 14.78 -23.15 -27.53
N SER H 107 16.05 -23.11 -27.16
CA SER H 107 16.80 -24.34 -26.91
C SER H 107 16.42 -24.95 -25.55
N GLU H 108 16.28 -24.10 -24.54
CA GLU H 108 15.79 -24.55 -23.24
C GLU H 108 14.44 -25.24 -23.38
N VAL H 109 13.54 -24.63 -24.14
CA VAL H 109 12.20 -25.18 -24.31
C VAL H 109 12.22 -26.49 -25.10
N MET H 110 13.04 -26.56 -26.14
CA MET H 110 13.13 -27.80 -26.90
C MET H 110 13.81 -28.88 -26.04
N ALA H 111 14.43 -28.46 -24.94
CA ALA H 111 15.08 -29.37 -24.00
C ALA H 111 14.10 -30.06 -23.06
N SER H 112 12.90 -29.51 -22.94
CA SER H 112 11.83 -30.16 -22.19
C SER H 112 11.16 -31.22 -23.06
N GLY H 113 11.34 -31.10 -24.37
CA GLY H 113 10.73 -32.01 -25.32
C GLY H 113 9.48 -31.44 -25.98
N PHE H 114 9.44 -30.11 -26.07
CA PHE H 114 8.32 -29.42 -26.70
C PHE H 114 8.28 -29.71 -28.20
N ASP H 115 7.07 -29.94 -28.72
CA ASP H 115 6.91 -30.33 -30.11
C ASP H 115 5.88 -29.45 -30.83
N GLY H 116 5.10 -28.71 -30.06
CA GLY H 116 4.02 -27.91 -30.61
C GLY H 116 4.45 -26.62 -31.30
N ILE H 117 3.53 -25.65 -31.30
CA ILE H 117 3.68 -24.41 -32.05
C ILE H 117 4.35 -23.29 -31.25
N PHE H 118 5.03 -22.39 -31.94
CA PHE H 118 5.74 -21.29 -31.30
C PHE H 118 5.08 -19.95 -31.58
N LEU H 119 4.58 -19.31 -30.53
CA LEU H 119 3.99 -18.00 -30.67
C LEU H 119 4.99 -16.93 -30.26
N VAL H 120 5.47 -16.16 -31.24
CA VAL H 120 6.53 -15.20 -30.98
C VAL H 120 5.97 -13.79 -30.86
N ALA H 121 6.04 -13.23 -29.66
CA ALA H 121 5.52 -11.88 -29.45
C ALA H 121 6.58 -10.79 -29.60
N THR H 122 7.76 -11.02 -29.03
CA THR H 122 8.81 -9.99 -28.92
C THR H 122 9.04 -9.19 -30.20
N ASN H 123 9.29 -7.89 -30.05
CA ASN H 123 9.62 -7.03 -31.19
C ASN H 123 11.13 -6.86 -31.38
N PRO H 124 11.58 -6.72 -32.64
CA PRO H 124 10.80 -6.83 -33.88
C PRO H 124 10.51 -8.29 -34.24
N VAL H 125 9.23 -8.64 -34.25
CA VAL H 125 8.78 -10.03 -34.26
C VAL H 125 9.20 -10.83 -35.49
N ASP H 126 9.27 -10.17 -36.64
CA ASP H 126 9.63 -10.85 -37.89
C ASP H 126 10.96 -11.59 -37.78
N ILE H 127 11.99 -10.90 -37.29
CA ILE H 127 13.30 -11.49 -37.16
C ILE H 127 13.29 -12.66 -36.18
N LEU H 128 12.82 -12.40 -34.96
CA LEU H 128 12.78 -13.40 -33.91
C LEU H 128 11.97 -14.64 -34.30
N THR H 129 10.96 -14.45 -35.11
CA THR H 129 10.14 -15.57 -35.59
C THR H 129 10.86 -16.33 -36.70
N TYR H 130 11.61 -15.60 -37.51
CA TYR H 130 12.50 -16.21 -38.49
C TYR H 130 13.59 -16.98 -37.74
N ALA H 131 14.08 -16.37 -36.66
CA ALA H 131 15.12 -16.96 -35.84
C ALA H 131 14.63 -18.20 -35.11
N THR H 132 13.44 -18.10 -34.53
CA THR H 132 12.88 -19.22 -33.77
C THR H 132 12.87 -20.48 -34.62
N TRP H 133 12.49 -20.29 -35.89
CA TRP H 133 12.49 -21.37 -36.87
C TRP H 133 13.85 -22.07 -36.94
N LYS H 134 14.90 -21.29 -37.11
CA LYS H 134 16.27 -21.83 -37.20
C LYS H 134 16.80 -22.20 -35.82
N PHE H 135 16.34 -21.49 -34.79
CA PHE H 135 16.82 -21.74 -33.43
C PHE H 135 16.27 -23.04 -32.83
N SER H 136 15.13 -23.49 -33.32
CA SER H 136 14.54 -24.73 -32.81
C SER H 136 14.61 -25.87 -33.82
N GLY H 137 14.59 -25.50 -35.10
CA GLY H 137 14.58 -26.49 -36.16
C GLY H 137 13.22 -27.13 -36.38
N LEU H 138 12.19 -26.57 -35.74
CA LEU H 138 10.82 -26.99 -36.01
C LEU H 138 10.45 -26.52 -37.41
N PRO H 139 9.54 -27.24 -38.07
CA PRO H 139 9.05 -26.78 -39.37
C PRO H 139 8.56 -25.32 -39.37
N LYS H 140 8.84 -24.63 -40.47
CA LYS H 140 8.39 -23.26 -40.67
C LYS H 140 6.92 -23.08 -40.28
N GLU H 141 6.07 -23.96 -40.79
CA GLU H 141 4.63 -23.91 -40.57
C GLU H 141 4.26 -24.01 -39.09
N ARG H 142 5.17 -24.57 -38.29
CA ARG H 142 4.93 -24.74 -36.86
C ARG H 142 5.67 -23.68 -36.04
N VAL H 143 6.03 -22.60 -36.71
CA VAL H 143 6.54 -21.41 -36.04
C VAL H 143 5.77 -20.23 -36.62
N ILE H 144 4.95 -19.59 -35.79
CA ILE H 144 4.14 -18.47 -36.23
C ILE H 144 4.33 -17.29 -35.29
N GLY H 145 4.58 -16.11 -35.85
CA GLY H 145 4.77 -14.91 -35.05
C GLY H 145 3.62 -13.94 -35.17
N SER H 146 3.41 -13.10 -34.14
CA SER H 146 2.25 -12.19 -34.14
C SER H 146 2.16 -11.44 -35.46
N GLY H 147 3.31 -10.96 -35.96
CA GLY H 147 3.38 -10.30 -37.25
C GLY H 147 2.64 -8.97 -37.33
N THR H 148 1.92 -8.77 -38.43
CA THR H 148 1.10 -7.57 -38.58
C THR H 148 -0.37 -7.82 -38.19
N THR H 149 -0.63 -8.91 -37.46
CA THR H 149 -1.99 -9.20 -37.02
C THR H 149 -2.57 -7.99 -36.30
N LEU H 150 -1.80 -7.43 -35.39
CA LEU H 150 -2.17 -6.21 -34.67
C LEU H 150 -2.43 -5.02 -35.63
N ASP H 151 -1.56 -4.86 -36.62
CA ASP H 151 -1.68 -3.79 -37.61
C ASP H 151 -3.02 -3.83 -38.33
N SER H 152 -3.32 -5.01 -38.85
CA SER H 152 -4.58 -5.24 -39.56
C SER H 152 -5.77 -4.85 -38.68
N ALA H 153 -5.68 -5.20 -37.40
CA ALA H 153 -6.74 -4.89 -36.43
C ALA H 153 -6.97 -3.38 -36.31
N ARG H 154 -5.88 -2.65 -36.08
CA ARG H 154 -5.93 -1.20 -36.00
C ARG H 154 -6.60 -0.60 -37.24
N PHE H 155 -6.16 -1.08 -38.41
CA PHE H 155 -6.61 -0.56 -39.69
C PHE H 155 -8.13 -0.73 -39.79
N ARG H 156 -8.59 -1.94 -39.48
CA ARG H 156 -10.01 -2.24 -39.50
C ARG H 156 -10.80 -1.37 -38.53
N PHE H 157 -10.17 -0.96 -37.44
CA PHE H 157 -10.84 -0.14 -36.45
C PHE H 157 -11.23 1.25 -36.95
N MET H 158 -10.27 1.99 -37.51
CA MET H 158 -10.51 3.38 -37.91
C MET H 158 -11.34 3.45 -39.19
N LEU H 159 -11.10 2.52 -40.11
CA LEU H 159 -11.94 2.39 -41.29
C LEU H 159 -13.36 2.15 -40.81
N SER H 160 -13.45 1.27 -39.82
CA SER H 160 -14.70 1.01 -39.13
C SER H 160 -15.33 2.34 -38.76
N GLU H 161 -14.56 3.15 -38.02
CA GLU H 161 -15.01 4.45 -37.54
C GLU H 161 -15.45 5.35 -38.68
N TYR H 162 -14.71 5.30 -39.79
CA TYR H 162 -15.01 6.14 -40.93
C TYR H 162 -16.32 5.73 -41.60
N PHE H 163 -16.45 4.44 -41.92
CA PHE H 163 -17.52 4.00 -42.80
C PHE H 163 -18.82 3.54 -42.12
N GLY H 164 -18.86 3.61 -40.79
CA GLY H 164 -20.06 3.26 -40.05
C GLY H 164 -20.44 1.79 -40.06
N ALA H 165 -19.44 0.92 -40.09
CA ALA H 165 -19.69 -0.51 -40.09
C ALA H 165 -18.78 -1.19 -39.09
N ALA H 166 -19.28 -2.24 -38.44
CA ALA H 166 -18.45 -3.00 -37.51
C ALA H 166 -17.08 -3.27 -38.13
N PRO H 167 -16.09 -3.63 -37.31
CA PRO H 167 -14.82 -4.09 -37.86
C PRO H 167 -14.90 -5.55 -38.27
N GLN H 168 -16.01 -6.19 -37.94
CA GLN H 168 -16.25 -7.56 -38.39
C GLN H 168 -16.61 -7.59 -39.87
N ASN H 169 -17.09 -6.47 -40.41
CA ASN H 169 -17.48 -6.40 -41.81
C ASN H 169 -16.52 -5.59 -42.66
N VAL H 170 -15.54 -4.97 -42.01
CA VAL H 170 -14.45 -4.30 -42.70
C VAL H 170 -13.40 -5.34 -43.00
N HIS H 171 -12.98 -5.43 -44.26
CA HIS H 171 -11.98 -6.43 -44.63
C HIS H 171 -10.81 -5.80 -45.37
N ALA H 172 -9.66 -5.87 -44.72
CA ALA H 172 -8.48 -5.11 -45.11
C ALA H 172 -7.26 -5.65 -44.38
N HIS H 173 -6.13 -5.73 -45.08
CA HIS H 173 -4.92 -6.25 -44.48
C HIS H 173 -3.78 -5.26 -44.52
N ILE H 174 -2.95 -5.30 -43.49
CA ILE H 174 -1.66 -4.64 -43.52
C ILE H 174 -0.65 -5.76 -43.65
N ILE H 175 0.22 -5.67 -44.65
CA ILE H 175 1.26 -6.67 -44.83
C ILE H 175 2.63 -6.01 -44.93
N GLY H 176 3.68 -6.78 -44.69
CA GLY H 176 5.02 -6.26 -44.65
C GLY H 176 5.65 -6.42 -43.28
N GLU H 177 6.78 -5.75 -43.08
CA GLU H 177 7.41 -5.66 -41.77
C GLU H 177 6.41 -5.09 -40.78
N HIS H 178 6.34 -5.66 -39.58
CA HIS H 178 5.46 -5.11 -38.55
C HIS H 178 6.02 -3.77 -38.08
N GLY H 179 6.19 -2.88 -39.04
CA GLY H 179 6.72 -1.55 -38.79
C GLY H 179 6.63 -0.68 -40.02
N ASP H 180 7.58 0.23 -40.14
CA ASP H 180 7.54 1.32 -41.11
C ASP H 180 7.35 0.92 -42.59
N THR H 181 7.62 -0.35 -42.94
CA THR H 181 7.41 -0.83 -44.32
C THR H 181 6.15 -1.69 -44.56
N GLU H 182 5.24 -1.74 -43.59
CA GLU H 182 3.99 -2.50 -43.77
C GLU H 182 3.06 -1.78 -44.75
N LEU H 183 2.25 -2.53 -45.48
CA LEU H 183 1.46 -1.94 -46.57
C LEU H 183 -0.01 -2.34 -46.61
N PRO H 184 -0.89 -1.34 -46.84
CA PRO H 184 -2.33 -1.56 -47.04
C PRO H 184 -2.61 -2.13 -48.44
N VAL H 185 -3.43 -3.17 -48.49
CA VAL H 185 -3.80 -3.78 -49.76
C VAL H 185 -5.12 -3.21 -50.27
N TRP H 186 -5.13 -1.92 -50.58
CA TRP H 186 -6.31 -1.23 -51.12
C TRP H 186 -7.00 -2.02 -52.23
N SER H 187 -6.21 -2.75 -53.01
CA SER H 187 -6.71 -3.53 -54.14
C SER H 187 -7.80 -4.52 -53.74
N HIS H 188 -7.63 -5.14 -52.58
CA HIS H 188 -8.57 -6.15 -52.10
C HIS H 188 -9.42 -5.62 -50.94
N ALA H 189 -9.32 -4.32 -50.66
CA ALA H 189 -10.03 -3.72 -49.54
C ALA H 189 -11.51 -3.51 -49.81
N ASN H 190 -12.35 -4.26 -49.11
CA ASN H 190 -13.80 -4.11 -49.24
C ASN H 190 -14.53 -3.99 -47.91
N VAL H 191 -15.64 -3.24 -47.91
CA VAL H 191 -16.49 -3.10 -46.75
C VAL H 191 -17.87 -3.64 -47.06
N GLY H 192 -18.26 -4.71 -46.37
CA GLY H 192 -19.52 -5.38 -46.66
C GLY H 192 -19.56 -5.91 -48.09
N GLY H 193 -18.39 -6.01 -48.70
CA GLY H 193 -18.30 -6.45 -50.09
C GLY H 193 -17.83 -5.37 -51.05
N VAL H 194 -18.31 -4.14 -50.87
CA VAL H 194 -17.97 -3.04 -51.78
C VAL H 194 -16.55 -2.50 -51.57
N PRO H 195 -15.87 -2.17 -52.68
CA PRO H 195 -14.51 -1.63 -52.62
C PRO H 195 -14.50 -0.20 -52.09
N VAL H 196 -13.40 0.19 -51.46
CA VAL H 196 -13.27 1.51 -50.88
C VAL H 196 -13.31 2.57 -51.98
N SER H 197 -12.56 2.32 -53.05
CA SER H 197 -12.56 3.21 -54.20
C SER H 197 -13.99 3.53 -54.61
N GLU H 198 -14.86 2.53 -54.65
CA GLU H 198 -16.26 2.78 -54.97
C GLU H 198 -16.90 3.73 -53.95
N LEU H 199 -16.59 3.53 -52.68
CA LEU H 199 -17.10 4.37 -51.62
C LEU H 199 -16.50 5.78 -51.67
N VAL H 200 -15.17 5.84 -51.73
CA VAL H 200 -14.44 7.11 -51.69
C VAL H 200 -14.42 7.77 -53.05
N GLU H 201 -15.27 7.30 -53.95
CA GLU H 201 -15.39 7.86 -55.29
C GLU H 201 -16.86 8.02 -55.67
N LYS H 202 -17.72 7.22 -55.07
CA LYS H 202 -19.16 7.36 -55.26
C LYS H 202 -19.79 8.24 -54.18
N ASN H 203 -18.94 8.66 -53.23
CA ASN H 203 -19.35 9.59 -52.19
C ASN H 203 -18.11 10.40 -51.78
N ASP H 204 -18.04 11.64 -52.23
CA ASP H 204 -16.86 12.46 -51.97
C ASP H 204 -16.70 12.72 -50.48
N ALA H 205 -17.74 12.41 -49.71
CA ALA H 205 -17.74 12.60 -48.28
C ALA H 205 -16.64 11.80 -47.57
N TYR H 206 -16.01 10.88 -48.30
CA TYR H 206 -15.02 9.97 -47.71
C TYR H 206 -13.58 10.18 -48.21
N LYS H 207 -13.41 11.07 -49.20
CA LYS H 207 -12.17 11.17 -49.98
C LYS H 207 -10.82 10.71 -49.38
N GLN H 208 -9.88 10.46 -50.29
CA GLN H 208 -8.60 9.80 -50.04
C GLN H 208 -7.71 10.35 -48.93
N GLU H 209 -7.35 11.62 -49.03
CA GLU H 209 -6.37 12.23 -48.13
C GLU H 209 -6.55 11.78 -46.67
N GLU H 210 -7.81 11.65 -46.27
CA GLU H 210 -8.13 11.22 -44.91
C GLU H 210 -7.85 9.73 -44.72
N LEU H 211 -8.28 8.92 -45.69
CA LEU H 211 -7.91 7.51 -45.70
C LEU H 211 -6.41 7.37 -45.48
N ASP H 212 -5.62 8.04 -46.31
CA ASP H 212 -4.17 7.95 -46.23
C ASP H 212 -3.66 8.41 -44.86
N GLN H 213 -4.39 9.33 -44.23
CA GLN H 213 -4.09 9.71 -42.84
C GLN H 213 -4.29 8.52 -41.90
N ILE H 214 -5.11 7.55 -42.30
CA ILE H 214 -5.24 6.30 -41.53
C ILE H 214 -4.01 5.40 -41.70
N VAL H 215 -3.73 5.00 -42.94
CA VAL H 215 -2.64 4.08 -43.23
C VAL H 215 -1.36 4.52 -42.55
N ASP H 216 -1.23 5.83 -42.37
CA ASP H 216 -0.10 6.41 -41.67
C ASP H 216 -0.24 6.17 -40.17
N ASP H 217 -1.40 6.56 -39.62
CA ASP H 217 -1.70 6.34 -38.21
C ASP H 217 -1.40 4.90 -37.81
N VAL H 218 -1.72 3.96 -38.71
CA VAL H 218 -1.50 2.53 -38.46
C VAL H 218 -0.03 2.20 -38.21
N LYS H 219 0.86 2.82 -38.97
CA LYS H 219 2.29 2.58 -38.80
C LYS H 219 2.76 3.14 -37.46
N ASN H 220 2.54 4.44 -37.26
CA ASN H 220 2.95 5.09 -36.03
C ASN H 220 1.96 4.91 -34.89
N ALA H 221 1.34 3.73 -34.82
CA ALA H 221 0.30 3.47 -33.83
C ALA H 221 0.88 3.22 -32.43
N ALA H 222 1.80 2.26 -32.33
CA ALA H 222 2.45 1.96 -31.07
C ALA H 222 3.20 3.18 -30.53
N TYR H 223 3.57 4.09 -31.43
CA TYR H 223 4.28 5.30 -31.03
C TYR H 223 3.38 6.32 -30.34
N HIS H 224 2.20 6.55 -30.89
CA HIS H 224 1.26 7.51 -30.31
C HIS H 224 0.78 7.06 -28.93
N ILE H 225 0.75 5.74 -28.72
CA ILE H 225 0.30 5.15 -27.46
C ILE H 225 1.37 5.17 -26.38
N ILE H 226 2.58 4.72 -26.75
CA ILE H 226 3.70 4.69 -25.81
C ILE H 226 3.90 6.05 -25.16
N GLU H 227 3.80 7.11 -25.96
CA GLU H 227 3.97 8.47 -25.46
C GLU H 227 2.98 8.75 -24.36
N LYS H 228 1.74 8.32 -24.57
CA LYS H 228 0.63 8.64 -23.67
C LYS H 228 0.57 7.82 -22.38
N LYS H 229 0.92 6.54 -22.44
CA LYS H 229 0.71 5.66 -21.28
C LYS H 229 1.93 4.83 -20.88
N GLY H 230 3.05 5.01 -21.59
CA GLY H 230 4.30 4.38 -21.20
C GLY H 230 4.55 2.98 -21.71
N ALA H 231 3.54 2.35 -22.32
CA ALA H 231 3.71 1.03 -22.93
C ALA H 231 2.46 0.58 -23.70
N THR H 232 2.55 -0.60 -24.32
CA THR H 232 1.48 -1.13 -25.16
C THR H 232 1.35 -2.63 -24.98
N TYR H 233 0.12 -3.12 -24.79
CA TYR H 233 -0.09 -4.55 -24.57
C TYR H 233 -1.50 -5.08 -24.84
N TYR H 234 -2.54 -4.29 -24.54
CA TYR H 234 -3.92 -4.77 -24.71
C TYR H 234 -4.25 -5.11 -26.18
N GLY H 235 -4.18 -4.12 -27.05
CA GLY H 235 -4.44 -4.33 -28.46
C GLY H 235 -3.60 -5.44 -29.07
N VAL H 236 -2.44 -5.69 -28.49
CA VAL H 236 -1.54 -6.70 -29.02
C VAL H 236 -1.87 -8.09 -28.48
N ALA H 237 -2.26 -8.16 -27.21
CA ALA H 237 -2.69 -9.42 -26.60
C ALA H 237 -4.03 -9.91 -27.16
N MET H 238 -4.88 -9.00 -27.62
CA MET H 238 -6.07 -9.43 -28.33
C MET H 238 -5.68 -10.15 -29.62
N SER H 239 -4.52 -9.79 -30.18
CA SER H 239 -4.01 -10.46 -31.36
C SER H 239 -3.52 -11.88 -31.09
N LEU H 240 -2.67 -12.06 -30.07
CA LEU H 240 -2.13 -13.39 -29.75
C LEU H 240 -3.23 -14.37 -29.34
N ALA H 241 -4.20 -13.86 -28.58
CA ALA H 241 -5.37 -14.64 -28.23
C ALA H 241 -6.06 -15.12 -29.51
N ARG H 242 -6.27 -14.21 -30.46
CA ARG H 242 -6.92 -14.60 -31.71
C ARG H 242 -6.13 -15.71 -32.40
N ILE H 243 -4.81 -15.67 -32.29
CA ILE H 243 -3.94 -16.66 -32.91
C ILE H 243 -3.97 -18.00 -32.16
N THR H 244 -3.75 -17.95 -30.85
CA THR H 244 -3.79 -19.13 -30.00
C THR H 244 -5.16 -19.80 -30.07
N LYS H 245 -6.19 -18.99 -30.30
CA LYS H 245 -7.53 -19.51 -30.43
C LYS H 245 -7.67 -20.22 -31.77
N ALA H 246 -7.15 -19.59 -32.82
CA ALA H 246 -7.20 -20.18 -34.16
C ALA H 246 -6.44 -21.50 -34.20
N ILE H 247 -5.31 -21.57 -33.50
CA ILE H 247 -4.56 -22.83 -33.42
C ILE H 247 -5.31 -23.92 -32.67
N LEU H 248 -5.49 -23.72 -31.38
CA LEU H 248 -6.01 -24.74 -30.47
C LEU H 248 -7.35 -25.36 -30.88
N HIS H 249 -8.15 -24.61 -31.62
CA HIS H 249 -9.48 -25.06 -32.02
C HIS H 249 -9.59 -25.43 -33.51
N ASN H 250 -8.47 -25.39 -34.22
CA ASN H 250 -8.40 -25.85 -35.61
C ASN H 250 -9.31 -25.06 -36.55
N GLU H 251 -9.19 -23.74 -36.49
CA GLU H 251 -10.12 -22.81 -37.14
C GLU H 251 -9.89 -22.60 -38.65
N ASN H 252 -8.66 -22.78 -39.11
CA ASN H 252 -8.29 -22.39 -40.47
C ASN H 252 -8.60 -20.91 -40.72
N SER H 253 -8.26 -20.08 -39.73
CA SER H 253 -8.47 -18.63 -39.80
C SER H 253 -7.41 -17.97 -40.67
N ILE H 254 -7.80 -16.89 -41.34
CA ILE H 254 -6.86 -16.14 -42.15
C ILE H 254 -6.39 -14.85 -41.49
N LEU H 255 -5.15 -14.86 -41.03
CA LEU H 255 -4.56 -13.73 -40.33
C LEU H 255 -3.20 -13.32 -40.91
N THR H 256 -3.02 -12.02 -41.10
CA THR H 256 -1.76 -11.49 -41.58
C THR H 256 -0.64 -11.71 -40.54
N VAL H 257 -0.45 -12.97 -40.17
CA VAL H 257 0.62 -13.34 -39.24
C VAL H 257 1.99 -13.29 -39.92
N SER H 258 3.03 -13.15 -39.10
CA SER H 258 4.41 -13.20 -39.58
C SER H 258 4.81 -14.64 -39.88
N THR H 259 5.00 -14.94 -41.16
CA THR H 259 5.27 -16.32 -41.56
C THR H 259 6.29 -16.43 -42.70
N TYR H 260 6.82 -17.64 -42.88
CA TYR H 260 7.87 -17.90 -43.86
C TYR H 260 7.42 -17.71 -45.31
N LEU H 261 8.29 -17.10 -46.11
CA LEU H 261 8.01 -16.92 -47.53
C LEU H 261 8.89 -17.81 -48.42
N ASP H 262 8.27 -18.83 -48.99
CA ASP H 262 8.92 -19.79 -49.90
C ASP H 262 9.02 -19.21 -51.31
N GLY H 263 9.45 -17.96 -51.41
CA GLY H 263 9.52 -17.28 -52.69
C GLY H 263 8.24 -16.59 -53.14
N GLN H 264 7.11 -16.93 -52.52
CA GLN H 264 5.82 -16.38 -52.95
C GLN H 264 5.76 -14.87 -52.81
N TYR H 265 4.86 -14.23 -53.56
CA TYR H 265 4.71 -12.77 -53.56
C TYR H 265 5.88 -12.03 -54.22
N GLY H 266 6.99 -12.74 -54.43
CA GLY H 266 8.18 -12.13 -55.02
C GLY H 266 9.33 -11.96 -54.05
N ALA H 267 9.43 -12.85 -53.06
CA ALA H 267 10.51 -12.80 -52.09
C ALA H 267 10.66 -14.14 -51.37
N ASP H 268 11.89 -14.48 -51.01
CA ASP H 268 12.21 -15.82 -50.53
C ASP H 268 12.85 -15.85 -49.14
N ASP H 269 12.79 -17.01 -48.50
CA ASP H 269 13.39 -17.23 -47.17
C ASP H 269 13.31 -16.00 -46.27
N VAL H 270 12.11 -15.70 -45.78
CA VAL H 270 11.89 -14.52 -44.95
C VAL H 270 10.58 -14.65 -44.18
N TYR H 271 10.63 -14.33 -42.89
CA TYR H 271 9.42 -14.34 -42.07
C TYR H 271 8.76 -12.97 -42.02
N ILE H 272 7.69 -12.83 -42.80
CA ILE H 272 6.99 -11.56 -42.93
C ILE H 272 5.47 -11.79 -42.90
N GLY H 273 4.73 -10.74 -42.54
CA GLY H 273 3.29 -10.85 -42.36
C GLY H 273 2.49 -11.08 -43.62
N VAL H 274 2.00 -12.31 -43.80
CA VAL H 274 1.10 -12.61 -44.90
C VAL H 274 -0.17 -13.30 -44.42
N PRO H 275 -1.31 -12.90 -44.96
CA PRO H 275 -2.53 -13.68 -44.78
C PRO H 275 -2.15 -15.16 -44.81
N ALA H 276 -2.72 -15.96 -43.92
CA ALA H 276 -2.31 -17.35 -43.79
C ALA H 276 -3.42 -18.21 -43.23
N VAL H 277 -3.69 -19.33 -43.90
CA VAL H 277 -4.61 -20.34 -43.39
C VAL H 277 -4.01 -20.98 -42.15
N VAL H 278 -4.37 -20.44 -41.00
CA VAL H 278 -3.84 -20.85 -39.70
C VAL H 278 -4.76 -21.82 -38.98
N ASN H 279 -4.26 -23.02 -38.68
CA ASN H 279 -5.05 -24.01 -37.95
C ASN H 279 -4.27 -24.79 -36.90
N ARG H 280 -4.74 -25.99 -36.57
CA ARG H 280 -4.18 -26.77 -35.45
C ARG H 280 -2.75 -27.27 -35.68
N GLY H 281 -2.42 -27.58 -36.93
CA GLY H 281 -1.09 -28.03 -37.28
C GLY H 281 -0.09 -26.90 -37.40
N GLY H 282 -0.60 -25.67 -37.44
CA GLY H 282 0.23 -24.50 -37.62
C GLY H 282 -0.21 -23.73 -38.85
N ILE H 283 0.75 -23.29 -39.65
CA ILE H 283 0.42 -22.67 -40.94
C ILE H 283 0.23 -23.77 -41.98
N ALA H 284 -1.00 -23.96 -42.42
CA ALA H 284 -1.31 -25.02 -43.38
C ALA H 284 -1.63 -24.43 -44.75
N GLY H 285 -1.43 -23.13 -44.89
CA GLY H 285 -1.73 -22.45 -46.14
C GLY H 285 -1.49 -20.96 -46.10
N ILE H 286 -1.17 -20.41 -47.27
CA ILE H 286 -0.89 -19.00 -47.41
C ILE H 286 -1.77 -18.42 -48.50
N THR H 287 -2.64 -17.49 -48.13
CA THR H 287 -3.49 -16.81 -49.09
C THR H 287 -2.64 -15.88 -49.95
N GLU H 288 -2.65 -16.09 -51.27
CA GLU H 288 -1.88 -15.21 -52.16
C GLU H 288 -2.76 -14.23 -52.92
N LEU H 289 -2.59 -12.94 -52.60
CA LEU H 289 -3.42 -11.89 -53.19
C LEU H 289 -2.88 -11.41 -54.54
N ASN H 290 -3.73 -10.75 -55.30
CA ASN H 290 -3.35 -10.12 -56.56
C ASN H 290 -2.81 -8.72 -56.28
N LEU H 291 -1.57 -8.63 -55.80
CA LEU H 291 -1.00 -7.34 -55.47
C LEU H 291 -0.96 -6.46 -56.71
N ASN H 292 -1.68 -5.34 -56.68
CA ASN H 292 -1.63 -4.42 -57.80
C ASN H 292 -0.21 -3.88 -57.94
N GLU H 293 0.05 -3.18 -59.05
CA GLU H 293 1.38 -2.67 -59.33
C GLU H 293 1.98 -1.96 -58.12
N LYS H 294 1.33 -0.89 -57.68
CA LYS H 294 1.82 -0.12 -56.54
C LYS H 294 2.08 -0.99 -55.30
N GLU H 295 1.30 -2.06 -55.13
CA GLU H 295 1.44 -2.96 -53.98
C GLU H 295 2.65 -3.90 -54.08
N LYS H 296 3.01 -4.29 -55.30
CA LYS H 296 4.21 -5.09 -55.52
C LYS H 296 5.46 -4.29 -55.16
N GLU H 297 5.40 -2.98 -55.33
CA GLU H 297 6.55 -2.13 -55.03
C GLU H 297 6.71 -1.92 -53.52
N GLN H 298 5.66 -1.43 -52.88
CA GLN H 298 5.69 -1.18 -51.44
C GLN H 298 6.15 -2.44 -50.71
N PHE H 299 5.72 -3.59 -51.23
CA PHE H 299 6.00 -4.89 -50.64
C PHE H 299 7.48 -5.26 -50.75
N LEU H 300 7.95 -5.43 -51.97
CA LEU H 300 9.33 -5.88 -52.19
C LEU H 300 10.32 -5.06 -51.37
N HIS H 301 10.14 -3.74 -51.39
CA HIS H 301 10.88 -2.85 -50.52
C HIS H 301 10.95 -3.46 -49.13
N SER H 302 9.77 -3.76 -48.57
CA SER H 302 9.66 -4.32 -47.22
C SER H 302 10.39 -5.65 -47.05
N ALA H 303 10.01 -6.66 -47.83
CA ALA H 303 10.63 -7.98 -47.69
C ALA H 303 12.14 -7.84 -47.71
N GLY H 304 12.62 -7.00 -48.62
CA GLY H 304 14.05 -6.74 -48.78
C GLY H 304 14.70 -5.95 -47.67
N VAL H 305 13.93 -5.08 -47.02
CA VAL H 305 14.44 -4.38 -45.84
C VAL H 305 14.61 -5.38 -44.70
N LEU H 306 13.65 -6.30 -44.58
CA LEU H 306 13.73 -7.37 -43.60
C LEU H 306 15.05 -8.13 -43.74
N LYS H 307 15.19 -8.80 -44.87
CA LYS H 307 16.33 -9.68 -45.13
C LYS H 307 17.70 -9.01 -44.96
N ASN H 308 17.73 -7.68 -44.94
CA ASN H 308 18.97 -6.94 -44.72
C ASN H 308 19.55 -7.20 -43.33
N ILE H 309 18.69 -7.49 -42.37
CA ILE H 309 19.11 -7.80 -41.01
C ILE H 309 19.18 -9.31 -40.78
N LEU H 310 18.65 -10.07 -41.74
CA LEU H 310 18.72 -11.51 -41.71
C LEU H 310 20.05 -12.03 -42.24
N LYS H 311 20.73 -11.20 -43.04
CA LYS H 311 22.03 -11.58 -43.57
C LYS H 311 23.13 -11.47 -42.52
N PRO H 312 23.33 -10.25 -41.96
CA PRO H 312 24.35 -10.07 -40.91
C PRO H 312 24.11 -10.95 -39.68
N HIS H 313 23.29 -10.46 -38.74
CA HIS H 313 23.13 -11.10 -37.43
C HIS H 313 22.53 -12.52 -37.51
N PHE H 314 23.37 -13.48 -37.88
CA PHE H 314 23.00 -14.88 -37.86
C PHE H 314 24.24 -15.77 -37.78
#